data_2RAY
# 
_entry.id   2RAY 
# 
_audit_conform.dict_name       mmcif_pdbx.dic 
_audit_conform.dict_version    5.377 
_audit_conform.dict_location   http://mmcif.pdb.org/dictionaries/ascii/mmcif_pdbx.dic 
# 
loop_
_database_2.database_id 
_database_2.database_code 
_database_2.pdbx_database_accession 
_database_2.pdbx_DOI 
PDB   2RAY         pdb_00002ray 10.2210/pdb2ray/pdb 
RCSB  RCSB044640   ?            ?                   
WWPDB D_1000044640 ?            ?                   
# 
loop_
_pdbx_database_related.db_name 
_pdbx_database_related.db_id 
_pdbx_database_related.details 
_pdbx_database_related.content_type 
PDB 181L . unspecified 
PDB 1LGU . unspecified 
PDB 2RAZ . unspecified 
PDB 2RB0 . unspecified 
PDB 2RB1 . unspecified 
PDB 2RB2 . unspecified 
PDB 2RBN . unspecified 
PDB 2RBO . unspecified 
PDB 2RBP . unspecified 
PDB 2RBQ . unspecified 
PDB 2RBR . unspecified 
PDB 2RAS . unspecified 
# 
_pdbx_database_status.entry_id                        2RAY 
_pdbx_database_status.status_code                     REL 
_pdbx_database_status.status_code_sf                  REL 
_pdbx_database_status.deposit_site                    RCSB 
_pdbx_database_status.process_site                    RCSB 
_pdbx_database_status.recvd_initial_deposition_date   2007-09-17 
_pdbx_database_status.SG_entry                        N 
_pdbx_database_status.status_code_mr                  ? 
_pdbx_database_status.pdb_format_compatible           Y 
_pdbx_database_status.status_code_cs                  ? 
_pdbx_database_status.methods_development_category    ? 
_pdbx_database_status.status_code_nmr_data            ? 
# 
loop_
_audit_author.name 
_audit_author.pdbx_ordinal 
'Graves, A.P.'   1 
'Boyce, S.E.'    2 
'Shoichet, B.K.' 3 
# 
_citation.id                        primary 
_citation.title                     'Rescoring docking hit lists for model cavity sites: predictions and experimental testing.' 
_citation.journal_abbrev            J.Mol.Biol. 
_citation.journal_volume            377 
_citation.page_first                914 
_citation.page_last                 934 
_citation.year                      2008 
_citation.journal_id_ASTM           JMOBAK 
_citation.country                   UK 
_citation.journal_id_ISSN           0022-2836 
_citation.journal_id_CSD            0070 
_citation.book_publisher            ? 
_citation.pdbx_database_id_PubMed   18280498 
_citation.pdbx_database_id_DOI      10.1016/j.jmb.2008.01.049 
# 
loop_
_citation_author.citation_id 
_citation_author.name 
_citation_author.ordinal 
_citation_author.identifier_ORCID 
primary 'Graves, A.P.'     1 ? 
primary 'Shivakumar, D.M.' 2 ? 
primary 'Boyce, S.E.'      3 ? 
primary 'Jacobson, M.P.'   4 ? 
primary 'Case, D.A.'       5 ? 
primary 'Shoichet, B.K.'   6 ? 
# 
_cell.length_a           60.462 
_cell.length_b           60.462 
_cell.length_c           96.004 
_cell.angle_alpha        90.000 
_cell.angle_beta         90.000 
_cell.angle_gamma        120.000 
_cell.entry_id           2RAY 
_cell.Z_PDB              6 
_cell.pdbx_unique_axis   ? 
_cell.length_a_esd       ? 
_cell.length_b_esd       ? 
_cell.length_c_esd       ? 
_cell.angle_alpha_esd    ? 
_cell.angle_beta_esd     ? 
_cell.angle_gamma_esd    ? 
# 
_symmetry.space_group_name_H-M             'P 32 2 1' 
_symmetry.entry_id                         2RAY 
_symmetry.pdbx_full_space_group_name_H-M   ? 
_symmetry.Int_Tables_number                154 
_symmetry.cell_setting                     ? 
_symmetry.space_group_name_Hall            ? 
# 
loop_
_entity.id 
_entity.type 
_entity.src_method 
_entity.pdbx_description 
_entity.formula_weight 
_entity.pdbx_number_of_molecules 
_entity.pdbx_ec 
_entity.pdbx_mutation 
_entity.pdbx_fragment 
_entity.details 
1 polymer     man Lysozyme                  18359.023 1   3.2.1.17 L99A ? ? 
2 non-polymer syn 'PHOSPHATE ION'           94.971    1   ?        ?    ? ? 
3 non-polymer syn '(2-chloroethoxy)benzene' 156.609   1   ?        ?    ? ? 
4 water       nat water                     18.015    212 ?        ?    ? ? 
# 
_entity_name_com.entity_id   1 
_entity_name_com.name        'Lysis protein; Muramidase; Endolysin' 
# 
_entity_name_sys.entity_id   1 
_entity_name_sys.name        E.C.3.2.1.17 
# 
_entity_poly.entity_id                      1 
_entity_poly.type                           'polypeptide(L)' 
_entity_poly.nstd_linkage                   no 
_entity_poly.nstd_monomer                   no 
_entity_poly.pdbx_seq_one_letter_code       
;MNIFEMLRIDEGLRLKIYKDTEGYYTIGIGHLLTKSPSLNAAKSELDKAIGRNTNGVITKDEAEKLFNQDVDAAVRGILR
NAKLKPVYDSLDAVRRAAAINMVFQMGETGVAGFTNSLRMLQQKRWDEAAVNLAKSRWYNQTPNRAKRVITTFRTGTWDA
YK
;
_entity_poly.pdbx_seq_one_letter_code_can   
;MNIFEMLRIDEGLRLKIYKDTEGYYTIGIGHLLTKSPSLNAAKSELDKAIGRNTNGVITKDEAEKLFNQDVDAAVRGILR
NAKLKPVYDSLDAVRRAAAINMVFQMGETGVAGFTNSLRMLQQKRWDEAAVNLAKSRWYNQTPNRAKRVITTFRTGTWDA
YK
;
_entity_poly.pdbx_strand_id                 X 
_entity_poly.pdbx_target_identifier         ? 
# 
loop_
_entity_poly_seq.entity_id 
_entity_poly_seq.num 
_entity_poly_seq.mon_id 
_entity_poly_seq.hetero 
1 1   MET n 
1 2   ASN n 
1 3   ILE n 
1 4   PHE n 
1 5   GLU n 
1 6   MET n 
1 7   LEU n 
1 8   ARG n 
1 9   ILE n 
1 10  ASP n 
1 11  GLU n 
1 12  GLY n 
1 13  LEU n 
1 14  ARG n 
1 15  LEU n 
1 16  LYS n 
1 17  ILE n 
1 18  TYR n 
1 19  LYS n 
1 20  ASP n 
1 21  THR n 
1 22  GLU n 
1 23  GLY n 
1 24  TYR n 
1 25  TYR n 
1 26  THR n 
1 27  ILE n 
1 28  GLY n 
1 29  ILE n 
1 30  GLY n 
1 31  HIS n 
1 32  LEU n 
1 33  LEU n 
1 34  THR n 
1 35  LYS n 
1 36  SER n 
1 37  PRO n 
1 38  SER n 
1 39  LEU n 
1 40  ASN n 
1 41  ALA n 
1 42  ALA n 
1 43  LYS n 
1 44  SER n 
1 45  GLU n 
1 46  LEU n 
1 47  ASP n 
1 48  LYS n 
1 49  ALA n 
1 50  ILE n 
1 51  GLY n 
1 52  ARG n 
1 53  ASN n 
1 54  THR n 
1 55  ASN n 
1 56  GLY n 
1 57  VAL n 
1 58  ILE n 
1 59  THR n 
1 60  LYS n 
1 61  ASP n 
1 62  GLU n 
1 63  ALA n 
1 64  GLU n 
1 65  LYS n 
1 66  LEU n 
1 67  PHE n 
1 68  ASN n 
1 69  GLN n 
1 70  ASP n 
1 71  VAL n 
1 72  ASP n 
1 73  ALA n 
1 74  ALA n 
1 75  VAL n 
1 76  ARG n 
1 77  GLY n 
1 78  ILE n 
1 79  LEU n 
1 80  ARG n 
1 81  ASN n 
1 82  ALA n 
1 83  LYS n 
1 84  LEU n 
1 85  LYS n 
1 86  PRO n 
1 87  VAL n 
1 88  TYR n 
1 89  ASP n 
1 90  SER n 
1 91  LEU n 
1 92  ASP n 
1 93  ALA n 
1 94  VAL n 
1 95  ARG n 
1 96  ARG n 
1 97  ALA n 
1 98  ALA n 
1 99  ALA n 
1 100 ILE n 
1 101 ASN n 
1 102 MET n 
1 103 VAL n 
1 104 PHE n 
1 105 GLN n 
1 106 MET n 
1 107 GLY n 
1 108 GLU n 
1 109 THR n 
1 110 GLY n 
1 111 VAL n 
1 112 ALA n 
1 113 GLY n 
1 114 PHE n 
1 115 THR n 
1 116 ASN n 
1 117 SER n 
1 118 LEU n 
1 119 ARG n 
1 120 MET n 
1 121 LEU n 
1 122 GLN n 
1 123 GLN n 
1 124 LYS n 
1 125 ARG n 
1 126 TRP n 
1 127 ASP n 
1 128 GLU n 
1 129 ALA n 
1 130 ALA n 
1 131 VAL n 
1 132 ASN n 
1 133 LEU n 
1 134 ALA n 
1 135 LYS n 
1 136 SER n 
1 137 ARG n 
1 138 TRP n 
1 139 TYR n 
1 140 ASN n 
1 141 GLN n 
1 142 THR n 
1 143 PRO n 
1 144 ASN n 
1 145 ARG n 
1 146 ALA n 
1 147 LYS n 
1 148 ARG n 
1 149 VAL n 
1 150 ILE n 
1 151 THR n 
1 152 THR n 
1 153 PHE n 
1 154 ARG n 
1 155 THR n 
1 156 GLY n 
1 157 THR n 
1 158 TRP n 
1 159 ASP n 
1 160 ALA n 
1 161 TYR n 
1 162 LYS n 
# 
_entity_src_gen.entity_id                          1 
_entity_src_gen.pdbx_src_id                        1 
_entity_src_gen.pdbx_alt_source_flag               sample 
_entity_src_gen.pdbx_seq_type                      ? 
_entity_src_gen.pdbx_beg_seq_num                   ? 
_entity_src_gen.pdbx_end_seq_num                   ? 
_entity_src_gen.gene_src_common_name               ? 
_entity_src_gen.gene_src_genus                     'T4-like viruses' 
_entity_src_gen.pdbx_gene_src_gene                 E 
_entity_src_gen.gene_src_species                   'Enterobacteria phage T4 sensu lato' 
_entity_src_gen.gene_src_strain                    ? 
_entity_src_gen.gene_src_tissue                    ? 
_entity_src_gen.gene_src_tissue_fraction           ? 
_entity_src_gen.gene_src_details                   ? 
_entity_src_gen.pdbx_gene_src_fragment             ? 
_entity_src_gen.pdbx_gene_src_scientific_name      'Enterobacteria phage T4' 
_entity_src_gen.pdbx_gene_src_ncbi_taxonomy_id     10665 
_entity_src_gen.pdbx_gene_src_variant              ? 
_entity_src_gen.pdbx_gene_src_cell_line            ? 
_entity_src_gen.pdbx_gene_src_atcc                 ? 
_entity_src_gen.pdbx_gene_src_organ                ? 
_entity_src_gen.pdbx_gene_src_organelle            ? 
_entity_src_gen.pdbx_gene_src_cell                 ? 
_entity_src_gen.pdbx_gene_src_cellular_location    ? 
_entity_src_gen.host_org_common_name               ? 
_entity_src_gen.pdbx_host_org_scientific_name      'Escherichia coli' 
_entity_src_gen.pdbx_host_org_ncbi_taxonomy_id     562 
_entity_src_gen.host_org_genus                     Escherichia 
_entity_src_gen.pdbx_host_org_gene                 ? 
_entity_src_gen.pdbx_host_org_organ                ? 
_entity_src_gen.host_org_species                   ? 
_entity_src_gen.pdbx_host_org_tissue               ? 
_entity_src_gen.pdbx_host_org_tissue_fraction      ? 
_entity_src_gen.pdbx_host_org_strain               ? 
_entity_src_gen.pdbx_host_org_variant              ? 
_entity_src_gen.pdbx_host_org_cell_line            ? 
_entity_src_gen.pdbx_host_org_atcc                 ? 
_entity_src_gen.pdbx_host_org_culture_collection   ? 
_entity_src_gen.pdbx_host_org_cell                 ? 
_entity_src_gen.pdbx_host_org_organelle            ? 
_entity_src_gen.pdbx_host_org_cellular_location    ? 
_entity_src_gen.pdbx_host_org_vector_type          plasmid 
_entity_src_gen.pdbx_host_org_vector               ? 
_entity_src_gen.host_org_details                   ? 
_entity_src_gen.expression_system_id               ? 
_entity_src_gen.plasmid_name                       M13 
_entity_src_gen.plasmid_details                    ? 
_entity_src_gen.pdbx_description                   ? 
# 
_struct_ref.id                         1 
_struct_ref.entity_id                  1 
_struct_ref.db_name                    UNP 
_struct_ref.db_code                    LYS_BPT4 
_struct_ref.pdbx_db_accession          P00720 
_struct_ref.pdbx_align_begin           1 
_struct_ref.pdbx_seq_one_letter_code   
;MNIFEMLRIDEGLRLKIYKDTEGYYTIGIGHLLTKSPSLNAAKSELDKAIGRNCNGVITKDEAEKLFNQDVDAAVRGILR
NAKLKPVYDSLDAVRRCALINMVFQMGETGVAGFTNSLRMLQQKRWDEAAVNLAKSRWYNQTPNRAKRVITTFRTGTWDA
YK
;
_struct_ref.pdbx_db_isoform            ? 
# 
_struct_ref_seq.align_id                      1 
_struct_ref_seq.ref_id                        1 
_struct_ref_seq.pdbx_PDB_id_code              2RAY 
_struct_ref_seq.pdbx_strand_id                X 
_struct_ref_seq.seq_align_beg                 1 
_struct_ref_seq.pdbx_seq_align_beg_ins_code   ? 
_struct_ref_seq.seq_align_end                 162 
_struct_ref_seq.pdbx_seq_align_end_ins_code   ? 
_struct_ref_seq.pdbx_db_accession             P00720 
_struct_ref_seq.db_align_beg                  1 
_struct_ref_seq.pdbx_db_align_beg_ins_code    ? 
_struct_ref_seq.db_align_end                  162 
_struct_ref_seq.pdbx_db_align_end_ins_code    ? 
_struct_ref_seq.pdbx_auth_seq_align_beg       1 
_struct_ref_seq.pdbx_auth_seq_align_end       162 
# 
loop_
_struct_ref_seq_dif.align_id 
_struct_ref_seq_dif.pdbx_pdb_id_code 
_struct_ref_seq_dif.mon_id 
_struct_ref_seq_dif.pdbx_pdb_strand_id 
_struct_ref_seq_dif.seq_num 
_struct_ref_seq_dif.pdbx_pdb_ins_code 
_struct_ref_seq_dif.pdbx_seq_db_name 
_struct_ref_seq_dif.pdbx_seq_db_accession_code 
_struct_ref_seq_dif.db_mon_id 
_struct_ref_seq_dif.pdbx_seq_db_seq_num 
_struct_ref_seq_dif.details 
_struct_ref_seq_dif.pdbx_auth_seq_num 
_struct_ref_seq_dif.pdbx_ordinal 
1 2RAY THR X 54 ? UNP P00720 CYS 54 'engineered mutation' 54 1 
1 2RAY ALA X 97 ? UNP P00720 CYS 97 'engineered mutation' 97 2 
1 2RAY ALA X 99 ? UNP P00720 LEU 99 'engineered mutation' 99 3 
# 
loop_
_chem_comp.id 
_chem_comp.type 
_chem_comp.mon_nstd_flag 
_chem_comp.name 
_chem_comp.pdbx_synonyms 
_chem_comp.formula 
_chem_comp.formula_weight 
258 non-polymer         . '(2-chloroethoxy)benzene' ? 'C8 H9 Cl O'     156.609 
ALA 'L-peptide linking' y ALANINE                   ? 'C3 H7 N O2'     89.093  
ARG 'L-peptide linking' y ARGININE                  ? 'C6 H15 N4 O2 1' 175.209 
ASN 'L-peptide linking' y ASPARAGINE                ? 'C4 H8 N2 O3'    132.118 
ASP 'L-peptide linking' y 'ASPARTIC ACID'           ? 'C4 H7 N O4'     133.103 
CYS 'L-peptide linking' y CYSTEINE                  ? 'C3 H7 N O2 S'   121.158 
GLN 'L-peptide linking' y GLUTAMINE                 ? 'C5 H10 N2 O3'   146.144 
GLU 'L-peptide linking' y 'GLUTAMIC ACID'           ? 'C5 H9 N O4'     147.129 
GLY 'peptide linking'   y GLYCINE                   ? 'C2 H5 N O2'     75.067  
HIS 'L-peptide linking' y HISTIDINE                 ? 'C6 H10 N3 O2 1' 156.162 
HOH non-polymer         . WATER                     ? 'H2 O'           18.015  
ILE 'L-peptide linking' y ISOLEUCINE                ? 'C6 H13 N O2'    131.173 
LEU 'L-peptide linking' y LEUCINE                   ? 'C6 H13 N O2'    131.173 
LYS 'L-peptide linking' y LYSINE                    ? 'C6 H15 N2 O2 1' 147.195 
MET 'L-peptide linking' y METHIONINE                ? 'C5 H11 N O2 S'  149.211 
PHE 'L-peptide linking' y PHENYLALANINE             ? 'C9 H11 N O2'    165.189 
PO4 non-polymer         . 'PHOSPHATE ION'           ? 'O4 P -3'        94.971  
PRO 'L-peptide linking' y PROLINE                   ? 'C5 H9 N O2'     115.130 
SER 'L-peptide linking' y SERINE                    ? 'C3 H7 N O3'     105.093 
THR 'L-peptide linking' y THREONINE                 ? 'C4 H9 N O3'     119.119 
TRP 'L-peptide linking' y TRYPTOPHAN                ? 'C11 H12 N2 O2'  204.225 
TYR 'L-peptide linking' y TYROSINE                  ? 'C9 H11 N O3'    181.189 
VAL 'L-peptide linking' y VALINE                    ? 'C5 H11 N O2'    117.146 
# 
_exptl.crystals_number   1 
_exptl.entry_id          2RAY 
_exptl.method            'X-RAY DIFFRACTION' 
# 
_exptl_crystal.id                    1 
_exptl_crystal.density_meas          ? 
_exptl_crystal.density_Matthews      2.76 
_exptl_crystal.density_percent_sol   55.41 
_exptl_crystal.description           ? 
_exptl_crystal.F_000                 ? 
_exptl_crystal.preparation           ? 
# 
_exptl_crystal_grow.crystal_id      1 
_exptl_crystal_grow.method          'hanging drop' 
_exptl_crystal_grow.pH              7.1 
_exptl_crystal_grow.temp            277 
_exptl_crystal_grow.pdbx_details    
'2.2M sodium-potassium phosphate, 0.05M beta-mercaptoethanol, 0.05M 2-hydroxyethyldisulfide, pH 7.1, hanging drop, temperature 277K' 
_exptl_crystal_grow.temp_details    ? 
_exptl_crystal_grow.pdbx_pH_range   . 
# 
_diffrn.id                     1 
_diffrn.ambient_temp           110 
_diffrn.ambient_temp_details   ? 
_diffrn.crystal_id             1 
# 
_diffrn_detector.diffrn_id              1 
_diffrn_detector.detector               'IMAGE PLATE' 
_diffrn_detector.type                   'RIGAKU RAXIS IV' 
_diffrn_detector.pdbx_collection_date   2006-11-26 
_diffrn_detector.details                ? 
# 
_diffrn_radiation.diffrn_id                        1 
_diffrn_radiation.pdbx_diffrn_protocol             'SINGLE WAVELENGTH' 
_diffrn_radiation.monochromator                    ? 
_diffrn_radiation.wavelength_id                    1 
_diffrn_radiation.pdbx_monochromatic_or_laue_m_l   M 
_diffrn_radiation.pdbx_scattering_type             x-ray 
# 
_diffrn_radiation_wavelength.id           1 
_diffrn_radiation_wavelength.wavelength   1.5418 
_diffrn_radiation_wavelength.wt           1.0 
# 
_diffrn_source.diffrn_id                   1 
_diffrn_source.source                      'ROTATING ANODE' 
_diffrn_source.type                        'RIGAKU RU200' 
_diffrn_source.pdbx_wavelength_list        1.5418 
_diffrn_source.pdbx_wavelength             ? 
_diffrn_source.pdbx_synchrotron_site       ? 
_diffrn_source.pdbx_synchrotron_beamline   ? 
# 
_reflns.entry_id                     2RAY 
_reflns.observed_criterion_sigma_F   0.00 
_reflns.observed_criterion_sigma_I   0.00 
_reflns.d_resolution_high            1.798 
_reflns.d_resolution_low             52.34 
_reflns.number_all                   19492 
_reflns.number_obs                   19434 
_reflns.percent_possible_obs         99.7 
_reflns.pdbx_Rmerge_I_obs            ? 
_reflns.pdbx_Rsym_value              ? 
_reflns.pdbx_netI_over_sigmaI        ? 
_reflns.B_iso_Wilson_estimate        ? 
_reflns.pdbx_redundancy              ? 
_reflns.R_free_details               ? 
_reflns.limit_h_max                  ? 
_reflns.limit_h_min                  ? 
_reflns.limit_k_max                  ? 
_reflns.limit_k_min                  ? 
_reflns.limit_l_max                  ? 
_reflns.limit_l_min                  ? 
_reflns.observed_criterion_F_max     ? 
_reflns.observed_criterion_F_min     ? 
_reflns.pdbx_chi_squared             ? 
_reflns.pdbx_scaling_rejects         ? 
_reflns.pdbx_diffrn_id               1 
_reflns.pdbx_ordinal                 1 
# 
_reflns_shell.d_res_high             1.798 
_reflns_shell.d_res_low              1.84 
_reflns_shell.percent_possible_obs   ? 
_reflns_shell.percent_possible_all   98.9 
_reflns_shell.Rmerge_I_obs           ? 
_reflns_shell.meanI_over_sigI_obs    ? 
_reflns_shell.pdbx_Rsym_value        ? 
_reflns_shell.pdbx_redundancy        ? 
_reflns_shell.number_unique_all      ? 
_reflns_shell.number_measured_all    ? 
_reflns_shell.number_measured_obs    ? 
_reflns_shell.number_unique_obs      ? 
_reflns_shell.pdbx_chi_squared       ? 
_reflns_shell.pdbx_diffrn_id         ? 
_reflns_shell.pdbx_ordinal           1 
# 
_refine.entry_id                                 2RAY 
_refine.ls_d_res_high                            1.798 
_refine.ls_d_res_low                             52.340 
_refine.pdbx_ls_sigma_F                          0.00 
_refine.ls_percent_reflns_obs                    99.710 
_refine.ls_number_reflns_obs                     19408 
_refine.pdbx_ls_cross_valid_method               THROUGHOUT 
_refine.pdbx_R_Free_selection_details            RANDOM 
_refine.details                                  'HYDROGENS HAVE BEEN ADDED IN THE RIDING POSITIONS' 
_refine.ls_R_factor_obs                          0.188 
_refine.ls_R_factor_R_work                       0.187 
_refine.ls_R_factor_R_free                       0.212 
_refine.ls_percent_reflns_R_free                 5.100 
_refine.ls_number_reflns_R_free                  994 
_refine.B_iso_mean                               20.548 
_refine.aniso_B[1][1]                            0.120 
_refine.aniso_B[2][2]                            0.120 
_refine.aniso_B[3][3]                            -0.190 
_refine.aniso_B[1][2]                            0.060 
_refine.aniso_B[1][3]                            0.000 
_refine.aniso_B[2][3]                            0.000 
_refine.correlation_coeff_Fo_to_Fc               0.954 
_refine.correlation_coeff_Fo_to_Fc_free          0.942 
_refine.pdbx_overall_ESU_R                       0.119 
_refine.pdbx_overall_ESU_R_Free                  0.111 
_refine.overall_SU_ML                            0.075 
_refine.overall_SU_B                             2.374 
_refine.solvent_model_details                    MASK 
_refine.pdbx_solvent_vdw_probe_radii             1.200 
_refine.pdbx_solvent_ion_probe_radii             0.800 
_refine.pdbx_solvent_shrinkage_radii             0.800 
_refine.pdbx_method_to_determine_struct          ? 
_refine.pdbx_stereochemistry_target_values       'MAXIMUM LIKELIHOOD' 
_refine.pdbx_ls_sigma_I                          ? 
_refine.ls_number_reflns_all                     19464 
_refine.ls_R_factor_all                          0.188 
_refine.ls_redundancy_reflns_obs                 ? 
_refine.pdbx_data_cutoff_high_absF               ? 
_refine.pdbx_data_cutoff_low_absF                ? 
_refine.ls_number_parameters                     ? 
_refine.ls_number_restraints                     ? 
_refine.ls_R_factor_R_free_error                 ? 
_refine.ls_R_factor_R_free_error_details         ? 
_refine.pdbx_starting_model                      184L 
_refine.pdbx_stereochem_target_val_spec_case     ? 
_refine.solvent_model_param_bsol                 ? 
_refine.solvent_model_param_ksol                 ? 
_refine.occupancy_max                            ? 
_refine.occupancy_min                            ? 
_refine.pdbx_isotropic_thermal_model             ? 
_refine.B_iso_min                                ? 
_refine.B_iso_max                                ? 
_refine.overall_SU_R_Cruickshank_DPI             ? 
_refine.overall_SU_R_free                        ? 
_refine.pdbx_data_cutoff_high_rms_absF           ? 
_refine.ls_wR_factor_R_free                      ? 
_refine.ls_wR_factor_R_work                      ? 
_refine.overall_FOM_free_R_set                   ? 
_refine.overall_FOM_work_R_set                   ? 
_refine.pdbx_refine_id                           'X-RAY DIFFRACTION' 
_refine.pdbx_diffrn_id                           1 
_refine.pdbx_TLS_residual_ADP_flag               ? 
_refine.pdbx_overall_phase_error                 ? 
_refine.pdbx_overall_SU_R_free_Cruickshank_DPI   ? 
_refine.pdbx_overall_SU_R_Blow_DPI               ? 
_refine.pdbx_overall_SU_R_free_Blow_DPI          ? 
# 
_refine_hist.pdbx_refine_id                   'X-RAY DIFFRACTION' 
_refine_hist.cycle_id                         LAST 
_refine_hist.pdbx_number_atoms_protein        1285 
_refine_hist.pdbx_number_atoms_nucleic_acid   0 
_refine_hist.pdbx_number_atoms_ligand         15 
_refine_hist.number_atoms_solvent             213 
_refine_hist.number_atoms_total               1513 
_refine_hist.d_res_high                       1.798 
_refine_hist.d_res_low                        52.340 
# 
loop_
_refine_ls_restr.type 
_refine_ls_restr.number 
_refine_ls_restr.dev_ideal 
_refine_ls_restr.dev_ideal_target 
_refine_ls_restr.weight 
_refine_ls_restr.pdbx_refine_id 
_refine_ls_restr.pdbx_restraint_function 
r_bond_refined_d         1309 0.014  0.022  ? 'X-RAY DIFFRACTION' ? 
r_angle_refined_deg      1766 1.249  1.959  ? 'X-RAY DIFFRACTION' ? 
r_dihedral_angle_1_deg   163  5.250  5.000  ? 'X-RAY DIFFRACTION' ? 
r_dihedral_angle_2_deg   60   32.478 23.833 ? 'X-RAY DIFFRACTION' ? 
r_dihedral_angle_3_deg   233  13.223 15.000 ? 'X-RAY DIFFRACTION' ? 
r_dihedral_angle_4_deg   11   16.870 15.000 ? 'X-RAY DIFFRACTION' ? 
r_chiral_restr           196  0.088  0.200  ? 'X-RAY DIFFRACTION' ? 
r_gen_planes_refined     977  0.005  0.020  ? 'X-RAY DIFFRACTION' ? 
r_nbd_refined            649  0.197  0.200  ? 'X-RAY DIFFRACTION' ? 
r_nbtor_refined          908  0.303  0.200  ? 'X-RAY DIFFRACTION' ? 
r_xyhbond_nbd_refined    163  0.152  0.200  ? 'X-RAY DIFFRACTION' ? 
r_symmetry_vdw_refined   32   0.183  0.200  ? 'X-RAY DIFFRACTION' ? 
r_symmetry_hbond_refined 30   0.207  0.200  ? 'X-RAY DIFFRACTION' ? 
r_mcbond_it              830  0.786  1.500  ? 'X-RAY DIFFRACTION' ? 
r_mcangle_it             1285 1.236  2.000  ? 'X-RAY DIFFRACTION' ? 
r_scbond_it              555  2.173  3.000  ? 'X-RAY DIFFRACTION' ? 
r_scangle_it             480  3.190  4.500  ? 'X-RAY DIFFRACTION' ? 
# 
_refine_ls_shell.d_res_high                       1.798 
_refine_ls_shell.d_res_low                        1.844 
_refine_ls_shell.pdbx_total_number_of_bins_used   20 
_refine_ls_shell.percent_reflns_obs               98.930 
_refine_ls_shell.number_reflns_R_work             1314 
_refine_ls_shell.R_factor_all                     ? 
_refine_ls_shell.R_factor_R_work                  0.278 
_refine_ls_shell.R_factor_R_free                  0.302 
_refine_ls_shell.percent_reflns_R_free            ? 
_refine_ls_shell.number_reflns_R_free             75 
_refine_ls_shell.R_factor_R_free_error            ? 
_refine_ls_shell.number_reflns_all                1389 
_refine_ls_shell.number_reflns_obs                1904 
_refine_ls_shell.redundancy_reflns_obs            ? 
_refine_ls_shell.pdbx_refine_id                   'X-RAY DIFFRACTION' 
# 
_struct.entry_id                  2RAY 
_struct.title                     'beta-chlorophenetole in complex with T4 lysozyme L99A' 
_struct.pdbx_model_details        ? 
_struct.pdbx_CASP_flag            N 
_struct.pdbx_model_type_details   ? 
# 
_struct_keywords.entry_id        2RAY 
_struct_keywords.text            'protein cavities, HYDROLASE' 
_struct_keywords.pdbx_keywords   HYDROLASE 
# 
loop_
_struct_asym.id 
_struct_asym.pdbx_blank_PDB_chainid_flag 
_struct_asym.pdbx_modified 
_struct_asym.entity_id 
_struct_asym.details 
A N N 1 ? 
B N N 2 ? 
C N N 3 ? 
D N N 4 ? 
# 
_struct_biol.id        1 
_struct_biol.details   ? 
# 
loop_
_struct_conf.conf_type_id 
_struct_conf.id 
_struct_conf.pdbx_PDB_helix_id 
_struct_conf.beg_label_comp_id 
_struct_conf.beg_label_asym_id 
_struct_conf.beg_label_seq_id 
_struct_conf.pdbx_beg_PDB_ins_code 
_struct_conf.end_label_comp_id 
_struct_conf.end_label_asym_id 
_struct_conf.end_label_seq_id 
_struct_conf.pdbx_end_PDB_ins_code 
_struct_conf.beg_auth_comp_id 
_struct_conf.beg_auth_asym_id 
_struct_conf.beg_auth_seq_id 
_struct_conf.end_auth_comp_id 
_struct_conf.end_auth_asym_id 
_struct_conf.end_auth_seq_id 
_struct_conf.pdbx_PDB_helix_class 
_struct_conf.details 
_struct_conf.pdbx_PDB_helix_length 
HELX_P HELX_P1  1  ASN A 2   ? GLY A 12  ? ASN X 2   GLY X 12  1 ? 11 
HELX_P HELX_P2  2  SER A 38  ? GLY A 51  ? SER X 38  GLY X 51  1 ? 14 
HELX_P HELX_P3  3  THR A 59  ? ASN A 81  ? THR X 59  ASN X 81  1 ? 23 
HELX_P HELX_P4  4  LYS A 83  ? LEU A 91  ? LYS X 83  LEU X 91  1 ? 9  
HELX_P HELX_P5  5  ASP A 92  ? GLY A 113 ? ASP X 92  GLY X 113 1 ? 22 
HELX_P HELX_P6  6  PHE A 114 ? GLN A 123 ? PHE X 114 GLN X 123 1 ? 10 
HELX_P HELX_P7  7  ARG A 125 ? ALA A 134 ? ARG X 125 ALA X 134 1 ? 10 
HELX_P HELX_P8  8  SER A 136 ? THR A 142 ? SER X 136 THR X 142 1 ? 7  
HELX_P HELX_P9  9  THR A 142 ? GLY A 156 ? THR X 142 GLY X 156 1 ? 15 
HELX_P HELX_P10 10 TRP A 158 ? LYS A 162 ? TRP X 158 LYS X 162 5 ? 5  
# 
_struct_conf_type.id          HELX_P 
_struct_conf_type.criteria    ? 
_struct_conf_type.reference   ? 
# 
_struct_sheet.id               A 
_struct_sheet.type             ? 
_struct_sheet.number_strands   3 
_struct_sheet.details          ? 
# 
loop_
_struct_sheet_order.sheet_id 
_struct_sheet_order.range_id_1 
_struct_sheet_order.range_id_2 
_struct_sheet_order.offset 
_struct_sheet_order.sense 
A 1 2 ? anti-parallel 
A 2 3 ? anti-parallel 
# 
loop_
_struct_sheet_range.sheet_id 
_struct_sheet_range.id 
_struct_sheet_range.beg_label_comp_id 
_struct_sheet_range.beg_label_asym_id 
_struct_sheet_range.beg_label_seq_id 
_struct_sheet_range.pdbx_beg_PDB_ins_code 
_struct_sheet_range.end_label_comp_id 
_struct_sheet_range.end_label_asym_id 
_struct_sheet_range.end_label_seq_id 
_struct_sheet_range.pdbx_end_PDB_ins_code 
_struct_sheet_range.beg_auth_comp_id 
_struct_sheet_range.beg_auth_asym_id 
_struct_sheet_range.beg_auth_seq_id 
_struct_sheet_range.end_auth_comp_id 
_struct_sheet_range.end_auth_asym_id 
_struct_sheet_range.end_auth_seq_id 
A 1 ARG A 14 ? LYS A 19 ? ARG X 14 LYS X 19 
A 2 TYR A 25 ? GLY A 28 ? TYR X 25 GLY X 28 
A 3 HIS A 31 ? LEU A 32 ? HIS X 31 LEU X 32 
# 
loop_
_pdbx_struct_sheet_hbond.sheet_id 
_pdbx_struct_sheet_hbond.range_id_1 
_pdbx_struct_sheet_hbond.range_id_2 
_pdbx_struct_sheet_hbond.range_1_label_atom_id 
_pdbx_struct_sheet_hbond.range_1_label_comp_id 
_pdbx_struct_sheet_hbond.range_1_label_asym_id 
_pdbx_struct_sheet_hbond.range_1_label_seq_id 
_pdbx_struct_sheet_hbond.range_1_PDB_ins_code 
_pdbx_struct_sheet_hbond.range_1_auth_atom_id 
_pdbx_struct_sheet_hbond.range_1_auth_comp_id 
_pdbx_struct_sheet_hbond.range_1_auth_asym_id 
_pdbx_struct_sheet_hbond.range_1_auth_seq_id 
_pdbx_struct_sheet_hbond.range_2_label_atom_id 
_pdbx_struct_sheet_hbond.range_2_label_comp_id 
_pdbx_struct_sheet_hbond.range_2_label_asym_id 
_pdbx_struct_sheet_hbond.range_2_label_seq_id 
_pdbx_struct_sheet_hbond.range_2_PDB_ins_code 
_pdbx_struct_sheet_hbond.range_2_auth_atom_id 
_pdbx_struct_sheet_hbond.range_2_auth_comp_id 
_pdbx_struct_sheet_hbond.range_2_auth_asym_id 
_pdbx_struct_sheet_hbond.range_2_auth_seq_id 
A 1 2 N TYR A 18 ? N TYR X 18 O THR A 26 ? O THR X 26 
A 2 3 N ILE A 27 ? N ILE X 27 O HIS A 31 ? O HIS X 31 
# 
loop_
_struct_site.id 
_struct_site.pdbx_evidence_code 
_struct_site.pdbx_auth_asym_id 
_struct_site.pdbx_auth_comp_id 
_struct_site.pdbx_auth_seq_id 
_struct_site.pdbx_auth_ins_code 
_struct_site.pdbx_num_residues 
_struct_site.details 
AC1 Software X PO4 1001 ? 9 'BINDING SITE FOR RESIDUE PO4 X 1001' 
AC2 Software X 258 2001 ? 8 'BINDING SITE FOR RESIDUE 258 X 2001' 
# 
loop_
_struct_site_gen.id 
_struct_site_gen.site_id 
_struct_site_gen.pdbx_num_res 
_struct_site_gen.label_comp_id 
_struct_site_gen.label_asym_id 
_struct_site_gen.label_seq_id 
_struct_site_gen.pdbx_auth_ins_code 
_struct_site_gen.auth_comp_id 
_struct_site_gen.auth_asym_id 
_struct_site_gen.auth_seq_id 
_struct_site_gen.label_atom_id 
_struct_site_gen.label_alt_id 
_struct_site_gen.symmetry 
_struct_site_gen.details 
1  AC1 9 ARG A 14  ? ARG X 14   . ? 1_555 ? 
2  AC1 9 LYS A 19  ? LYS X 19   . ? 1_555 ? 
3  AC1 9 ARG A 125 ? ARG X 125  . ? 4_655 ? 
4  AC1 9 TRP A 126 ? TRP X 126  . ? 4_655 ? 
5  AC1 9 ASP A 127 ? ASP X 127  . ? 4_655 ? 
6  AC1 9 GLU A 128 ? GLU X 128  . ? 4_655 ? 
7  AC1 9 HOH D .   ? HOH X 2046 . ? 4_655 ? 
8  AC1 9 HOH D .   ? HOH X 2149 . ? 1_555 ? 
9  AC1 9 HOH D .   ? HOH X 2163 . ? 1_555 ? 
10 AC2 8 TYR A 88  ? TYR X 88   . ? 1_555 ? 
11 AC2 8 ALA A 99  ? ALA X 99   . ? 1_555 ? 
12 AC2 8 MET A 102 ? MET X 102  . ? 1_555 ? 
13 AC2 8 SER A 117 ? SER X 117  . ? 1_555 ? 
14 AC2 8 LEU A 118 ? LEU X 118  . ? 1_555 ? 
15 AC2 8 LEU A 121 ? LEU X 121  . ? 1_555 ? 
16 AC2 8 LEU A 133 ? LEU X 133  . ? 1_555 ? 
17 AC2 8 PHE A 153 ? PHE X 153  . ? 1_555 ? 
# 
_atom_sites.entry_id                    2RAY 
_atom_sites.fract_transf_matrix[1][1]   0.01362636 
_atom_sites.fract_transf_matrix[1][2]   0.01138806 
_atom_sites.fract_transf_matrix[1][3]   0.00702539 
_atom_sites.fract_transf_matrix[2][1]   0.00086887 
_atom_sites.fract_transf_matrix[2][2]   0.01830047 
_atom_sites.fract_transf_matrix[2][3]   -0.00539180 
_atom_sites.fract_transf_matrix[3][1]   -0.00626454 
_atom_sites.fract_transf_matrix[3][2]   0.00262410 
_atom_sites.fract_transf_matrix[3][3]   0.00789701 
_atom_sites.fract_transf_vector[1]      0.681477 
_atom_sites.fract_transf_vector[2]      0.221413 
_atom_sites.fract_transf_vector[3]      0.101221 
# 
loop_
_atom_type.symbol 
C  
CL 
N  
O  
P  
S  
# 
loop_
_atom_site.group_PDB 
_atom_site.id 
_atom_site.type_symbol 
_atom_site.label_atom_id 
_atom_site.label_alt_id 
_atom_site.label_comp_id 
_atom_site.label_asym_id 
_atom_site.label_entity_id 
_atom_site.label_seq_id 
_atom_site.pdbx_PDB_ins_code 
_atom_site.Cartn_x 
_atom_site.Cartn_y 
_atom_site.Cartn_z 
_atom_site.occupancy 
_atom_site.B_iso_or_equiv 
_atom_site.pdbx_formal_charge 
_atom_site.auth_seq_id 
_atom_site.auth_comp_id 
_atom_site.auth_asym_id 
_atom_site.auth_atom_id 
_atom_site.pdbx_PDB_model_num 
ATOM   1    N  N    . MET A 1 1   ? 7.165   -12.904 9.016   1.00 21.15 ? 1    MET X N    1 
ATOM   2    C  CA   . MET A 1 1   ? 6.706   -11.761 8.168   1.00 20.79 ? 1    MET X CA   1 
ATOM   3    C  C    . MET A 1 1   ? 5.233   -11.954 7.771   1.00 20.02 ? 1    MET X C    1 
ATOM   4    O  O    . MET A 1 1   ? 4.738   -13.088 7.662   1.00 20.46 ? 1    MET X O    1 
ATOM   5    C  CB   . MET A 1 1   ? 7.645   -11.610 6.953   1.00 21.60 ? 1    MET X CB   1 
ATOM   6    C  CG   . MET A 1 1   ? 7.415   -10.388 6.075   1.00 23.26 ? 1    MET X CG   1 
ATOM   7    S  SD   . MET A 1 1   ? 7.631   -8.784  6.879   1.00 24.35 ? 1    MET X SD   1 
ATOM   8    C  CE   . MET A 1 1   ? 9.167   -9.076  7.723   1.00 21.36 ? 1    MET X CE   1 
ATOM   9    N  N    . ASN A 1 2   ? 4.514   -10.847 7.613   1.00 17.99 ? 2    ASN X N    1 
ATOM   10   C  CA   . ASN A 1 2   ? 3.132   -10.853 7.155   1.00 17.21 ? 2    ASN X CA   1 
ATOM   11   C  C    . ASN A 1 2   ? 2.840   -9.449  6.611   1.00 16.29 ? 2    ASN X C    1 
ATOM   12   O  O    . ASN A 1 2   ? 3.707   -8.572  6.703   1.00 15.40 ? 2    ASN X O    1 
ATOM   13   C  CB   . ASN A 1 2   ? 2.183   -11.224 8.311   1.00 17.84 ? 2    ASN X CB   1 
ATOM   14   C  CG   . ASN A 1 2   ? 2.318   -10.288 9.492   1.00 18.18 ? 2    ASN X CG   1 
ATOM   15   O  OD1  . ASN A 1 2   ? 2.244   -9.066  9.333   1.00 17.69 ? 2    ASN X OD1  1 
ATOM   16   N  ND2  . ASN A 1 2   ? 2.517   -10.851 10.682  1.00 17.74 ? 2    ASN X ND2  1 
ATOM   17   N  N    . ILE A 1 3   ? 1.636   -9.234  6.096   1.00 15.29 ? 3    ILE X N    1 
ATOM   18   C  CA   . ILE A 1 3   ? 1.274   -7.952  5.461   1.00 14.86 ? 3    ILE X CA   1 
ATOM   19   C  C    . ILE A 1 3   ? 1.435   -6.741  6.411   1.00 14.77 ? 3    ILE X C    1 
ATOM   20   O  O    . ILE A 1 3   ? 1.811   -5.636  5.982   1.00 14.43 ? 3    ILE X O    1 
ATOM   21   C  CB   . ILE A 1 3   ? -0.158  -7.991  4.825   1.00 14.69 ? 3    ILE X CB   1 
ATOM   22   C  CG1  . ILE A 1 3   ? -0.473  -6.704  4.051   1.00 13.69 ? 3    ILE X CG1  1 
ATOM   23   C  CG2  . ILE A 1 3   ? -1.259  -8.334  5.882   1.00 14.74 ? 3    ILE X CG2  1 
ATOM   24   C  CD1  . ILE A 1 3   ? 0.526   -6.341  2.944   1.00 13.55 ? 3    ILE X CD1  1 
ATOM   25   N  N    . PHE A 1 4   ? 1.144   -6.952  7.692   1.00 14.00 ? 4    PHE X N    1 
ATOM   26   C  CA   . PHE A 1 4   ? 1.296   -5.873  8.666   1.00 14.57 ? 4    PHE X CA   1 
ATOM   27   C  C    . PHE A 1 4   ? 2.763   -5.487  8.839   1.00 14.53 ? 4    PHE X C    1 
ATOM   28   O  O    . PHE A 1 4   ? 3.124   -4.298  8.772   1.00 14.76 ? 4    PHE X O    1 
ATOM   29   C  CB   . PHE A 1 4   ? 0.619   -6.258  9.988   1.00 14.93 ? 4    PHE X CB   1 
ATOM   30   C  CG   . PHE A 1 4   ? -0.878  -6.194  9.926   1.00 15.58 ? 4    PHE X CG   1 
ATOM   31   C  CD1  . PHE A 1 4   ? -1.546  -5.031  10.314  1.00 18.51 ? 4    PHE X CD1  1 
ATOM   32   C  CD2  . PHE A 1 4   ? -1.624  -7.293  9.490   1.00 15.80 ? 4    PHE X CD2  1 
ATOM   33   C  CE1  . PHE A 1 4   ? -2.939  -4.960  10.264  1.00 19.29 ? 4    PHE X CE1  1 
ATOM   34   C  CE2  . PHE A 1 4   ? -3.017  -7.229  9.434   1.00 18.23 ? 4    PHE X CE2  1 
ATOM   35   C  CZ   . PHE A 1 4   ? -3.673  -6.073  9.813   1.00 19.50 ? 4    PHE X CZ   1 
ATOM   36   N  N    . GLU A 1 5   ? 3.616   -6.488  9.045   1.00 14.65 ? 5    GLU X N    1 
ATOM   37   C  CA   . GLU A 1 5   ? 5.040   -6.240  9.253   1.00 15.46 ? 5    GLU X CA   1 
ATOM   38   C  C    . GLU A 1 5   ? 5.667   -5.666  7.976   1.00 15.14 ? 5    GLU X C    1 
ATOM   39   O  O    . GLU A 1 5   ? 6.564   -4.828  8.045   1.00 14.94 ? 5    GLU X O    1 
ATOM   40   C  CB   . GLU A 1 5   ? 5.778   -7.514  9.644   1.00 15.64 ? 5    GLU X CB   1 
ATOM   41   C  CG   . GLU A 1 5   ? 5.343   -8.100  11.027  1.00 15.99 ? 5    GLU X CG   1 
ATOM   42   C  CD   . GLU A 1 5   ? 6.157   -9.321  11.444  1.00 19.08 ? 5    GLU X CD   1 
ATOM   43   O  OE1  . GLU A 1 5   ? 7.180   -9.604  10.789  1.00 22.06 ? 5    GLU X OE1  1 
ATOM   44   O  OE2  . GLU A 1 5   ? 5.775   -9.974  12.448  1.00 22.38 ? 5    GLU X OE2  1 
ATOM   45   N  N    . MET A 1 6   ? 5.168   -6.132  6.835   1.00 14.25 ? 6    MET X N    1 
ATOM   46   C  CA   . MET A 1 6   ? 5.669   -5.736  5.520   1.00 14.81 ? 6    MET X CA   1 
ATOM   47   C  C    . MET A 1 6   ? 5.385   -4.248  5.276   1.00 15.66 ? 6    MET X C    1 
ATOM   48   O  O    . MET A 1 6   ? 6.302   -3.472  4.966   1.00 16.12 ? 6    MET X O    1 
ATOM   49   C  CB   . MET A 1 6   ? 4.982   -6.567  4.445   1.00 14.48 ? 6    MET X CB   1 
ATOM   50   C  CG   . MET A 1 6   ? 5.548   -6.389  3.030   1.00 14.19 ? 6    MET X CG   1 
ATOM   51   S  SD   . MET A 1 6   ? 4.310   -6.955  1.884   1.00 15.39 ? 6    MET X SD   1 
ATOM   52   C  CE   . MET A 1 6   ? 5.234   -7.152  0.347   1.00 15.99 ? 6    MET X CE   1 
ATOM   53   N  N    . LEU A 1 7   ? 4.120   -3.859  5.445   1.00 15.77 ? 7    LEU X N    1 
ATOM   54   C  CA   . LEU A 1 7   ? 3.743   -2.470  5.274   1.00 15.26 ? 7    LEU X CA   1 
ATOM   55   C  C    . LEU A 1 7   ? 4.354   -1.574  6.346   1.00 16.12 ? 7    LEU X C    1 
ATOM   56   O  O    . LEU A 1 7   ? 4.701   -0.430  6.062   1.00 15.55 ? 7    LEU X O    1 
ATOM   57   C  CB   . LEU A 1 7   ? 2.229   -2.296  5.209   1.00 15.33 ? 7    LEU X CB   1 
ATOM   58   C  CG   . LEU A 1 7   ? 1.675   -2.624  3.826   1.00 15.36 ? 7    LEU X CG   1 
ATOM   59   C  CD1  . LEU A 1 7   ? 0.159   -2.825  3.876   1.00 15.25 ? 7    LEU X CD1  1 
ATOM   60   C  CD2  . LEU A 1 7   ? 2.106   -1.530  2.788   1.00 13.42 ? 7    LEU X CD2  1 
ATOM   61   N  N    . ARG A 1 8   ? 4.499   -2.087  7.564   1.00 15.08 ? 8    ARG X N    1 
ATOM   62   C  CA   . ARG A 1 8   ? 5.217   -1.324  8.596   1.00 16.11 ? 8    ARG X CA   1 
ATOM   63   C  C    . ARG A 1 8   ? 6.664   -0.975  8.175   1.00 16.90 ? 8    ARG X C    1 
ATOM   64   O  O    . ARG A 1 8   ? 7.129   0.140   8.410   1.00 16.14 ? 8    ARG X O    1 
ATOM   65   C  CB   . ARG A 1 8   ? 5.177   -2.039  9.941   1.00 16.85 ? 8    ARG X CB   1 
ATOM   66   C  CG   . ARG A 1 8   ? 6.031   -1.379  11.012  1.00 16.26 ? 8    ARG X CG   1 
ATOM   67   C  CD   . ARG A 1 8   ? 5.523   0.034   11.366  1.00 19.38 ? 8    ARG X CD   1 
ATOM   68   N  NE   . ARG A 1 8   ? 6.353   0.603   12.426  1.00 21.08 ? 8    ARG X NE   1 
ATOM   69   C  CZ   . ARG A 1 8   ? 7.557   1.129   12.245  1.00 23.50 ? 8    ARG X CZ   1 
ATOM   70   N  NH1  . ARG A 1 8   ? 8.105   1.185   11.034  1.00 23.14 ? 8    ARG X NH1  1 
ATOM   71   N  NH2  . ARG A 1 8   ? 8.226   1.595   13.296  1.00 25.50 ? 8    ARG X NH2  1 
ATOM   72   N  N    . ILE A 1 9   ? 7.356   -1.917  7.536   1.00 16.47 ? 9    ILE X N    1 
ATOM   73   C  CA   . ILE A 1 9   ? 8.686   -1.644  7.002   1.00 16.36 ? 9    ILE X CA   1 
ATOM   74   C  C    . ILE A 1 9   ? 8.623   -0.607  5.852   1.00 15.84 ? 9    ILE X C    1 
ATOM   75   O  O    . ILE A 1 9   ? 9.386   0.378   5.847   1.00 15.18 ? 9    ILE X O    1 
ATOM   76   C  CB   . ILE A 1 9   ? 9.365   -2.963  6.538   1.00 16.85 ? 9    ILE X CB   1 
ATOM   77   C  CG1  . ILE A 1 9   ? 9.878   -3.741  7.745   1.00 16.62 ? 9    ILE X CG1  1 
ATOM   78   C  CG2  . ILE A 1 9   ? 10.502  -2.691  5.528   1.00 17.64 ? 9    ILE X CG2  1 
ATOM   79   C  CD1  . ILE A 1 9   ? 10.181  -5.217  7.419   1.00 15.81 ? 9    ILE X CD1  1 
ATOM   80   N  N    . ASP A 1 10  ? 7.703   -0.807  4.910   1.00 15.64 ? 10   ASP X N    1 
ATOM   81   C  CA   . ASP A 1 10  ? 7.611   0.074   3.737   1.00 16.35 ? 10   ASP X CA   1 
ATOM   82   C  C    . ASP A 1 10  ? 7.137   1.501   4.048   1.00 16.83 ? 10   ASP X C    1 
ATOM   83   O  O    . ASP A 1 10  ? 7.548   2.468   3.379   1.00 17.07 ? 10   ASP X O    1 
ATOM   84   C  CB   . ASP A 1 10  ? 6.754   -0.553  2.635   1.00 16.22 ? 10   ASP X CB   1 
ATOM   85   C  CG   . ASP A 1 10  ? 7.471   -1.713  1.946   1.00 15.81 ? 10   ASP X CG   1 
ATOM   86   O  OD1  . ASP A 1 10  ? 8.721   -1.771  2.023   1.00 14.75 ? 10   ASP X OD1  1 
ATOM   87   O  OD2  . ASP A 1 10  ? 6.786   -2.565  1.347   1.00 16.10 ? 10   ASP X OD2  1 
ATOM   88   N  N    . GLU A 1 11  ? 6.296   1.631   5.071   1.00 16.21 ? 11   GLU X N    1 
ATOM   89   C  CA   . GLU A 1 11  ? 5.629   2.907   5.333   1.00 16.34 ? 11   GLU X CA   1 
ATOM   90   C  C    . GLU A 1 11  ? 6.241   3.675   6.505   1.00 16.41 ? 11   GLU X C    1 
ATOM   91   O  O    . GLU A 1 11  ? 6.104   4.899   6.580   1.00 17.03 ? 11   GLU X O    1 
ATOM   92   C  CB   . GLU A 1 11  ? 4.113   2.690   5.552   1.00 16.44 ? 11   GLU X CB   1 
ATOM   93   C  CG   . GLU A 1 11  ? 3.338   2.167   4.336   1.00 16.59 ? 11   GLU X CG   1 
ATOM   94   C  CD   . GLU A 1 11  ? 3.324   3.147   3.144   1.00 18.31 ? 11   GLU X CD   1 
ATOM   95   O  OE1  . GLU A 1 11  ? 3.785   4.325   3.295   1.00 17.40 ? 11   GLU X OE1  1 
ATOM   96   O  OE2  . GLU A 1 11  ? 2.841   2.749   2.061   1.00 19.58 ? 11   GLU X OE2  1 
ATOM   97   N  N    . GLY A 1 12  ? 6.904   2.973   7.422   1.00 15.92 ? 12   GLY X N    1 
ATOM   98   C  CA   . GLY A 1 12  ? 7.445   3.611   8.634   1.00 16.72 ? 12   GLY X CA   1 
ATOM   99   C  C    . GLY A 1 12  ? 6.322   3.914   9.640   1.00 17.50 ? 12   GLY X C    1 
ATOM   100  O  O    . GLY A 1 12  ? 5.154   3.547   9.417   1.00 16.54 ? 12   GLY X O    1 
ATOM   101  N  N    . LEU A 1 13  ? 6.682   4.561   10.752  1.00 17.85 ? 13   LEU X N    1 
ATOM   102  C  CA   . LEU A 1 13  ? 5.675   5.014   11.721  1.00 18.33 ? 13   LEU X CA   1 
ATOM   103  C  C    . LEU A 1 13  ? 6.040   6.430   12.152  1.00 18.39 ? 13   LEU X C    1 
ATOM   104  O  O    . LEU A 1 13  ? 7.121   6.656   12.729  1.00 18.05 ? 13   LEU X O    1 
ATOM   105  C  CB   . LEU A 1 13  ? 5.596   4.053   12.929  1.00 17.86 ? 13   LEU X CB   1 
ATOM   106  C  CG   . LEU A 1 13  ? 4.841   4.479   14.202  1.00 19.32 ? 13   LEU X CG   1 
ATOM   107  C  CD1  . LEU A 1 13  ? 3.375   4.601   13.953  1.00 20.87 ? 13   LEU X CD1  1 
ATOM   108  C  CD2  . LEU A 1 13  ? 5.087   3.464   15.357  1.00 20.81 ? 13   LEU X CD2  1 
ATOM   109  N  N    . ARG A 1 14  ? 5.158   7.381   11.849  1.00 18.51 ? 14   ARG X N    1 
ATOM   110  C  CA   . ARG A 1 14  ? 5.354   8.765   12.294  1.00 19.55 ? 14   ARG X CA   1 
ATOM   111  C  C    . ARG A 1 14  ? 4.090   9.276   12.970  1.00 18.93 ? 14   ARG X C    1 
ATOM   112  O  O    . ARG A 1 14  ? 2.998   9.112   12.451  1.00 18.53 ? 14   ARG X O    1 
ATOM   113  C  CB   . ARG A 1 14  ? 5.796   9.678   11.141  1.00 18.57 ? 14   ARG X CB   1 
ATOM   114  C  CG   . ARG A 1 14  ? 7.133   9.256   10.530  1.00 19.76 ? 14   ARG X CG   1 
ATOM   115  C  CD   . ARG A 1 14  ? 7.569   10.168  9.386   1.00 22.22 ? 14   ARG X CD   1 
ATOM   116  N  NE   . ARG A 1 14  ? 8.044   11.467  9.853   1.00 25.78 ? 14   ARG X NE   1 
ATOM   117  C  CZ   . ARG A 1 14  ? 8.531   12.417  9.048   1.00 28.01 ? 14   ARG X CZ   1 
ATOM   118  N  NH1  . ARG A 1 14  ? 8.593   12.223  7.736   1.00 29.48 ? 14   ARG X NH1  1 
ATOM   119  N  NH2  . ARG A 1 14  ? 8.943   13.570  9.551   1.00 30.77 ? 14   ARG X NH2  1 
ATOM   120  N  N    . LEU A 1 15  ? 4.257   9.870   14.150  1.00 18.44 ? 15   LEU X N    1 
ATOM   121  C  CA   . LEU A 1 15  ? 3.115   10.205  14.994  1.00 18.83 ? 15   LEU X CA   1 
ATOM   122  C  C    . LEU A 1 15  ? 2.614   11.631  14.813  1.00 19.06 ? 15   LEU X C    1 
ATOM   123  O  O    . LEU A 1 15  ? 1.589   12.014  15.410  1.00 19.88 ? 15   LEU X O    1 
ATOM   124  C  CB   . LEU A 1 15  ? 3.422   9.905   16.474  1.00 18.59 ? 15   LEU X CB   1 
ATOM   125  C  CG   . LEU A 1 15  ? 3.665   8.465   16.926  1.00 18.56 ? 15   LEU X CG   1 
ATOM   126  C  CD1  . LEU A 1 15  ? 3.698   8.375   18.476  1.00 19.94 ? 15   LEU X CD1  1 
ATOM   127  C  CD2  . LEU A 1 15  ? 2.604   7.528   16.319  1.00 18.55 ? 15   LEU X CD2  1 
ATOM   128  N  N    . LYS A 1 16  ? 3.319   12.416  14.003  1.00 19.22 ? 16   LYS X N    1 
ATOM   129  C  CA   . LYS A 1 16  ? 2.872   13.760  13.631  1.00 19.98 ? 16   LYS X CA   1 
ATOM   130  C  C    . LYS A 1 16  ? 2.645   13.812  12.138  1.00 20.00 ? 16   LYS X C    1 
ATOM   131  O  O    . LYS A 1 16  ? 3.281   13.062  11.388  1.00 20.52 ? 16   LYS X O    1 
ATOM   132  C  CB   . LYS A 1 16  ? 3.905   14.839  14.028  1.00 19.69 ? 16   LYS X CB   1 
ATOM   133  C  CG   . LYS A 1 16  ? 4.300   14.791  15.480  1.00 22.47 ? 16   LYS X CG   1 
ATOM   134  N  N    . ILE A 1 17  ? 1.753   14.705  11.702  1.00 19.22 ? 17   ILE X N    1 
ATOM   135  C  CA   . ILE A 1 17  ? 1.480   14.869  10.287  1.00 18.95 ? 17   ILE X CA   1 
ATOM   136  C  C    . ILE A 1 17  ? 2.787   15.114  9.512   1.00 19.11 ? 17   ILE X C    1 
ATOM   137  O  O    . ILE A 1 17  ? 3.612   15.948  9.906   1.00 19.59 ? 17   ILE X O    1 
ATOM   138  C  CB   . ILE A 1 17  ? 0.462   15.994  10.022  1.00 18.63 ? 17   ILE X CB   1 
ATOM   139  C  CG1  . ILE A 1 17  ? -0.931  15.557  10.515  1.00 17.87 ? 17   ILE X CG1  1 
ATOM   140  C  CG2  . ILE A 1 17  ? 0.423   16.361  8.540   1.00 17.60 ? 17   ILE X CG2  1 
ATOM   141  C  CD1  . ILE A 1 17  ? -1.979  16.679  10.487  1.00 19.44 ? 17   ILE X CD1  1 
ATOM   142  N  N    . TYR A 1 18  ? 2.967   14.364  8.435   1.00 18.59 ? 18   TYR X N    1 
ATOM   143  C  CA   . TYR A 1 18  ? 4.142   14.526  7.561   1.00 18.41 ? 18   TYR X CA   1 
ATOM   144  C  C    . TYR A 1 18  ? 3.716   14.455  6.092   1.00 17.98 ? 18   TYR X C    1 
ATOM   145  O  O    . TYR A 1 18  ? 2.580   14.117  5.792   1.00 18.03 ? 18   TYR X O    1 
ATOM   146  C  CB   . TYR A 1 18  ? 5.207   13.468  7.882   1.00 18.58 ? 18   TYR X CB   1 
ATOM   147  C  CG   . TYR A 1 18  ? 4.796   12.043  7.530   1.00 18.76 ? 18   TYR X CG   1 
ATOM   148  C  CD1  . TYR A 1 18  ? 4.033   11.270  8.421   1.00 17.91 ? 18   TYR X CD1  1 
ATOM   149  C  CD2  . TYR A 1 18  ? 5.182   11.449  6.296   1.00 19.83 ? 18   TYR X CD2  1 
ATOM   150  C  CE1  . TYR A 1 18  ? 3.664   9.949   8.107   1.00 18.93 ? 18   TYR X CE1  1 
ATOM   151  C  CE2  . TYR A 1 18  ? 4.796   10.121  5.980   1.00 20.62 ? 18   TYR X CE2  1 
ATOM   152  C  CZ   . TYR A 1 18  ? 4.056   9.383   6.891   1.00 18.86 ? 18   TYR X CZ   1 
ATOM   153  O  OH   . TYR A 1 18  ? 3.663   8.069   6.616   1.00 19.99 ? 18   TYR X OH   1 
ATOM   154  N  N    . LYS A 1 19  ? 4.607   14.809  5.170   1.00 17.73 ? 19   LYS X N    1 
ATOM   155  C  CA   . LYS A 1 19  ? 4.289   14.642  3.769   1.00 17.31 ? 19   LYS X CA   1 
ATOM   156  C  C    . LYS A 1 19  ? 4.842   13.310  3.264   1.00 17.44 ? 19   LYS X C    1 
ATOM   157  O  O    . LYS A 1 19  ? 5.997   12.968  3.527   1.00 17.17 ? 19   LYS X O    1 
ATOM   158  C  CB   . LYS A 1 19  ? 4.814   15.802  2.926   1.00 16.97 ? 19   LYS X CB   1 
ATOM   159  C  CG   . LYS A 1 19  ? 4.074   17.114  3.168   1.00 18.01 ? 19   LYS X CG   1 
ATOM   160  C  CD   . LYS A 1 19  ? 4.607   18.191  2.260   1.00 19.36 ? 19   LYS X CD   1 
ATOM   161  C  CE   . LYS A 1 19  ? 3.851   19.507  2.484   1.00 20.81 ? 19   LYS X CE   1 
ATOM   162  N  NZ   . LYS A 1 19  ? 4.453   20.594  1.649   1.00 21.41 ? 19   LYS X NZ   1 
ATOM   163  N  N    . ASP A 1 20  ? 4.022   12.578  2.514   1.00 16.96 ? 20   ASP X N    1 
ATOM   164  C  CA   . ASP A 1 20  ? 4.455   11.317  1.930   1.00 17.44 ? 20   ASP X CA   1 
ATOM   165  C  C    . ASP A 1 20  ? 5.395   11.549  0.727   1.00 17.46 ? 20   ASP X C    1 
ATOM   166  O  O    . ASP A 1 20  ? 5.799   12.692  0.459   1.00 17.38 ? 20   ASP X O    1 
ATOM   167  C  CB   . ASP A 1 20  ? 3.264   10.408  1.570   1.00 16.93 ? 20   ASP X CB   1 
ATOM   168  C  CG   . ASP A 1 20  ? 2.433   10.897  0.355   1.00 17.79 ? 20   ASP X CG   1 
ATOM   169  O  OD1  . ASP A 1 20  ? 2.807   11.842  -0.365  1.00 15.86 ? 20   ASP X OD1  1 
ATOM   170  O  OD2  . ASP A 1 20  ? 1.354   10.302  0.105   1.00 17.87 ? 20   ASP X OD2  1 
ATOM   171  N  N    . THR A 1 21  ? 5.708   10.478  -0.004  1.00 17.29 ? 21   THR X N    1 
ATOM   172  C  CA   . THR A 1 21  ? 6.710   10.579  -1.074  1.00 17.33 ? 21   THR X CA   1 
ATOM   173  C  C    . THR A 1 21  ? 6.193   11.461  -2.221  1.00 17.56 ? 21   THR X C    1 
ATOM   174  O  O    . THR A 1 21  ? 6.971   11.975  -3.029  1.00 17.46 ? 21   THR X O    1 
ATOM   175  C  CB   . THR A 1 21  ? 7.098   9.190   -1.636  1.00 17.60 ? 21   THR X CB   1 
ATOM   176  O  OG1  . THR A 1 21  ? 5.967   8.601   -2.288  1.00 19.04 ? 21   THR X OG1  1 
ATOM   177  C  CG2  . THR A 1 21  ? 7.598   8.238   -0.507  1.00 19.11 ? 21   THR X CG2  1 
ATOM   178  N  N    . GLU A 1 22  ? 4.873   11.612  -2.300  1.00 17.57 ? 22   GLU X N    1 
ATOM   179  C  CA   . GLU A 1 22  ? 4.248   12.449  -3.322  1.00 18.11 ? 22   GLU X CA   1 
ATOM   180  C  C    . GLU A 1 22  ? 3.981   13.891  -2.844  1.00 18.15 ? 22   GLU X C    1 
ATOM   181  O  O    . GLU A 1 22  ? 3.434   14.717  -3.595  1.00 19.21 ? 22   GLU X O    1 
ATOM   182  C  CB   . GLU A 1 22  ? 2.967   11.781  -3.848  1.00 18.18 ? 22   GLU X CB   1 
ATOM   183  C  CG   . GLU A 1 22  ? 3.199   10.431  -4.529  1.00 21.16 ? 22   GLU X CG   1 
ATOM   184  C  CD   . GLU A 1 22  ? 3.868   10.563  -5.897  1.00 24.51 ? 22   GLU X CD   1 
ATOM   185  O  OE1  . GLU A 1 22  ? 3.681   11.602  -6.567  1.00 25.90 ? 22   GLU X OE1  1 
ATOM   186  O  OE2  . GLU A 1 22  ? 4.584   9.626   -6.315  1.00 26.85 ? 22   GLU X OE2  1 
ATOM   187  N  N    . GLY A 1 23  ? 4.365   14.179  -1.604  1.00 18.24 ? 23   GLY X N    1 
ATOM   188  C  CA   . GLY A 1 23  ? 4.138   15.481  -0.981  1.00 18.10 ? 23   GLY X CA   1 
ATOM   189  C  C    . GLY A 1 23  ? 2.769   15.666  -0.351  1.00 18.29 ? 23   GLY X C    1 
ATOM   190  O  O    . GLY A 1 23  ? 2.372   16.799  -0.066  1.00 18.34 ? 23   GLY X O    1 
ATOM   191  N  N    . TYR A 1 24  ? 2.060   14.560  -0.092  1.00 17.70 ? 24   TYR X N    1 
ATOM   192  C  CA   . TYR A 1 24  ? 0.721   14.622  0.515   1.00 18.79 ? 24   TYR X CA   1 
ATOM   193  C  C    . TYR A 1 24  ? 0.709   14.366  1.997   1.00 17.75 ? 24   TYR X C    1 
ATOM   194  O  O    . TYR A 1 24  ? 1.387   13.451  2.482   1.00 16.48 ? 24   TYR X O    1 
ATOM   195  C  CB   . TYR A 1 24  ? -0.215  13.591  -0.117  1.00 20.86 ? 24   TYR X CB   1 
ATOM   196  C  CG   . TYR A 1 24  ? -0.426  13.787  -1.582  1.00 23.57 ? 24   TYR X CG   1 
ATOM   197  C  CD1  . TYR A 1 24  ? -0.680  15.060  -2.101  1.00 25.78 ? 24   TYR X CD1  1 
ATOM   198  C  CD2  . TYR A 1 24  ? -0.372  12.706  -2.453  1.00 25.59 ? 24   TYR X CD2  1 
ATOM   199  C  CE1  . TYR A 1 24  ? -0.877  15.244  -3.467  1.00 27.86 ? 24   TYR X CE1  1 
ATOM   200  C  CE2  . TYR A 1 24  ? -0.570  12.876  -3.814  1.00 27.15 ? 24   TYR X CE2  1 
ATOM   201  C  CZ   . TYR A 1 24  ? -0.818  14.146  -4.313  1.00 27.51 ? 24   TYR X CZ   1 
ATOM   202  O  OH   . TYR A 1 24  ? -1.026  14.320  -5.667  1.00 28.81 ? 24   TYR X OH   1 
ATOM   203  N  N    . TYR A 1 25  ? -0.109  15.158  2.708   1.00 17.86 ? 25   TYR X N    1 
ATOM   204  C  CA   . TYR A 1 25  ? -0.234  15.045  4.163   1.00 17.47 ? 25   TYR X CA   1 
ATOM   205  C  C    . TYR A 1 25  ? -0.693  13.659  4.576   1.00 16.46 ? 25   TYR X C    1 
ATOM   206  O  O    . TYR A 1 25  ? -1.675  13.119  4.032   1.00 16.48 ? 25   TYR X O    1 
ATOM   207  C  CB   . TYR A 1 25  ? -1.187  16.088  4.716   1.00 18.09 ? 25   TYR X CB   1 
ATOM   208  C  CG   . TYR A 1 25  ? -0.586  17.472  4.635   1.00 19.69 ? 25   TYR X CG   1 
ATOM   209  C  CD1  . TYR A 1 25  ? 0.627   17.754  5.274   1.00 19.83 ? 25   TYR X CD1  1 
ATOM   210  C  CD2  . TYR A 1 25  ? -1.230  18.494  3.929   1.00 20.40 ? 25   TYR X CD2  1 
ATOM   211  C  CE1  . TYR A 1 25  ? 1.200   19.030  5.215   1.00 21.39 ? 25   TYR X CE1  1 
ATOM   212  C  CE2  . TYR A 1 25  ? -0.659  19.779  3.846   1.00 19.76 ? 25   TYR X CE2  1 
ATOM   213  C  CZ   . TYR A 1 25  ? 0.545   20.031  4.511   1.00 20.99 ? 25   TYR X CZ   1 
ATOM   214  O  OH   . TYR A 1 25  ? 1.131   21.280  4.473   1.00 23.44 ? 25   TYR X OH   1 
ATOM   215  N  N    . THR A 1 26  ? 0.053   13.110  5.531   1.00 16.09 ? 26   THR X N    1 
ATOM   216  C  CA   . THR A 1 26  ? -0.061  11.699  5.911   1.00 16.18 ? 26   THR X CA   1 
ATOM   217  C  C    . THR A 1 26  ? 0.223   11.607  7.401   1.00 16.49 ? 26   THR X C    1 
ATOM   218  O  O    . THR A 1 26  ? 0.832   12.509  7.981   1.00 16.73 ? 26   THR X O    1 
ATOM   219  C  CB   . THR A 1 26  ? 0.939   10.856  5.039   1.00 16.60 ? 26   THR X CB   1 
ATOM   220  O  OG1  . THR A 1 26  ? 0.618   11.038  3.656   1.00 15.65 ? 26   THR X OG1  1 
ATOM   221  C  CG2  . THR A 1 26  ? 0.914   9.366   5.366   1.00 15.52 ? 26   THR X CG2  1 
ATOM   222  N  N    . ILE A 1 27  ? -0.215  10.533  8.054   1.00 16.06 ? 27   ILE X N    1 
ATOM   223  C  CA   . ILE A 1 27  ? 0.191   10.303  9.438   1.00 16.76 ? 27   ILE X CA   1 
ATOM   224  C  C    . ILE A 1 27  ? 0.301   8.796   9.708   1.00 16.05 ? 27   ILE X C    1 
ATOM   225  O  O    . ILE A 1 27  ? -0.201  8.000   8.916   1.00 15.74 ? 27   ILE X O    1 
ATOM   226  C  CB   . ILE A 1 27  ? -0.803  10.965  10.429  1.00 16.52 ? 27   ILE X CB   1 
ATOM   227  C  CG1  . ILE A 1 27  ? -0.125  11.207  11.803  1.00 17.89 ? 27   ILE X CG1  1 
ATOM   228  C  CG2  . ILE A 1 27  ? -2.121  10.177  10.484  1.00 17.57 ? 27   ILE X CG2  1 
ATOM   229  C  CD1  . ILE A 1 27  ? -0.724  12.353  12.648  1.00 17.84 ? 27   ILE X CD1  1 
ATOM   230  N  N    . GLY A 1 28  ? 0.938   8.416   10.814  1.00 15.34 ? 28   GLY X N    1 
ATOM   231  C  CA   . GLY A 1 28  ? 0.890   7.014   11.291  1.00 15.18 ? 28   GLY X CA   1 
ATOM   232  C  C    . GLY A 1 28  ? 1.746   6.123   10.405  1.00 15.08 ? 28   GLY X C    1 
ATOM   233  O  O    . GLY A 1 28  ? 2.887   6.473   10.070  1.00 15.01 ? 28   GLY X O    1 
ATOM   234  N  N    . ILE A 1 29  ? 1.157   5.004   9.993   1.00 14.56 ? 29   ILE X N    1 
ATOM   235  C  CA   . ILE A 1 29  ? 1.814   4.040   9.102   1.00 15.54 ? 29   ILE X CA   1 
ATOM   236  C  C    . ILE A 1 29  ? 1.265   4.258   7.687   1.00 15.15 ? 29   ILE X C    1 
ATOM   237  O  O    . ILE A 1 29  ? 0.426   3.514   7.198   1.00 15.45 ? 29   ILE X O    1 
ATOM   238  C  CB   . ILE A 1 29  ? 1.648   2.590   9.651   1.00 14.86 ? 29   ILE X CB   1 
ATOM   239  C  CG1  . ILE A 1 29  ? 2.063   2.538   11.134  1.00 15.52 ? 29   ILE X CG1  1 
ATOM   240  C  CG2  . ILE A 1 29  ? 2.471   1.594   8.840   1.00 13.97 ? 29   ILE X CG2  1 
ATOM   241  C  CD1  . ILE A 1 29  ? 1.530   1.337   11.906  1.00 17.69 ? 29   ILE X CD1  1 
ATOM   242  N  N    . GLY A 1 30  ? 1.696   5.357   7.056   1.00 15.45 ? 30   GLY X N    1 
ATOM   243  C  CA   . GLY A 1 30  ? 1.255   5.683   5.714   1.00 15.30 ? 30   GLY X CA   1 
ATOM   244  C  C    . GLY A 1 30  ? -0.233  5.918   5.565   1.00 14.95 ? 30   GLY X C    1 
ATOM   245  O  O    . GLY A 1 30  ? -0.807  5.577   4.536   1.00 15.90 ? 30   GLY X O    1 
ATOM   246  N  N    . HIS A 1 31  ? -0.873  6.475   6.594   1.00 15.61 ? 31   HIS X N    1 
ATOM   247  C  CA   . HIS A 1 31  ? -2.294  6.829   6.445   1.00 15.21 ? 31   HIS X CA   1 
ATOM   248  C  C    . HIS A 1 31  ? -2.425  8.174   5.728   1.00 15.25 ? 31   HIS X C    1 
ATOM   249  O  O    . HIS A 1 31  ? -2.219  9.228   6.337   1.00 14.02 ? 31   HIS X O    1 
ATOM   250  C  CB   . HIS A 1 31  ? -3.057  6.887   7.771   1.00 15.18 ? 31   HIS X CB   1 
ATOM   251  C  CG   . HIS A 1 31  ? -4.504  7.223   7.569   1.00 16.49 ? 31   HIS X CG   1 
ATOM   252  N  ND1  . HIS A 1 31  ? -5.442  6.264   7.259   1.00 16.41 ? 31   HIS X ND1  1 
ATOM   253  C  CD2  . HIS A 1 31  ? -5.156  8.415   7.534   1.00 18.16 ? 31   HIS X CD2  1 
ATOM   254  C  CE1  . HIS A 1 31  ? -6.620  6.842   7.082   1.00 18.60 ? 31   HIS X CE1  1 
ATOM   255  N  NE2  . HIS A 1 31  ? -6.471  8.149   7.235   1.00 15.93 ? 31   HIS X NE2  1 
ATOM   256  N  N    . LEU A 1 32  ? -2.748  8.126   4.438   1.00 15.67 ? 32   LEU X N    1 
ATOM   257  C  CA   . LEU A 1 32  ? -2.952  9.335   3.639   1.00 16.64 ? 32   LEU X CA   1 
ATOM   258  C  C    . LEU A 1 32  ? -4.141  10.116  4.192   1.00 17.21 ? 32   LEU X C    1 
ATOM   259  O  O    . LEU A 1 32  ? -5.255  9.564   4.349   1.00 17.50 ? 32   LEU X O    1 
ATOM   260  C  CB   . LEU A 1 32  ? -3.168  8.979   2.158   1.00 16.38 ? 32   LEU X CB   1 
ATOM   261  C  CG   . LEU A 1 32  ? -3.549  10.181  1.286   1.00 17.01 ? 32   LEU X CG   1 
ATOM   262  C  CD1  . LEU A 1 32  ? -2.353  11.149  1.223   1.00 15.24 ? 32   LEU X CD1  1 
ATOM   263  C  CD2  . LEU A 1 32  ? -4.004  9.747   -0.094  1.00 17.96 ? 32   LEU X CD2  1 
ATOM   264  N  N    . LEU A 1 33  ? -3.921  11.388  4.504   1.00 17.35 ? 33   LEU X N    1 
ATOM   265  C  CA   . LEU A 1 33  ? -4.997  12.199  5.069   1.00 18.99 ? 33   LEU X CA   1 
ATOM   266  C  C    . LEU A 1 33  ? -5.800  12.915  3.986   1.00 20.74 ? 33   LEU X C    1 
ATOM   267  O  O    . LEU A 1 33  ? -7.036  12.952  4.033   1.00 21.72 ? 33   LEU X O    1 
ATOM   268  C  CB   . LEU A 1 33  ? -4.422  13.188  6.072   1.00 18.10 ? 33   LEU X CB   1 
ATOM   269  C  CG   . LEU A 1 33  ? -3.936  12.544  7.375   1.00 18.68 ? 33   LEU X CG   1 
ATOM   270  C  CD1  . LEU A 1 33  ? -3.086  13.563  8.139   1.00 17.82 ? 33   LEU X CD1  1 
ATOM   271  C  CD2  . LEU A 1 33  ? -5.154  12.062  8.222   1.00 17.07 ? 33   LEU X CD2  1 
ATOM   272  N  N    . THR A 1 34  ? -5.091  13.488  3.014   1.00 21.87 ? 34   THR X N    1 
ATOM   273  C  CA   . THR A 1 34  ? -5.710  14.301  1.971   1.00 22.73 ? 34   THR X CA   1 
ATOM   274  C  C    . THR A 1 34  ? -4.673  14.622  0.918   1.00 23.56 ? 34   THR X C    1 
ATOM   275  O  O    . THR A 1 34  ? -3.485  14.688  1.223   1.00 23.54 ? 34   THR X O    1 
ATOM   276  C  CB   . THR A 1 34  ? -6.286  15.643  2.553   1.00 23.54 ? 34   THR X CB   1 
ATOM   277  O  OG1  . THR A 1 34  ? -6.969  16.373  1.520   1.00 23.17 ? 34   THR X OG1  1 
ATOM   278  C  CG2  . THR A 1 34  ? -5.182  16.517  3.167   1.00 22.56 ? 34   THR X CG2  1 
ATOM   279  N  N    . LYS A 1 35  ? -5.127  14.846  -0.312  1.00 24.82 ? 35   LYS X N    1 
ATOM   280  C  CA   . LYS A 1 35  ? -4.246  15.340  -1.379  1.00 25.97 ? 35   LYS X CA   1 
ATOM   281  C  C    . LYS A 1 35  ? -4.231  16.872  -1.436  1.00 26.17 ? 35   LYS X C    1 
ATOM   282  O  O    . LYS A 1 35  ? -3.510  17.478  -2.247  1.00 26.28 ? 35   LYS X O    1 
ATOM   283  C  CB   . LYS A 1 35  ? -4.629  14.715  -2.723  1.00 26.33 ? 35   LYS X CB   1 
ATOM   284  C  CG   . LYS A 1 35  ? -4.217  13.247  -2.817  1.00 26.31 ? 35   LYS X CG   1 
ATOM   285  C  CD   . LYS A 1 35  ? -4.404  12.670  -4.225  1.00 27.80 ? 35   LYS X CD   1 
ATOM   286  C  CE   . LYS A 1 35  ? -4.146  11.169  -4.185  1.00 31.70 ? 35   LYS X CE   1 
ATOM   287  N  NZ   . LYS A 1 35  ? -4.273  10.538  -5.539  1.00 34.82 ? 35   LYS X NZ   1 
ATOM   288  N  N    . SER A 1 36  ? -5.002  17.502  -0.557  1.00 26.10 ? 36   SER X N    1 
ATOM   289  C  CA   . SER A 1 36  ? -5.030  18.960  -0.493  1.00 26.54 ? 36   SER X CA   1 
ATOM   290  C  C    . SER A 1 36  ? -3.743  19.554  0.063   1.00 26.49 ? 36   SER X C    1 
ATOM   291  O  O    . SER A 1 36  ? -3.154  19.018  1.013   1.00 25.56 ? 36   SER X O    1 
ATOM   292  C  CB   . SER A 1 36  ? -6.232  19.471  0.299   1.00 26.43 ? 36   SER X CB   1 
ATOM   293  O  OG   . SER A 1 36  ? -5.995  20.788  0.748   1.00 27.31 ? 36   SER X OG   1 
ATOM   294  N  N    . PRO A 1 37  ? -3.287  20.671  -0.541  1.00 26.55 ? 37   PRO X N    1 
ATOM   295  C  CA   . PRO A 1 37  ? -2.131  21.385  0.012   1.00 26.58 ? 37   PRO X CA   1 
ATOM   296  C  C    . PRO A 1 37  ? -2.405  22.122  1.325   1.00 26.77 ? 37   PRO X C    1 
ATOM   297  O  O    . PRO A 1 37  ? -1.502  22.745  1.882   1.00 27.25 ? 37   PRO X O    1 
ATOM   298  C  CB   . PRO A 1 37  ? -1.774  22.381  -1.100  1.00 26.86 ? 37   PRO X CB   1 
ATOM   299  C  CG   . PRO A 1 37  ? -3.060  22.623  -1.792  1.00 26.34 ? 37   PRO X CG   1 
ATOM   300  C  CD   . PRO A 1 37  ? -3.787  21.303  -1.780  1.00 26.39 ? 37   PRO X CD   1 
ATOM   301  N  N    . SER A 1 38  ? -3.630  22.053  1.837   1.00 26.16 ? 38   SER X N    1 
ATOM   302  C  CA   . SER A 1 38  ? -3.951  22.733  3.088   1.00 25.86 ? 38   SER X CA   1 
ATOM   303  C  C    . SER A 1 38  ? -3.692  21.873  4.336   1.00 25.44 ? 38   SER X C    1 
ATOM   304  O  O    . SER A 1 38  ? -4.344  20.832  4.521   1.00 24.74 ? 38   SER X O    1 
ATOM   305  C  CB   . SER A 1 38  ? -5.418  23.184  3.060   1.00 25.84 ? 38   SER X CB   1 
ATOM   306  O  OG   . SER A 1 38  ? -5.823  23.611  4.341   1.00 26.74 ? 38   SER X OG   1 
ATOM   307  N  N    . LEU A 1 39  ? -2.761  22.305  5.190   1.00 25.03 ? 39   LEU X N    1 
ATOM   308  C  CA   . LEU A 1 39  ? -2.494  21.615  6.462   1.00 25.21 ? 39   LEU X CA   1 
ATOM   309  C  C    . LEU A 1 39  ? -3.736  21.592  7.362   1.00 25.00 ? 39   LEU X C    1 
ATOM   310  O  O    . LEU A 1 39  ? -3.986  20.597  8.068   1.00 23.01 ? 39   LEU X O    1 
ATOM   311  C  CB   . LEU A 1 39  ? -1.291  22.207  7.218   1.00 25.87 ? 39   LEU X CB   1 
ATOM   312  C  CG   . LEU A 1 39  ? -0.947  21.515  8.550   1.00 25.93 ? 39   LEU X CG   1 
ATOM   313  C  CD1  . LEU A 1 39  ? -0.582  20.024  8.350   1.00 24.11 ? 39   LEU X CD1  1 
ATOM   314  C  CD2  . LEU A 1 39  ? 0.146   22.246  9.318   1.00 26.01 ? 39   LEU X CD2  1 
ATOM   315  N  N    . ASN A 1 40  ? -4.518  22.677  7.322   1.00 24.18 ? 40   ASN X N    1 
ATOM   316  C  CA   . ASN A 1 40  ? -5.761  22.717  8.078   1.00 24.55 ? 40   ASN X CA   1 
ATOM   317  C  C    . ASN A 1 40  ? -6.740  21.637  7.601   1.00 23.64 ? 40   ASN X C    1 
ATOM   318  O  O    . ASN A 1 40  ? -7.400  20.995  8.427   1.00 24.41 ? 40   ASN X O    1 
ATOM   319  C  CB   . ASN A 1 40  ? -6.405  24.108  8.036   1.00 25.30 ? 40   ASN X CB   1 
ATOM   320  C  CG   . ASN A 1 40  ? -5.795  25.068  9.049   1.00 27.62 ? 40   ASN X CG   1 
ATOM   321  O  OD1  . ASN A 1 40  ? -5.331  24.666  10.114  1.00 33.11 ? 40   ASN X OD1  1 
ATOM   322  N  ND2  . ASN A 1 40  ? -5.806  26.350  8.717   1.00 32.24 ? 40   ASN X ND2  1 
ATOM   323  N  N    . ALA A 1 41  ? -6.808  21.438  6.288   1.00 22.55 ? 41   ALA X N    1 
ATOM   324  C  CA   . ALA A 1 41  ? -7.656  20.404  5.688   1.00 22.11 ? 41   ALA X CA   1 
ATOM   325  C  C    . ALA A 1 41  ? -7.214  19.022  6.170   1.00 21.39 ? 41   ALA X C    1 
ATOM   326  O  O    . ALA A 1 41  ? -8.045  18.176  6.501   1.00 20.43 ? 41   ALA X O    1 
ATOM   327  C  CB   . ALA A 1 41  ? -7.627  20.478  4.173   1.00 21.94 ? 41   ALA X CB   1 
ATOM   328  N  N    . ALA A 1 42  ? -5.898  18.817  6.217   1.00 20.51 ? 42   ALA X N    1 
ATOM   329  C  CA   . ALA A 1 42  ? -5.321  17.553  6.703   1.00 19.72 ? 42   ALA X CA   1 
ATOM   330  C  C    . ALA A 1 42  ? -5.664  17.313  8.170   1.00 19.60 ? 42   ALA X C    1 
ATOM   331  O  O    . ALA A 1 42  ? -6.044  16.202  8.557   1.00 18.79 ? 42   ALA X O    1 
ATOM   332  C  CB   . ALA A 1 42  ? -3.783  17.565  6.505   1.00 20.07 ? 42   ALA X CB   1 
ATOM   333  N  N    . LYS A 1 43  ? -5.547  18.356  8.987   1.00 18.82 ? 43   LYS X N    1 
ATOM   334  C  CA   . LYS A 1 43  ? -5.857  18.243  10.414  1.00 19.45 ? 43   LYS X CA   1 
ATOM   335  C  C    . LYS A 1 43  ? -7.331  17.917  10.614  1.00 18.24 ? 43   LYS X C    1 
ATOM   336  O  O    . LYS A 1 43  ? -7.667  17.147  11.503  1.00 18.71 ? 43   LYS X O    1 
ATOM   337  C  CB   . LYS A 1 43  ? -5.486  19.519  11.168  1.00 19.33 ? 43   LYS X CB   1 
ATOM   338  C  CG   . LYS A 1 43  ? -3.986  19.656  11.376  1.00 23.35 ? 43   LYS X CG   1 
ATOM   339  C  CD   . LYS A 1 43  ? -3.606  21.044  11.889  1.00 25.57 ? 43   LYS X CD   1 
ATOM   340  C  CE   . LYS A 1 43  ? -2.171  21.031  12.417  1.00 27.37 ? 43   LYS X CE   1 
ATOM   341  N  NZ   . LYS A 1 43  ? -1.764  22.343  12.999  1.00 30.42 ? 43   LYS X NZ   1 
ATOM   342  N  N    . SER A 1 44  ? -8.190  18.487  9.777   1.00 18.72 ? 44   SER X N    1 
ATOM   343  C  CA   . SER A 1 44  ? -9.628  18.161  9.814   1.00 18.82 ? 44   SER X CA   1 
ATOM   344  C  C    . SER A 1 44  ? -9.874  16.668  9.532   1.00 18.03 ? 44   SER X C    1 
ATOM   345  O  O    . SER A 1 44  ? -10.609 15.994  10.275  1.00 16.98 ? 44   SER X O    1 
ATOM   346  C  CB   . SER A 1 44  ? -10.417 19.022  8.834   1.00 19.67 ? 44   SER X CB   1 
ATOM   347  O  OG   . SER A 1 44  ? -11.800 18.787  9.005   1.00 24.44 ? 44   SER X OG   1 
ATOM   348  N  N    . GLU A 1 45  ? -9.250  16.169  8.466   1.00 17.64 ? 45   GLU X N    1 
ATOM   349  C  CA   . GLU A 1 45  ? -9.362  14.757  8.092   1.00 18.12 ? 45   GLU X CA   1 
ATOM   350  C  C    . GLU A 1 45  ? -8.843  13.865  9.226   1.00 17.56 ? 45   GLU X C    1 
ATOM   351  O  O    . GLU A 1 45  ? -9.470  12.842  9.566   1.00 18.40 ? 45   GLU X O    1 
ATOM   352  C  CB   . GLU A 1 45  ? -8.622  14.484  6.783   1.00 17.55 ? 45   GLU X CB   1 
ATOM   353  C  CG   . GLU A 1 45  ? -9.287  15.065  5.530   1.00 19.54 ? 45   GLU X CG   1 
ATOM   354  C  CD   . GLU A 1 45  ? -10.684 14.505  5.267   1.00 23.58 ? 45   GLU X CD   1 
ATOM   355  O  OE1  . GLU A 1 45  ? -10.893 13.266  5.337   1.00 24.22 ? 45   GLU X OE1  1 
ATOM   356  O  OE2  . GLU A 1 45  ? -11.581 15.316  4.982   1.00 24.64 ? 45   GLU X OE2  1 
ATOM   357  N  N    . LEU A 1 46  ? -7.718  14.262  9.819   1.00 16.83 ? 46   LEU X N    1 
ATOM   358  C  CA   . LEU A 1 46  ? -7.134  13.509  10.926  1.00 16.99 ? 46   LEU X CA   1 
ATOM   359  C  C    . LEU A 1 46  ? -8.108  13.429  12.102  1.00 17.42 ? 46   LEU X C    1 
ATOM   360  O  O    . LEU A 1 46  ? -8.379  12.351  12.625  1.00 17.55 ? 46   LEU X O    1 
ATOM   361  C  CB   . LEU A 1 46  ? -5.803  14.108  11.369  1.00 16.65 ? 46   LEU X CB   1 
ATOM   362  C  CG   . LEU A 1 46  ? -5.141  13.424  12.555  1.00 16.75 ? 46   LEU X CG   1 
ATOM   363  C  CD1  . LEU A 1 46  ? -4.944  11.918  12.317  1.00 17.77 ? 46   LEU X CD1  1 
ATOM   364  C  CD2  . LEU A 1 46  ? -3.806  14.118  12.874  1.00 16.52 ? 46   LEU X CD2  1 
ATOM   365  N  N    . ASP A 1 47  ? -8.646  14.574  12.504  1.00 17.14 ? 47   ASP X N    1 
ATOM   366  C  CA   . ASP A 1 47  ? -9.597  14.623  13.610  1.00 17.84 ? 47   ASP X CA   1 
ATOM   367  C  C    . ASP A 1 47  ? -10.824 13.722  13.358  1.00 17.97 ? 47   ASP X C    1 
ATOM   368  O  O    . ASP A 1 47  ? -11.298 13.009  14.276  1.00 17.93 ? 47   ASP X O    1 
ATOM   369  C  CB   . ASP A 1 47  ? -10.031 16.077  13.853  1.00 18.51 ? 47   ASP X CB   1 
ATOM   370  C  CG   . ASP A 1 47  ? -8.921  16.946  14.480  1.00 19.59 ? 47   ASP X CG   1 
ATOM   371  O  OD1  . ASP A 1 47  ? -7.827  16.455  14.866  1.00 20.96 ? 47   ASP X OD1  1 
ATOM   372  O  OD2  . ASP A 1 47  ? -9.180  18.162  14.614  1.00 20.16 ? 47   ASP X OD2  1 
ATOM   373  N  N    . LYS A 1 48  ? -11.315 13.749  12.120  1.00 17.77 ? 48   LYS X N    1 
ATOM   374  C  CA   . LYS A 1 48  ? -12.464 12.931  11.685  1.00 17.91 ? 48   LYS X CA   1 
ATOM   375  C  C    . LYS A 1 48  ? -12.106 11.437  11.738  1.00 17.94 ? 48   LYS X C    1 
ATOM   376  O  O    . LYS A 1 48  ? -12.926 10.616  12.136  1.00 18.09 ? 48   LYS X O    1 
ATOM   377  C  CB   . LYS A 1 48  ? -12.918 13.361  10.281  1.00 17.50 ? 48   LYS X CB   1 
ATOM   378  C  CG   . LYS A 1 48  ? -13.890 12.399  9.541   1.00 17.69 ? 48   LYS X CG   1 
ATOM   379  C  CD   . LYS A 1 48  ? -14.556 13.071  8.303   1.00 18.80 ? 48   LYS X CD   1 
ATOM   380  C  CE   . LYS A 1 48  ? -13.561 13.462  7.238   1.00 21.13 ? 48   LYS X CE   1 
ATOM   381  N  NZ   . LYS A 1 48  ? -13.325 12.380  6.277   1.00 19.35 ? 48   LYS X NZ   1 
ATOM   382  N  N    . ALA A 1 49  ? -10.868 11.111  11.372  1.00 17.85 ? 49   ALA X N    1 
ATOM   383  C  CA   . ALA A 1 49  ? -10.390 9.709   11.361  1.00 18.24 ? 49   ALA X CA   1 
ATOM   384  C  C    . ALA A 1 49  ? -10.254 9.113   12.769  1.00 18.71 ? 49   ALA X C    1 
ATOM   385  O  O    . ALA A 1 49  ? -10.590 7.943   12.999  1.00 19.46 ? 49   ALA X O    1 
ATOM   386  C  CB   . ALA A 1 49  ? -9.057  9.606   10.589  1.00 18.34 ? 49   ALA X CB   1 
ATOM   387  N  N    . ILE A 1 50  ? -9.789  9.932   13.707  1.00 18.54 ? 50   ILE X N    1 
ATOM   388  C  CA   . ILE A 1 50  ? -9.467  9.493   15.065  1.00 19.43 ? 50   ILE X CA   1 
ATOM   389  C  C    . ILE A 1 50  ? -10.628 9.684   16.042  1.00 19.71 ? 50   ILE X C    1 
ATOM   390  O  O    . ILE A 1 50  ? -10.728 8.972   17.057  1.00 19.18 ? 50   ILE X O    1 
ATOM   391  C  CB   . ILE A 1 50  ? -8.228  10.295  15.590  1.00 19.12 ? 50   ILE X CB   1 
ATOM   392  C  CG1  . ILE A 1 50  ? -7.029  10.119  14.631  1.00 20.10 ? 50   ILE X CG1  1 
ATOM   393  C  CG2  . ILE A 1 50  ? -7.886  9.937   17.053  1.00 21.54 ? 50   ILE X CG2  1 
ATOM   394  C  CD1  . ILE A 1 50  ? -6.511  8.686   14.479  1.00 21.51 ? 50   ILE X CD1  1 
ATOM   395  N  N    . GLY A 1 51  ? -11.487 10.663  15.747  1.00 19.77 ? 51   GLY X N    1 
ATOM   396  C  CA   . GLY A 1 51  ? -12.657 10.930  16.581  1.00 20.99 ? 51   GLY X CA   1 
ATOM   397  C  C    . GLY A 1 51  ? -12.391 11.859  17.755  1.00 22.46 ? 51   GLY X C    1 
ATOM   398  O  O    . GLY A 1 51  ? -13.087 11.795  18.772  1.00 23.16 ? 51   GLY X O    1 
ATOM   399  N  N    . ARG A 1 52  ? -11.376 12.713  17.633  1.00 22.22 ? 52   ARG X N    1 
ATOM   400  C  CA   . ARG A 1 52  ? -11.093 13.747  18.630  1.00 23.05 ? 52   ARG X CA   1 
ATOM   401  C  C    . ARG A 1 52  ? -10.248 14.863  18.015  1.00 23.34 ? 52   ARG X C    1 
ATOM   402  O  O    . ARG A 1 52  ? -9.719  14.706  16.924  1.00 21.80 ? 52   ARG X O    1 
ATOM   403  C  CB   . ARG A 1 52  ? -10.345 13.159  19.823  1.00 23.06 ? 52   ARG X CB   1 
ATOM   404  C  CG   . ARG A 1 52  ? -8.952  12.620  19.479  1.00 23.30 ? 52   ARG X CG   1 
ATOM   405  C  CD   . ARG A 1 52  ? -8.245  12.051  20.675  1.00 24.07 ? 52   ARG X CD   1 
ATOM   406  N  NE   . ARG A 1 52  ? -6.910  11.588  20.315  1.00 24.03 ? 52   ARG X NE   1 
ATOM   407  C  CZ   . ARG A 1 52  ? -5.824  12.357  20.320  1.00 24.05 ? 52   ARG X CZ   1 
ATOM   408  N  NH1  . ARG A 1 52  ? -5.906  13.644  20.648  1.00 22.69 ? 52   ARG X NH1  1 
ATOM   409  N  NH2  . ARG A 1 52  ? -4.655  11.847  19.974  1.00 23.84 ? 52   ARG X NH2  1 
ATOM   410  N  N    . ASN A 1 53  ? -10.099 15.966  18.751  1.00 23.93 ? 53   ASN X N    1 
ATOM   411  C  CA   . ASN A 1 53  ? -9.306  17.109  18.314  1.00 24.87 ? 53   ASN X CA   1 
ATOM   412  C  C    . ASN A 1 53  ? -7.831  16.805  18.608  1.00 23.90 ? 53   ASN X C    1 
ATOM   413  O  O    . ASN A 1 53  ? -7.392  16.846  19.756  1.00 24.23 ? 53   ASN X O    1 
ATOM   414  C  CB   . ASN A 1 53  ? -9.801  18.367  19.069  1.00 26.28 ? 53   ASN X CB   1 
ATOM   415  C  CG   . ASN A 1 53  ? -9.302  19.680  18.457  1.00 30.65 ? 53   ASN X CG   1 
ATOM   416  O  OD1  . ASN A 1 53  ? -9.776  20.764  18.836  1.00 36.65 ? 53   ASN X OD1  1 
ATOM   417  N  ND2  . ASN A 1 53  ? -8.351  19.603  17.528  1.00 34.87 ? 53   ASN X ND2  1 
ATOM   418  N  N    . THR A 1 54  ? -7.079  16.448  17.568  1.00 23.91 ? 54   THR X N    1 
ATOM   419  C  CA   . THR A 1 54  ? -5.713  15.923  17.734  1.00 23.07 ? 54   THR X CA   1 
ATOM   420  C  C    . THR A 1 54  ? -4.626  16.987  17.625  1.00 24.47 ? 54   THR X C    1 
ATOM   421  O  O    . THR A 1 54  ? -3.487  16.776  18.085  1.00 24.66 ? 54   THR X O    1 
ATOM   422  C  CB   . THR A 1 54  ? -5.365  14.864  16.650  1.00 22.93 ? 54   THR X CB   1 
ATOM   423  O  OG1  . THR A 1 54  ? -5.321  15.491  15.361  1.00 21.50 ? 54   THR X OG1  1 
ATOM   424  C  CG2  . THR A 1 54  ? -6.377  13.711  16.659  1.00 21.05 ? 54   THR X CG2  1 
ATOM   425  N  N    . ASN A 1 55  ? -4.974  18.098  16.974  1.00 24.87 ? 55   ASN X N    1 
ATOM   426  C  CA   . ASN A 1 55  ? -4.002  19.098  16.515  1.00 25.23 ? 55   ASN X CA   1 
ATOM   427  C  C    . ASN A 1 55  ? -2.735  18.486  15.878  1.00 25.21 ? 55   ASN X C    1 
ATOM   428  O  O    . ASN A 1 55  ? -1.603  18.874  16.202  1.00 26.34 ? 55   ASN X O    1 
ATOM   429  C  CB   . ASN A 1 55  ? -3.659  20.107  17.619  0.50 24.96 ? 55   ASN X CB   1 
ATOM   430  C  CG   . ASN A 1 55  ? -2.973  21.361  17.074  0.50 24.44 ? 55   ASN X CG   1 
ATOM   431  O  OD1  . ASN A 1 55  ? -3.278  21.835  15.977  0.50 23.00 ? 55   ASN X OD1  1 
ATOM   432  N  ND2  . ASN A 1 55  ? -2.039  21.890  17.836  0.50 23.59 ? 55   ASN X ND2  1 
ATOM   433  N  N    . GLY A 1 56  ? -2.949  17.513  14.994  1.00 24.33 ? 56   GLY X N    1 
ATOM   434  C  CA   . GLY A 1 56  ? -1.889  16.973  14.163  1.00 23.78 ? 56   GLY X CA   1 
ATOM   435  C  C    . GLY A 1 56  ? -0.962  15.938  14.782  1.00 22.93 ? 56   GLY X C    1 
ATOM   436  O  O    . GLY A 1 56  ? 0.006   15.568  14.150  1.00 22.90 ? 56   GLY X O    1 
ATOM   437  N  N    . VAL A 1 57  ? -1.250  15.477  16.003  1.00 22.49 ? 57   VAL X N    1 
ATOM   438  C  CA   . VAL A 1 57  ? -0.430  14.459  16.682  1.00 22.07 ? 57   VAL X CA   1 
ATOM   439  C  C    . VAL A 1 57  ? -1.343  13.321  17.154  1.00 21.62 ? 57   VAL X C    1 
ATOM   440  O  O    . VAL A 1 57  ? -2.438  13.568  17.673  1.00 21.29 ? 57   VAL X O    1 
ATOM   441  C  CB   . VAL A 1 57  ? 0.341   15.025  17.914  1.00 23.14 ? 57   VAL X CB   1 
ATOM   442  C  CG1  . VAL A 1 57  ? 1.228   13.972  18.513  1.00 23.94 ? 57   VAL X CG1  1 
ATOM   443  C  CG2  . VAL A 1 57  ? 1.188   16.221  17.524  1.00 23.17 ? 57   VAL X CG2  1 
ATOM   444  N  N    . ILE A 1 58  ? -0.894  12.080  16.969  1.00 20.35 ? 58   ILE X N    1 
ATOM   445  C  CA   . ILE A 1 58  ? -1.625  10.907  17.467  1.00 19.08 ? 58   ILE X CA   1 
ATOM   446  C  C    . ILE A 1 58  ? -0.701  9.981   18.274  1.00 19.62 ? 58   ILE X C    1 
ATOM   447  O  O    . ILE A 1 58  ? 0.529   10.139  18.277  1.00 19.62 ? 58   ILE X O    1 
ATOM   448  C  CB   . ILE A 1 58  ? -2.348  10.116  16.301  1.00 19.18 ? 58   ILE X CB   1 
ATOM   449  C  CG1  . ILE A 1 58  ? -1.324  9.478   15.333  1.00 18.85 ? 58   ILE X CG1  1 
ATOM   450  C  CG2  . ILE A 1 58  ? -3.415  11.007  15.589  1.00 19.40 ? 58   ILE X CG2  1 
ATOM   451  C  CD1  . ILE A 1 58  ? -1.929  8.605   14.257  1.00 17.36 ? 58   ILE X CD1  1 
ATOM   452  N  N    . THR A 1 59  ? -1.286  9.004   18.958  1.00 19.22 ? 59   THR X N    1 
ATOM   453  C  CA   . THR A 1 59  ? -0.483  8.045   19.693  1.00 19.93 ? 59   THR X CA   1 
ATOM   454  C  C    . THR A 1 59  ? -0.170  6.839   18.792  1.00 19.89 ? 59   THR X C    1 
ATOM   455  O  O    . THR A 1 59  ? -0.749  6.683   17.709  1.00 19.38 ? 59   THR X O    1 
ATOM   456  C  CB   . THR A 1 59  ? -1.239  7.537   20.940  1.00 20.30 ? 59   THR X CB   1 
ATOM   457  O  OG1  . THR A 1 59  ? -2.417  6.853   20.505  1.00 20.49 ? 59   THR X OG1  1 
ATOM   458  C  CG2  . THR A 1 59  ? -1.630  8.699   21.847  1.00 20.34 ? 59   THR X CG2  1 
ATOM   459  N  N    . LYS A 1 60  ? 0.724   5.973   19.266  1.00 19.79 ? 60   LYS X N    1 
ATOM   460  C  CA   . LYS A 1 60  ? 1.057   4.752   18.529  1.00 19.55 ? 60   LYS X CA   1 
ATOM   461  C  C    . LYS A 1 60  ? -0.166  3.852   18.387  1.00 18.73 ? 60   LYS X C    1 
ATOM   462  O  O    . LYS A 1 60  ? -0.377  3.270   17.327  1.00 17.36 ? 60   LYS X O    1 
ATOM   463  C  CB   . LYS A 1 60  ? 2.194   3.999   19.206  1.00 19.92 ? 60   LYS X CB   1 
ATOM   464  C  CG   . LYS A 1 60  ? 2.678   2.791   18.418  1.00 21.74 ? 60   LYS X CG   1 
ATOM   465  C  CD   . LYS A 1 60  ? 3.893   2.204   19.111  1.00 25.91 ? 60   LYS X CD   1 
ATOM   466  C  CE   . LYS A 1 60  ? 4.497   1.085   18.300  1.00 29.96 ? 60   LYS X CE   1 
ATOM   467  N  NZ   . LYS A 1 60  ? 5.643   0.495   19.057  1.00 33.24 ? 60   LYS X NZ   1 
ATOM   468  N  N    . ASP A 1 61  ? -0.969  3.749   19.448  1.00 19.13 ? 61   ASP X N    1 
ATOM   469  C  CA   . ASP A 1 61  ? -2.181  2.926   19.401  1.00 19.77 ? 61   ASP X CA   1 
ATOM   470  C  C    . ASP A 1 61  ? -3.135  3.443   18.334  1.00 18.85 ? 61   ASP X C    1 
ATOM   471  O  O    . ASP A 1 61  ? -3.724  2.661   17.582  1.00 17.76 ? 61   ASP X O    1 
ATOM   472  C  CB   . ASP A 1 61  ? -2.898  2.894   20.757  1.00 20.60 ? 61   ASP X CB   1 
ATOM   473  C  CG   . ASP A 1 61  ? -2.169  2.050   21.790  1.00 25.24 ? 61   ASP X CG   1 
ATOM   474  O  OD1  . ASP A 1 61  ? -1.097  1.461   21.482  1.00 27.23 ? 61   ASP X OD1  1 
ATOM   475  O  OD2  . ASP A 1 61  ? -2.685  1.975   22.927  1.00 29.46 ? 61   ASP X OD2  1 
ATOM   476  N  N    . GLU A 1 62  ? -3.295  4.765   18.281  1.00 18.72 ? 62   GLU X N    1 
ATOM   477  C  CA   . GLU A 1 62  ? -4.163  5.366   17.287  1.00 18.21 ? 62   GLU X CA   1 
ATOM   478  C  C    . GLU A 1 62  ? -3.611  5.107   15.882  1.00 17.13 ? 62   GLU X C    1 
ATOM   479  O  O    . GLU A 1 62  ? -4.360  4.787   14.978  1.00 17.18 ? 62   GLU X O    1 
ATOM   480  C  CB   . GLU A 1 62  ? -4.334  6.860   17.558  1.00 18.04 ? 62   GLU X CB   1 
ATOM   481  C  CG   . GLU A 1 62  ? -5.116  7.128   18.843  1.00 20.60 ? 62   GLU X CG   1 
ATOM   482  C  CD   . GLU A 1 62  ? -5.147  8.593   19.259  1.00 20.61 ? 62   GLU X CD   1 
ATOM   483  O  OE1  . GLU A 1 62  ? -4.238  9.371   18.884  1.00 19.10 ? 62   GLU X OE1  1 
ATOM   484  O  OE2  . GLU A 1 62  ? -6.106  8.958   19.977  1.00 22.27 ? 62   GLU X OE2  1 
ATOM   485  N  N    . ALA A 1 63  ? -2.299  5.243   15.713  1.00 16.19 ? 63   ALA X N    1 
ATOM   486  C  CA   . ALA A 1 63  ? -1.664  4.953   14.424  1.00 15.82 ? 63   ALA X CA   1 
ATOM   487  C  C    . ALA A 1 63  ? -1.928  3.503   13.988  1.00 15.31 ? 63   ALA X C    1 
ATOM   488  O  O    . ALA A 1 63  ? -2.292  3.241   12.845  1.00 14.29 ? 63   ALA X O    1 
ATOM   489  C  CB   . ALA A 1 63  ? -0.166  5.248   14.493  1.00 15.93 ? 63   ALA X CB   1 
ATOM   490  N  N    . GLU A 1 64  ? -1.745  2.568   14.917  1.00 15.00 ? 64   GLU X N    1 
ATOM   491  C  CA   . GLU A 1 64  ? -1.972  1.159   14.620  1.00 15.37 ? 64   GLU X CA   1 
ATOM   492  C  C    . GLU A 1 64  ? -3.449  0.874   14.333  1.00 14.73 ? 64   GLU X C    1 
ATOM   493  O  O    . GLU A 1 64  ? -3.763  0.034   13.496  1.00 14.20 ? 64   GLU X O    1 
ATOM   494  C  CB   . GLU A 1 64  ? -1.422  0.290   15.757  1.00 15.60 ? 64   GLU X CB   1 
ATOM   495  C  CG   . GLU A 1 64  ? 0.090   0.276   15.751  1.00 17.20 ? 64   GLU X CG   1 
ATOM   496  C  CD   . GLU A 1 64  ? 0.675   -0.396  16.969  1.00 23.91 ? 64   GLU X CD   1 
ATOM   497  O  OE1  . GLU A 1 64  ? -0.075  -0.655  17.941  1.00 24.58 ? 64   GLU X OE1  1 
ATOM   498  O  OE2  . GLU A 1 64  ? 1.900   -0.639  16.944  1.00 26.69 ? 64   GLU X OE2  1 
ATOM   499  N  N    . LYS A 1 65  ? -4.356  1.578   15.016  1.00 15.23 ? 65   LYS X N    1 
ATOM   500  C  CA   . LYS A 1 65  ? -5.778  1.415   14.721  1.00 15.68 ? 65   LYS X CA   1 
ATOM   501  C  C    . LYS A 1 65  ? -6.111  1.818   13.271  1.00 15.57 ? 65   LYS X C    1 
ATOM   502  O  O    . LYS A 1 65  ? -6.763  1.065   12.553  1.00 15.16 ? 65   LYS X O    1 
ATOM   503  C  CB   . LYS A 1 65  ? -6.648  2.183   15.730  1.00 16.61 ? 65   LYS X CB   1 
ATOM   504  C  CG   . LYS A 1 65  ? -8.148  1.956   15.572  1.00 17.58 ? 65   LYS X CG   1 
ATOM   505  C  CD   . LYS A 1 65  ? -8.855  2.775   16.640  1.00 20.72 ? 65   LYS X CD   1 
ATOM   506  C  CE   . LYS A 1 65  ? -10.346 2.828   16.408  1.00 23.68 ? 65   LYS X CE   1 
ATOM   507  N  NZ   . LYS A 1 65  ? -11.014 1.572   16.859  1.00 23.37 ? 65   LYS X NZ   1 
ATOM   508  N  N    . LEU A 1 66  ? -5.667  3.001   12.846  1.00 15.50 ? 66   LEU X N    1 
ATOM   509  C  CA   . LEU A 1 66  ? -5.879  3.420   11.445  1.00 15.18 ? 66   LEU X CA   1 
ATOM   510  C  C    . LEU A 1 66  ? -5.246  2.430   10.466  1.00 14.82 ? 66   LEU X C    1 
ATOM   511  O  O    . LEU A 1 66  ? -5.818  2.117   9.405   1.00 14.22 ? 66   LEU X O    1 
ATOM   512  C  CB   . LEU A 1 66  ? -5.290  4.804   11.200  1.00 16.12 ? 66   LEU X CB   1 
ATOM   513  C  CG   . LEU A 1 66  ? -5.929  6.037   11.857  1.00 16.70 ? 66   LEU X CG   1 
ATOM   514  C  CD1  . LEU A 1 66  ? -5.183  7.282   11.345  1.00 21.20 ? 66   LEU X CD1  1 
ATOM   515  C  CD2  . LEU A 1 66  ? -7.432  6.153   11.572  1.00 18.87 ? 66   LEU X CD2  1 
ATOM   516  N  N    . PHE A 1 67  ? -4.069  1.940   10.834  1.00 14.25 ? 67   PHE X N    1 
ATOM   517  C  CA   . PHE A 1 67  ? -3.313  1.007   9.985   1.00 14.75 ? 67   PHE X CA   1 
ATOM   518  C  C    . PHE A 1 67  ? -4.117  -0.269  9.743   1.00 15.67 ? 67   PHE X C    1 
ATOM   519  O  O    . PHE A 1 67  ? -4.289  -0.706  8.598   1.00 15.32 ? 67   PHE X O    1 
ATOM   520  C  CB   . PHE A 1 67  ? -1.965  0.719   10.647  1.00 15.21 ? 67   PHE X CB   1 
ATOM   521  C  CG   . PHE A 1 67  ? -1.063  -0.210  9.858   1.00 16.44 ? 67   PHE X CG   1 
ATOM   522  C  CD1  . PHE A 1 67  ? -0.917  -0.072  8.455   1.00 16.46 ? 67   PHE X CD1  1 
ATOM   523  C  CD2  . PHE A 1 67  ? -0.337  -1.206  10.535  1.00 16.91 ? 67   PHE X CD2  1 
ATOM   524  C  CE1  . PHE A 1 67  ? -0.048  -0.925  7.743   1.00 17.43 ? 67   PHE X CE1  1 
ATOM   525  C  CE2  . PHE A 1 67  ? 0.521   -2.055  9.839   1.00 18.16 ? 67   PHE X CE2  1 
ATOM   526  C  CZ   . PHE A 1 67  ? 0.664   -1.907  8.444   1.00 16.14 ? 67   PHE X CZ   1 
ATOM   527  N  N    . ASN A 1 68  ? -4.630  -0.855  10.821  1.00 16.15 ? 68   ASN X N    1 
ATOM   528  C  CA   . ASN A 1 68  ? -5.470  -2.052  10.703  1.00 16.97 ? 68   ASN X CA   1 
ATOM   529  C  C    . ASN A 1 68  ? -6.681  -1.790  9.800   1.00 16.59 ? 68   ASN X C    1 
ATOM   530  O  O    . ASN A 1 68  ? -7.028  -2.608  8.949   1.00 16.69 ? 68   ASN X O    1 
ATOM   531  C  CB   . ASN A 1 68  ? -5.913  -2.508  12.090  1.00 17.80 ? 68   ASN X CB   1 
ATOM   532  C  CG   . ASN A 1 68  ? -6.476  -3.953  12.107  1.00 21.69 ? 68   ASN X CG   1 
ATOM   533  O  OD1  . ASN A 1 68  ? -7.031  -4.468  11.110  1.00 26.37 ? 68   ASN X OD1  1 
ATOM   534  N  ND2  . ASN A 1 68  ? -6.355  -4.594  13.253  1.00 26.48 ? 68   ASN X ND2  1 
ATOM   535  N  N    . GLN A 1 69  ? -7.333  -0.644  9.998   1.00 16.37 ? 69   GLN X N    1 
ATOM   536  C  CA   . GLN A 1 69  ? -8.456  -0.274  9.152   1.00 15.60 ? 69   GLN X CA   1 
ATOM   537  C  C    . GLN A 1 69  ? -8.061  -0.170  7.683   1.00 15.85 ? 69   GLN X C    1 
ATOM   538  O  O    . GLN A 1 69  ? -8.800  -0.630  6.821   1.00 15.00 ? 69   GLN X O    1 
ATOM   539  C  CB   . GLN A 1 69  ? -9.056  1.049   9.614   1.00 16.27 ? 69   GLN X CB   1 
ATOM   540  C  CG   . GLN A 1 69  ? -9.778  0.882   10.930  1.00 14.68 ? 69   GLN X CG   1 
ATOM   541  C  CD   . GLN A 1 69  ? -10.347 2.160   11.481  1.00 16.20 ? 69   GLN X CD   1 
ATOM   542  O  OE1  . GLN A 1 69  ? -11.105 2.123   12.460  1.00 17.01 ? 69   GLN X OE1  1 
ATOM   543  N  NE2  . GLN A 1 69  ? -9.996  3.305   10.872  1.00 16.97 ? 69   GLN X NE2  1 
ATOM   544  N  N    . ASP A 1 70  ? -6.912  0.467   7.428   1.00 15.88 ? 70   ASP X N    1 
ATOM   545  C  CA   . ASP A 1 70  ? -6.398  0.673   6.075   1.00 16.46 ? 70   ASP X CA   1 
ATOM   546  C  C    . ASP A 1 70  ? -6.054  -0.639  5.364   1.00 16.10 ? 70   ASP X C    1 
ATOM   547  O  O    . ASP A 1 70  ? -6.381  -0.810  4.176   1.00 16.98 ? 70   ASP X O    1 
ATOM   548  C  CB   . ASP A 1 70  ? -5.168  1.587   6.121   1.00 15.63 ? 70   ASP X CB   1 
ATOM   549  C  CG   . ASP A 1 70  ? -5.533  3.018   6.477   1.00 17.42 ? 70   ASP X CG   1 
ATOM   550  O  OD1  . ASP A 1 70  ? -6.744  3.368   6.475   1.00 14.24 ? 70   ASP X OD1  1 
ATOM   551  O  OD2  . ASP A 1 70  ? -4.598  3.789   6.760   1.00 18.61 ? 70   ASP X OD2  1 
ATOM   552  N  N    . VAL A 1 71  ? -5.434  -1.562  6.097   1.00 16.73 ? 71   VAL X N    1 
ATOM   553  C  CA   . VAL A 1 71  ? -5.142  -2.896  5.531   1.00 17.33 ? 71   VAL X CA   1 
ATOM   554  C  C    . VAL A 1 71  ? -6.463  -3.613  5.173   1.00 18.05 ? 71   VAL X C    1 
ATOM   555  O  O    . VAL A 1 71  ? -6.639  -4.113  4.053   1.00 16.79 ? 71   VAL X O    1 
ATOM   556  C  CB   . VAL A 1 71  ? -4.286  -3.760  6.501   1.00 17.89 ? 71   VAL X CB   1 
ATOM   557  C  CG1  . VAL A 1 71  ? -4.114  -5.200  5.935   1.00 17.54 ? 71   VAL X CG1  1 
ATOM   558  C  CG2  . VAL A 1 71  ? -2.917  -3.102  6.780   1.00 18.42 ? 71   VAL X CG2  1 
ATOM   559  N  N    . ASP A 1 72  ? -7.386  -3.645  6.144   1.00 18.10 ? 72   ASP X N    1 
ATOM   560  C  CA   . ASP A 1 72  ? -8.699  -4.264  5.995   1.00 19.91 ? 72   ASP X CA   1 
ATOM   561  C  C    . ASP A 1 72  ? -9.401  -3.704  4.757   1.00 19.67 ? 72   ASP X C    1 
ATOM   562  O  O    . ASP A 1 72  ? -9.876  -4.454  3.904   1.00 19.26 ? 72   ASP X O    1 
ATOM   563  C  CB   . ASP A 1 72  ? -9.516  -4.001  7.273   1.00 20.68 ? 72   ASP X CB   1 
ATOM   564  C  CG   . ASP A 1 72  ? -10.676 -4.952  7.451   1.00 25.86 ? 72   ASP X CG   1 
ATOM   565  O  OD1  . ASP A 1 72  ? -10.898 -5.835  6.595   1.00 28.91 ? 72   ASP X OD1  1 
ATOM   566  O  OD2  . ASP A 1 72  ? -11.391 -4.797  8.464   1.00 29.96 ? 72   ASP X OD2  1 
ATOM   567  N  N    . ALA A 1 73  ? -9.402  -2.378  4.635   1.00 19.56 ? 73   ALA X N    1 
ATOM   568  C  CA   . ALA A 1 73  ? -10.035 -1.696  3.499   1.00 19.83 ? 73   ALA X CA   1 
ATOM   569  C  C    . ALA A 1 73  ? -9.398  -2.032  2.151   1.00 19.47 ? 73   ALA X C    1 
ATOM   570  O  O    . ALA A 1 73  ? -10.120 -2.160  1.143   1.00 19.98 ? 73   ALA X O    1 
ATOM   571  C  CB   . ALA A 1 73  ? -10.034 -0.178  3.720   1.00 20.89 ? 73   ALA X CB   1 
ATOM   572  N  N    . ALA A 1 74  ? -8.069  -2.177  2.130   1.00 17.98 ? 74   ALA X N    1 
ATOM   573  C  CA   . ALA A 1 74  ? -7.339  -2.496  0.893   1.00 17.87 ? 74   ALA X CA   1 
ATOM   574  C  C    . ALA A 1 74  ? -7.751  -3.904  0.430   1.00 18.15 ? 74   ALA X C    1 
ATOM   575  O  O    . ALA A 1 74  ? -8.065  -4.113  -0.754  1.00 17.96 ? 74   ALA X O    1 
ATOM   576  C  CB   . ALA A 1 74  ? -5.847  -2.436  1.123   1.00 17.06 ? 74   ALA X CB   1 
ATOM   577  N  N    . VAL A 1 75  ? -7.747  -4.842  1.381   1.00 17.54 ? 75   VAL X N    1 
ATOM   578  C  CA   . VAL A 1 75  ? -8.172  -6.228  1.106   1.00 18.93 ? 75   VAL X CA   1 
ATOM   579  C  C    . VAL A 1 75  ? -9.621  -6.239  0.598   1.00 18.98 ? 75   VAL X C    1 
ATOM   580  O  O    . VAL A 1 75  ? -9.931  -6.861  -0.431  1.00 18.41 ? 75   VAL X O    1 
ATOM   581  C  CB   . VAL A 1 75  ? -8.042  -7.115  2.353   1.00 18.89 ? 75   VAL X CB   1 
ATOM   582  C  CG1  . VAL A 1 75  ? -8.670  -8.519  2.078   1.00 20.27 ? 75   VAL X CG1  1 
ATOM   583  C  CG2  . VAL A 1 75  ? -6.599  -7.249  2.730   1.00 19.13 ? 75   VAL X CG2  1 
ATOM   584  N  N    . ARG A 1 76  ? -10.500 -5.551  1.323   1.00 20.07 ? 76   ARG X N    1 
ATOM   585  C  CA   . ARG A 1 76  ? -11.922 -5.519  0.972   1.00 21.65 ? 76   ARG X CA   1 
ATOM   586  C  C    . ARG A 1 76  ? -12.137 -4.904  -0.412  1.00 22.06 ? 76   ARG X C    1 
ATOM   587  O  O    . ARG A 1 76  ? -12.972 -5.389  -1.190  1.00 23.91 ? 76   ARG X O    1 
ATOM   588  C  CB   . ARG A 1 76  ? -12.740 -4.797  2.057   1.00 22.30 ? 76   ARG X CB   1 
ATOM   589  C  CG   . ARG A 1 76  ? -12.822 -5.590  3.467   0.00 26.43 ? 76   ARG X CG   1 
ATOM   590  C  CD   . ARG A 1 76  ? -13.772 -4.915  4.519   0.00 27.71 ? 76   ARG X CD   1 
ATOM   591  N  NE   . ARG A 1 76  ? -13.167 -3.792  5.234   0.00 34.23 ? 76   ARG X NE   1 
ATOM   592  C  CZ   . ARG A 1 76  ? -13.300 -2.503  4.913   0.00 38.04 ? 76   ARG X CZ   1 
ATOM   593  N  NH1  . ARG A 1 76  ? -14.019 -2.128  3.845   0.00 39.20 ? 76   ARG X NH1  1 
ATOM   594  N  NH2  . ARG A 1 76  ? -12.718 -1.577  5.671   0.00 40.60 ? 76   ARG X NH2  1 
ATOM   595  N  N    . GLY A 1 77  ? -11.345 -3.889  -0.739  1.00 22.17 ? 77   GLY X N    1 
ATOM   596  C  CA   . GLY A 1 77  ? -11.337 -3.284  -2.070  1.00 22.11 ? 77   GLY X CA   1 
ATOM   597  C  C    . GLY A 1 77  ? -10.943 -4.249  -3.179  1.00 22.03 ? 77   GLY X C    1 
ATOM   598  O  O    . GLY A 1 77  ? -11.602 -4.315  -4.235  1.00 22.58 ? 77   GLY X O    1 
ATOM   599  N  N    . ILE A 1 78  ? -9.876  -4.999  -2.941  1.00 20.43 ? 78   ILE X N    1 
ATOM   600  C  CA   . ILE A 1 78  ? -9.434  -6.018  -3.884  1.00 20.03 ? 78   ILE X CA   1 
ATOM   601  C  C    . ILE A 1 78  ? -10.575 -6.995  -4.192  1.00 20.25 ? 78   ILE X C    1 
ATOM   602  O  O    . ILE A 1 78  ? -10.874 -7.261  -5.365  1.00 19.79 ? 78   ILE X O    1 
ATOM   603  C  CB   . ILE A 1 78  ? -8.190  -6.780  -3.350  1.00 19.56 ? 78   ILE X CB   1 
ATOM   604  C  CG1  . ILE A 1 78  ? -6.919  -5.919  -3.529  1.00 20.01 ? 78   ILE X CG1  1 
ATOM   605  C  CG2  . ILE A 1 78  ? -8.016  -8.095  -4.104  1.00 19.63 ? 78   ILE X CG2  1 
ATOM   606  C  CD1  . ILE A 1 78  ? -5.731  -6.312  -2.617  1.00 19.29 ? 78   ILE X CD1  1 
ATOM   607  N  N    . LEU A 1 79  ? -11.196 -7.522  -3.132  1.00 20.73 ? 79   LEU X N    1 
ATOM   608  C  CA   . LEU A 1 79  ? -12.264 -8.532  -3.266  1.00 22.21 ? 79   LEU X CA   1 
ATOM   609  C  C    . LEU A 1 79  ? -13.526 -7.999  -3.975  1.00 22.84 ? 79   LEU X C    1 
ATOM   610  O  O    . LEU A 1 79  ? -14.257 -8.774  -4.606  1.00 23.51 ? 79   LEU X O    1 
ATOM   611  C  CB   . LEU A 1 79  ? -12.579 -9.192  -1.900  1.00 22.33 ? 79   LEU X CB   1 
ATOM   612  C  CG   . LEU A 1 79  ? -11.376 -9.846  -1.178  1.00 23.57 ? 79   LEU X CG   1 
ATOM   613  C  CD1  . LEU A 1 79  ? -11.705 -10.318 0.263   1.00 26.81 ? 79   LEU X CD1  1 
ATOM   614  C  CD2  . LEU A 1 79  ? -10.751 -10.992 -1.986  1.00 24.18 ? 79   LEU X CD2  1 
ATOM   615  N  N    . ARG A 1 80  ? -13.750 -6.685  -3.911  1.00 22.59 ? 80   ARG X N    1 
ATOM   616  C  CA   . ARG A 1 80  ? -14.897 -6.045  -4.584  1.00 23.22 ? 80   ARG X CA   1 
ATOM   617  C  C    . ARG A 1 80  ? -14.584 -5.587  -5.999  1.00 23.32 ? 80   ARG X C    1 
ATOM   618  O  O    . ARG A 1 80  ? -15.465 -5.077  -6.715  1.00 23.24 ? 80   ARG X O    1 
ATOM   619  C  CB   . ARG A 1 80  ? -15.396 -4.850  -3.762  1.00 23.21 ? 80   ARG X CB   1 
ATOM   620  C  CG   . ARG A 1 80  ? -16.222 -5.276  -2.547  1.00 26.56 ? 80   ARG X CG   1 
ATOM   621  C  CD   . ARG A 1 80  ? -16.423 -4.126  -1.564  1.00 29.17 ? 80   ARG X CD   1 
ATOM   622  N  NE   . ARG A 1 80  ? -16.916 -4.596  -0.264  1.00 33.96 ? 80   ARG X NE   1 
ATOM   623  N  N    . ASN A 1 81  ? -13.323 -5.731  -6.398  1.00 22.88 ? 81   ASN X N    1 
ATOM   624  C  CA   . ASN A 1 81  ? -12.897 -5.295  -7.721  1.00 22.65 ? 81   ASN X CA   1 
ATOM   625  C  C    . ASN A 1 81  ? -12.870 -6.463  -8.695  1.00 22.83 ? 81   ASN X C    1 
ATOM   626  O  O    . ASN A 1 81  ? -12.160 -7.445  -8.474  1.00 23.28 ? 81   ASN X O    1 
ATOM   627  C  CB   . ASN A 1 81  ? -11.536 -4.580  -7.643  1.00 22.75 ? 81   ASN X CB   1 
ATOM   628  C  CG   . ASN A 1 81  ? -11.110 -3.987  -8.972  1.00 22.63 ? 81   ASN X CG   1 
ATOM   629  O  OD1  . ASN A 1 81  ? -10.960 -4.698  -9.960  1.00 23.23 ? 81   ASN X OD1  1 
ATOM   630  N  ND2  . ASN A 1 81  ? -10.911 -2.675  -9.001  1.00 23.41 ? 81   ASN X ND2  1 
ATOM   631  N  N    . ALA A 1 82  ? -13.645 -6.358  -9.769  1.00 22.42 ? 82   ALA X N    1 
ATOM   632  C  CA   . ALA A 1 82  ? -13.820 -7.467  -10.717 1.00 23.13 ? 82   ALA X CA   1 
ATOM   633  C  C    . ALA A 1 82  ? -12.551 -7.871  -11.465 1.00 22.97 ? 82   ALA X C    1 
ATOM   634  O  O    . ALA A 1 82  ? -12.419 -9.015  -11.881 1.00 23.65 ? 82   ALA X O    1 
ATOM   635  C  CB   . ALA A 1 82  ? -14.946 -7.145  -11.707 1.00 23.38 ? 82   ALA X CB   1 
ATOM   636  N  N    . LYS A 1 83  ? -11.621 -6.933  -11.633 1.00 22.61 ? 83   LYS X N    1 
ATOM   637  C  CA   . LYS A 1 83  ? -10.336 -7.235  -12.248 1.00 22.66 ? 83   LYS X CA   1 
ATOM   638  C  C    . LYS A 1 83  ? -9.318  -7.778  -11.247 1.00 21.44 ? 83   LYS X C    1 
ATOM   639  O  O    . LYS A 1 83  ? -8.541  -8.678  -11.575 1.00 21.62 ? 83   LYS X O    1 
ATOM   640  C  CB   . LYS A 1 83  ? -9.774  -6.007  -12.960 1.00 23.77 ? 83   LYS X CB   1 
ATOM   641  C  CG   . LYS A 1 83  ? -10.573 -5.579  -14.194 1.00 25.86 ? 83   LYS X CG   1 
ATOM   642  C  CD   . LYS A 1 83  ? -9.919  -4.376  -14.858 1.00 29.61 ? 83   LYS X CD   1 
ATOM   643  N  N    . LEU A 1 84  ? -9.331  -7.252  -10.025 1.00 19.56 ? 84   LEU X N    1 
ATOM   644  C  CA   . LEU A 1 84  ? -8.352  -7.662  -9.034  1.00 18.64 ? 84   LEU X CA   1 
ATOM   645  C  C    . LEU A 1 84  ? -8.681  -8.999  -8.370  1.00 18.08 ? 84   LEU X C    1 
ATOM   646  O  O    . LEU A 1 84  ? -7.790  -9.815  -8.156  1.00 17.32 ? 84   LEU X O    1 
ATOM   647  C  CB   . LEU A 1 84  ? -8.142  -6.566  -7.972  1.00 18.61 ? 84   LEU X CB   1 
ATOM   648  C  CG   . LEU A 1 84  ? -7.649  -5.196  -8.479  1.00 19.61 ? 84   LEU X CG   1 
ATOM   649  C  CD1  . LEU A 1 84  ? -7.389  -4.233  -7.316  1.00 20.93 ? 84   LEU X CD1  1 
ATOM   650  C  CD2  . LEU A 1 84  ? -6.381  -5.381  -9.317  1.00 19.72 ? 84   LEU X CD2  1 
ATOM   651  N  N    . LYS A 1 85  ? -9.955  -9.220  -8.050  1.00 17.27 ? 85   LYS X N    1 
ATOM   652  C  CA   . LYS A 1 85  ? -10.320 -10.399 -7.258  1.00 17.80 ? 85   LYS X CA   1 
ATOM   653  C  C    . LYS A 1 85  ? -9.818  -11.735 -7.832  1.00 17.30 ? 85   LYS X C    1 
ATOM   654  O  O    . LYS A 1 85  ? -9.239  -12.526 -7.082  1.00 17.47 ? 85   LYS X O    1 
ATOM   655  C  CB   . LYS A 1 85  ? -11.824 -10.446 -7.003  1.00 17.82 ? 85   LYS X CB   1 
ATOM   656  C  CG   . LYS A 1 85  ? -12.263 -11.640 -6.156  1.00 19.12 ? 85   LYS X CG   1 
ATOM   657  C  CD   . LYS A 1 85  ? -13.770 -11.635 -6.031  1.00 23.60 ? 85   LYS X CD   1 
ATOM   658  C  CE   . LYS A 1 85  ? -14.259 -12.702 -5.069  1.00 25.68 ? 85   LYS X CE   1 
ATOM   659  N  NZ   . LYS A 1 85  ? -13.867 -14.055 -5.514  1.00 30.23 ? 85   LYS X NZ   1 
ATOM   660  N  N    . PRO A 1 86  ? -10.075 -12.013 -9.129  1.00 17.19 ? 86   PRO X N    1 
ATOM   661  C  CA   . PRO A 1 86  ? -9.629  -13.320 -9.642  1.00 17.49 ? 86   PRO X CA   1 
ATOM   662  C  C    . PRO A 1 86  ? -8.107  -13.517 -9.595  1.00 16.57 ? 86   PRO X C    1 
ATOM   663  O  O    . PRO A 1 86  ? -7.619  -14.618 -9.315  1.00 16.93 ? 86   PRO X O    1 
ATOM   664  C  CB   . PRO A 1 86  ? -10.132 -13.343 -11.092 1.00 17.30 ? 86   PRO X CB   1 
ATOM   665  C  CG   . PRO A 1 86  ? -10.507 -11.912 -11.432 1.00 19.19 ? 86   PRO X CG   1 
ATOM   666  C  CD   . PRO A 1 86  ? -10.809 -11.224 -10.149 1.00 17.90 ? 86   PRO X CD   1 
ATOM   667  N  N    . VAL A 1 87  ? -7.356  -12.446 -9.835  1.00 15.93 ? 87   VAL X N    1 
ATOM   668  C  CA   . VAL A 1 87  ? -5.906  -12.533 -9.744  1.00 16.09 ? 87   VAL X CA   1 
ATOM   669  C  C    . VAL A 1 87  ? -5.493  -12.820 -8.291  1.00 15.81 ? 87   VAL X C    1 
ATOM   670  O  O    . VAL A 1 87  ? -4.684  -13.712 -8.015  1.00 15.91 ? 87   VAL X O    1 
ATOM   671  C  CB   . VAL A 1 87  ? -5.223  -11.280 -10.341 1.00 16.11 ? 87   VAL X CB   1 
ATOM   672  C  CG1  . VAL A 1 87  ? -3.702  -11.470 -10.338 1.00 15.94 ? 87   VAL X CG1  1 
ATOM   673  C  CG2  . VAL A 1 87  ? -5.720  -11.033 -11.755 1.00 15.36 ? 87   VAL X CG2  1 
ATOM   674  N  N    . TYR A 1 88  ? -6.068  -12.067 -7.352  1.00 15.83 ? 88   TYR X N    1 
ATOM   675  C  CA   . TYR A 1 88  ? -5.790  -12.254 -5.931  1.00 16.34 ? 88   TYR X CA   1 
ATOM   676  C  C    . TYR A 1 88  ? -6.119  -13.683 -5.488  1.00 16.61 ? 88   TYR X C    1 
ATOM   677  O  O    . TYR A 1 88  ? -5.322  -14.327 -4.803  1.00 14.96 ? 88   TYR X O    1 
ATOM   678  C  CB   . TYR A 1 88  ? -6.623  -11.264 -5.121  1.00 17.14 ? 88   TYR X CB   1 
ATOM   679  C  CG   . TYR A 1 88  ? -6.350  -11.281 -3.652  1.00 17.36 ? 88   TYR X CG   1 
ATOM   680  C  CD1  . TYR A 1 88  ? -5.279  -10.550 -3.114  1.00 17.16 ? 88   TYR X CD1  1 
ATOM   681  C  CD2  . TYR A 1 88  ? -7.179  -11.993 -2.788  1.00 18.65 ? 88   TYR X CD2  1 
ATOM   682  C  CE1  . TYR A 1 88  ? -5.021  -10.554 -1.746  1.00 19.05 ? 88   TYR X CE1  1 
ATOM   683  C  CE2  . TYR A 1 88  ? -6.931  -12.014 -1.427  1.00 20.62 ? 88   TYR X CE2  1 
ATOM   684  C  CZ   . TYR A 1 88  ? -5.839  -11.292 -0.914  1.00 19.84 ? 88   TYR X CZ   1 
ATOM   685  O  OH   . TYR A 1 88  ? -5.596  -11.289 0.431   1.00 20.67 ? 88   TYR X OH   1 
ATOM   686  N  N    . ASP A 1 89  ? -7.288  -14.166 -5.899  1.00 17.01 ? 89   ASP X N    1 
ATOM   687  C  CA   . ASP A 1 89  ? -7.718  -15.531 -5.524  1.00 17.86 ? 89   ASP X CA   1 
ATOM   688  C  C    . ASP A 1 89  ? -6.755  -16.591 -6.053  1.00 17.18 ? 89   ASP X C    1 
ATOM   689  O  O    . ASP A 1 89  ? -6.553  -17.635 -5.419  1.00 17.47 ? 89   ASP X O    1 
ATOM   690  C  CB   . ASP A 1 89  ? -9.134  -15.801 -6.025  1.00 17.89 ? 89   ASP X CB   1 
ATOM   691  C  CG   . ASP A 1 89  ? -10.202 -15.134 -5.160  1.00 20.02 ? 89   ASP X CG   1 
ATOM   692  O  OD1  . ASP A 1 89  ? -9.898  -14.683 -4.036  1.00 22.65 ? 89   ASP X OD1  1 
ATOM   693  O  OD2  . ASP A 1 89  ? -11.351 -15.082 -5.612  1.00 23.58 ? 89   ASP X OD2  1 
ATOM   694  N  N    . SER A 1 90  ? -6.125  -16.296 -7.192  1.00 16.73 ? 90   SER X N    1 
ATOM   695  C  CA   . SER A 1 90  ? -5.196  -17.225 -7.838  1.00 16.46 ? 90   SER X CA   1 
ATOM   696  C  C    . SER A 1 90  ? -3.833  -17.323 -7.127  1.00 16.17 ? 90   SER X C    1 
ATOM   697  O  O    . SER A 1 90  ? -3.069  -18.267 -7.345  1.00 15.99 ? 90   SER X O    1 
ATOM   698  C  CB   . SER A 1 90  ? -4.992  -16.820 -9.300  1.00 16.89 ? 90   SER X CB   1 
ATOM   699  O  OG   . SER A 1 90  ? -4.039  -15.770 -9.422  1.00 16.84 ? 90   SER X OG   1 
ATOM   700  N  N    . LEU A 1 91  ? -3.514  -16.314 -6.306  1.00 15.15 ? 91   LEU X N    1 
ATOM   701  C  CA   . LEU A 1 91  ? -2.201  -16.223 -5.680  1.00 15.72 ? 91   LEU X CA   1 
ATOM   702  C  C    . LEU A 1 91  ? -2.130  -17.002 -4.378  1.00 15.70 ? 91   LEU X C    1 
ATOM   703  O  O    . LEU A 1 91  ? -3.159  -17.218 -3.725  1.00 16.15 ? 91   LEU X O    1 
ATOM   704  C  CB   . LEU A 1 91  ? -1.853  -14.749 -5.377  1.00 15.15 ? 91   LEU X CB   1 
ATOM   705  C  CG   . LEU A 1 91  ? -1.726  -13.820 -6.613  1.00 15.60 ? 91   LEU X CG   1 
ATOM   706  C  CD1  . LEU A 1 91  ? -1.547  -12.380 -6.095  1.00 15.11 ? 91   LEU X CD1  1 
ATOM   707  C  CD2  . LEU A 1 91  ? -0.572  -14.248 -7.492  1.00 14.83 ? 91   LEU X CD2  1 
ATOM   708  N  N    . ASP A 1 92  ? -0.908  -17.404 -4.029  1.00 14.97 ? 92   ASP X N    1 
ATOM   709  C  CA   . ASP A 1 92  ? -0.541  -17.872 -2.676  1.00 15.09 ? 92   ASP X CA   1 
ATOM   710  C  C    . ASP A 1 92  ? -0.516  -16.675 -1.695  1.00 15.44 ? 92   ASP X C    1 
ATOM   711  O  O    . ASP A 1 92  ? -0.502  -15.507 -2.129  1.00 15.41 ? 92   ASP X O    1 
ATOM   712  C  CB   . ASP A 1 92  ? 0.866   -18.472 -2.693  1.00 15.35 ? 92   ASP X CB   1 
ATOM   713  C  CG   . ASP A 1 92  ? 1.905   -17.464 -3.189  1.00 14.75 ? 92   ASP X CG   1 
ATOM   714  O  OD1  . ASP A 1 92  ? 2.032   -17.319 -4.417  1.00 16.49 ? 92   ASP X OD1  1 
ATOM   715  O  OD2  . ASP A 1 92  ? 2.565   -16.790 -2.359  1.00 15.05 ? 92   ASP X OD2  1 
ATOM   716  N  N    . ALA A 1 93  ? -0.484  -16.982 -0.395  1.00 15.39 ? 93   ALA X N    1 
ATOM   717  C  CA   . ALA A 1 93  ? -0.565  -15.949 0.662   1.00 15.31 ? 93   ALA X CA   1 
ATOM   718  C  C    . ALA A 1 93  ? 0.571   -14.899 0.658   1.00 15.60 ? 93   ALA X C    1 
ATOM   719  O  O    . ALA A 1 93  ? 0.329   -13.708 0.970   1.00 14.36 ? 93   ALA X O    1 
ATOM   720  C  CB   . ALA A 1 93  ? -0.719  -16.600 2.059   1.00 15.70 ? 93   ALA X CB   1 
ATOM   721  N  N    . VAL A 1 94  ? 1.779   -15.323 0.318   1.00 15.06 ? 94   VAL X N    1 
ATOM   722  C  CA   . VAL A 1 94  ? 2.918   -14.380 0.258   1.00 14.94 ? 94   VAL X CA   1 
ATOM   723  C  C    . VAL A 1 94  ? 2.690   -13.372 -0.868  1.00 15.47 ? 94   VAL X C    1 
ATOM   724  O  O    . VAL A 1 94  ? 2.762   -12.154 -0.647  1.00 14.90 ? 94   VAL X O    1 
ATOM   725  C  CB   . VAL A 1 94  ? 4.303   -15.090 0.150   1.00 15.83 ? 94   VAL X CB   1 
ATOM   726  C  CG1  . VAL A 1 94  ? 5.447   -14.062 0.001   1.00 14.23 ? 94   VAL X CG1  1 
ATOM   727  C  CG2  . VAL A 1 94  ? 4.573   -16.000 1.378   1.00 14.95 ? 94   VAL X CG2  1 
ATOM   728  N  N    . ARG A 1 95  ? 2.404   -13.864 -2.069  1.00 14.50 ? 95   ARG X N    1 
ATOM   729  C  CA   . ARG A 1 95  ? 2.100   -12.944 -3.181  1.00 14.16 ? 95   ARG X CA   1 
ATOM   730  C  C    . ARG A 1 95  ? 0.829   -12.122 -2.946  1.00 14.38 ? 95   ARG X C    1 
ATOM   731  O  O    . ARG A 1 95  ? 0.750   -10.975 -3.385  1.00 14.09 ? 95   ARG X O    1 
ATOM   732  C  CB   . ARG A 1 95  ? 2.060   -13.686 -4.511  1.00 14.53 ? 95   ARG X CB   1 
ATOM   733  C  CG   . ARG A 1 95  ? 3.429   -14.271 -4.849  1.00 13.42 ? 95   ARG X CG   1 
ATOM   734  C  CD   . ARG A 1 95  ? 3.334   -14.943 -6.190  1.00 13.46 ? 95   ARG X CD   1 
ATOM   735  N  NE   . ARG A 1 95  ? 4.640   -15.376 -6.697  1.00 11.13 ? 95   ARG X NE   1 
ATOM   736  C  CZ   . ARG A 1 95  ? 5.165   -16.584 -6.498  1.00 16.37 ? 95   ARG X CZ   1 
ATOM   737  N  NH1  . ARG A 1 95  ? 4.529   -17.492 -5.748  1.00 16.23 ? 95   ARG X NH1  1 
ATOM   738  N  NH2  . ARG A 1 95  ? 6.343   -16.880 -7.041  1.00 15.28 ? 95   ARG X NH2  1 
ATOM   739  N  N    . ARG A 1 96  ? -0.165  -12.683 -2.250  1.00 13.78 ? 96   ARG X N    1 
ATOM   740  C  CA   . ARG A 1 96  ? -1.304  -11.862 -1.799  1.00 13.93 ? 96   ARG X CA   1 
ATOM   741  C  C    . ARG A 1 96  ? -0.851  -10.616 -0.992  1.00 14.36 ? 96   ARG X C    1 
ATOM   742  O  O    . ARG A 1 96  ? -1.407  -9.528  -1.157  1.00 13.50 ? 96   ARG X O    1 
ATOM   743  C  CB   . ARG A 1 96  ? -2.295  -12.696 -0.990  1.00 14.12 ? 96   ARG X CB   1 
ATOM   744  C  CG   . ARG A 1 96  ? -3.187  -13.495 -1.892  1.00 13.92 ? 96   ARG X CG   1 
ATOM   745  C  CD   . ARG A 1 96  ? -4.134  -14.423 -1.118  1.00 13.24 ? 96   ARG X CD   1 
ATOM   746  N  NE   . ARG A 1 96  ? -4.844  -15.307 -2.043  1.00 15.57 ? 96   ARG X NE   1 
ATOM   747  C  CZ   . ARG A 1 96  ? -5.561  -16.354 -1.642  1.00 17.82 ? 96   ARG X CZ   1 
ATOM   748  N  NH1  . ARG A 1 96  ? -5.657  -16.616 -0.343  1.00 18.94 ? 96   ARG X NH1  1 
ATOM   749  N  NH2  . ARG A 1 96  ? -6.168  -17.149 -2.518  1.00 17.72 ? 96   ARG X NH2  1 
ATOM   750  N  N    . ALA A 1 97  ? 0.115   -10.797 -0.097  1.00 14.45 ? 97   ALA X N    1 
ATOM   751  C  CA   . ALA A 1 97  ? 0.665   -9.667  0.662   1.00 14.88 ? 97   ALA X CA   1 
ATOM   752  C  C    . ALA A 1 97  ? 1.260   -8.588  -0.275  1.00 15.33 ? 97   ALA X C    1 
ATOM   753  O  O    . ALA A 1 97  ? 1.043   -7.389  -0.071  1.00 15.51 ? 97   ALA X O    1 
ATOM   754  C  CB   . ALA A 1 97  ? 1.708   -10.151 1.673   1.00 14.91 ? 97   ALA X CB   1 
ATOM   755  N  N    . ALA A 1 98  ? 1.984   -9.016  -1.302  1.00 14.92 ? 98   ALA X N    1 
ATOM   756  C  CA   . ALA A 1 98  ? 2.543   -8.058  -2.279  1.00 14.70 ? 98   ALA X CA   1 
ATOM   757  C  C    . ALA A 1 98  ? 1.432   -7.252  -2.984  1.00 15.07 ? 98   ALA X C    1 
ATOM   758  O  O    . ALA A 1 98  ? 1.558   -6.039  -3.182  1.00 14.09 ? 98   ALA X O    1 
ATOM   759  C  CB   . ALA A 1 98  ? 3.426   -8.795  -3.292  1.00 13.89 ? 98   ALA X CB   1 
ATOM   760  N  N    . ALA A 1 99  ? 0.358   -7.949  -3.367  1.00 14.44 ? 99   ALA X N    1 
ATOM   761  C  CA   . ALA A 1 99  ? -0.828  -7.329  -3.958  1.00 15.00 ? 99   ALA X CA   1 
ATOM   762  C  C    . ALA A 1 99  ? -1.464  -6.278  -3.050  1.00 15.13 ? 99   ALA X C    1 
ATOM   763  O  O    . ALA A 1 99  ? -1.780  -5.162  -3.515  1.00 14.94 ? 99   ALA X O    1 
ATOM   764  C  CB   . ALA A 1 99  ? -1.878  -8.424  -4.358  1.00 15.46 ? 99   ALA X CB   1 
ATOM   765  N  N    . ILE A 1 100 ? -1.650  -6.637  -1.778  1.00 14.97 ? 100  ILE X N    1 
ATOM   766  C  CA   . ILE A 1 100 ? -2.197  -5.704  -0.783  1.00 14.75 ? 100  ILE X CA   1 
ATOM   767  C  C    . ILE A 1 100 ? -1.304  -4.485  -0.632  1.00 14.45 ? 100  ILE X C    1 
ATOM   768  O  O    . ILE A 1 100 ? -1.813  -3.354  -0.585  1.00 14.55 ? 100  ILE X O    1 
ATOM   769  C  CB   . ILE A 1 100 ? -2.464  -6.370  0.573   1.00 14.79 ? 100  ILE X CB   1 
ATOM   770  C  CG1  . ILE A 1 100 ? -3.478  -7.533  0.429   1.00 14.38 ? 100  ILE X CG1  1 
ATOM   771  C  CG2  . ILE A 1 100 ? -2.970  -5.326  1.631   1.00 13.32 ? 100  ILE X CG2  1 
ATOM   772  C  CD1  . ILE A 1 100 ? -3.405  -8.524  1.624   1.00 14.43 ? 100  ILE X CD1  1 
ATOM   773  N  N    . ASN A 1 101 ? 0.007   -4.726  -0.581  1.00 14.38 ? 101  ASN X N    1 
ATOM   774  C  CA   . ASN A 1 101 ? 1.001   -3.667  -0.444  1.00 14.47 ? 101  ASN X CA   1 
ATOM   775  C  C    . ASN A 1 101 ? 0.811   -2.596  -1.555  1.00 15.02 ? 101  ASN X C    1 
ATOM   776  O  O    . ASN A 1 101 ? 0.697   -1.394  -1.259  1.00 14.50 ? 101  ASN X O    1 
ATOM   777  C  CB   . ASN A 1 101 ? 2.406   -4.286  -0.457  1.00 14.30 ? 101  ASN X CB   1 
ATOM   778  C  CG   . ASN A 1 101 ? 3.477   -3.320  -0.013  1.00 14.71 ? 101  ASN X CG   1 
ATOM   779  O  OD1  . ASN A 1 101 ? 3.593   -2.219  -0.563  1.00 13.71 ? 101  ASN X OD1  1 
ATOM   780  N  ND2  . ASN A 1 101 ? 4.275   -3.720  0.970   1.00 15.09 ? 101  ASN X ND2  1 
ATOM   781  N  N    . MET A 1 102 ? 0.741   -3.037  -2.811  1.00 14.35 ? 102  MET X N    1 
ATOM   782  C  CA   . MET A 1 102 ? 0.530   -2.107  -3.931  1.00 16.06 ? 102  MET X CA   1 
ATOM   783  C  C    . MET A 1 102 ? -0.785  -1.317  -3.842  1.00 15.80 ? 102  MET X C    1 
ATOM   784  O  O    . MET A 1 102 ? -0.810  -0.111  -4.106  1.00 16.53 ? 102  MET X O    1 
ATOM   785  C  CB   . MET A 1 102 ? 0.623   -2.842  -5.275  1.00 15.07 ? 102  MET X CB   1 
ATOM   786  C  CG   . MET A 1 102 ? 2.010   -3.377  -5.580  1.00 15.97 ? 102  MET X CG   1 
ATOM   787  S  SD   . MET A 1 102 ? 2.153   -4.000  -7.265  1.00 17.54 ? 102  MET X SD   1 
ATOM   788  C  CE   . MET A 1 102 ? 2.103   -2.552  -8.312  1.00 17.66 ? 102  MET X CE   1 
ATOM   789  N  N    . VAL A 1 103 ? -1.874  -1.995  -3.485  1.00 15.67 ? 103  VAL X N    1 
ATOM   790  C  CA   . VAL A 1 103 ? -3.169  -1.318  -3.329  1.00 15.98 ? 103  VAL X CA   1 
ATOM   791  C  C    . VAL A 1 103 ? -3.112  -0.273  -2.204  1.00 15.94 ? 103  VAL X C    1 
ATOM   792  O  O    . VAL A 1 103 ? -3.606  0.867   -2.368  1.00 16.96 ? 103  VAL X O    1 
ATOM   793  C  CB   . VAL A 1 103 ? -4.334  -2.329  -3.104  1.00 16.07 ? 103  VAL X CB   1 
ATOM   794  C  CG1  . VAL A 1 103 ? -5.661  -1.601  -2.678  1.00 17.87 ? 103  VAL X CG1  1 
ATOM   795  C  CG2  . VAL A 1 103 ? -4.578  -3.152  -4.389  1.00 16.47 ? 103  VAL X CG2  1 
ATOM   796  N  N    . PHE A 1 104 ? -2.513  -0.662  -1.082  1.00 16.17 ? 104  PHE X N    1 
ATOM   797  C  CA   . PHE A 1 104 ? -2.243  0.260   0.038   1.00 16.47 ? 104  PHE X CA   1 
ATOM   798  C  C    . PHE A 1 104 ? -1.547  1.534   -0.464  1.00 16.88 ? 104  PHE X C    1 
ATOM   799  O  O    . PHE A 1 104 ? -1.948  2.675   -0.119  1.00 16.84 ? 104  PHE X O    1 
ATOM   800  C  CB   . PHE A 1 104 ? -1.405  -0.436  1.123   1.00 16.05 ? 104  PHE X CB   1 
ATOM   801  C  CG   . PHE A 1 104 ? -1.335  0.324   2.430   1.00 16.33 ? 104  PHE X CG   1 
ATOM   802  C  CD1  . PHE A 1 104 ? -0.399  1.346   2.617   1.00 18.12 ? 104  PHE X CD1  1 
ATOM   803  C  CD2  . PHE A 1 104 ? -2.204  0.008   3.481   1.00 18.18 ? 104  PHE X CD2  1 
ATOM   804  C  CE1  . PHE A 1 104 ? -0.352  2.058   3.834   1.00 16.75 ? 104  PHE X CE1  1 
ATOM   805  C  CE2  . PHE A 1 104 ? -2.154  0.693   4.697   1.00 17.09 ? 104  PHE X CE2  1 
ATOM   806  C  CZ   . PHE A 1 104 ? -1.233  1.724   4.874   1.00 17.87 ? 104  PHE X CZ   1 
ATOM   807  N  N    . GLN A 1 105 ? -0.526  1.353   -1.294  1.00 17.37 ? 105  GLN X N    1 
ATOM   808  C  CA   . GLN A 1 105 ? 0.298   2.477   -1.730  1.00 17.96 ? 105  GLN X CA   1 
ATOM   809  C  C    . GLN A 1 105 ? -0.372  3.334   -2.796  1.00 19.82 ? 105  GLN X C    1 
ATOM   810  O  O    . GLN A 1 105 ? -0.288  4.569   -2.737  1.00 19.34 ? 105  GLN X O    1 
ATOM   811  C  CB   . GLN A 1 105 ? 1.665   2.000   -2.237  1.00 18.70 ? 105  GLN X CB   1 
ATOM   812  C  CG   . GLN A 1 105 ? 2.626   3.187   -2.544  1.00 18.46 ? 105  GLN X CG   1 
ATOM   813  C  CD   . GLN A 1 105 ? 3.932   2.769   -3.162  1.00 17.54 ? 105  GLN X CD   1 
ATOM   814  O  OE1  . GLN A 1 105 ? 4.224   1.593   -3.272  1.00 16.55 ? 105  GLN X OE1  1 
ATOM   815  N  NE2  . GLN A 1 105 ? 4.749   3.760   -3.572  1.00 17.24 ? 105  GLN X NE2  1 
ATOM   816  N  N    . MET A 1 106 ? -1.010  2.693   -3.769  1.00 19.60 ? 106  MET X N    1 
ATOM   817  C  CA   A MET A 1 106 ? -1.471  3.447   -4.941  0.50 21.00 ? 106  MET X CA   1 
ATOM   818  C  CA   B MET A 1 106 ? -1.478  3.359   -4.996  0.50 21.98 ? 106  MET X CA   1 
ATOM   819  C  C    . MET A 1 106 ? -2.975  3.446   -5.174  1.00 21.76 ? 106  MET X C    1 
ATOM   820  O  O    . MET A 1 106 ? -3.469  4.127   -6.083  1.00 21.85 ? 106  MET X O    1 
ATOM   821  C  CB   A MET A 1 106 ? -0.693  3.047   -6.209  0.50 20.92 ? 106  MET X CB   1 
ATOM   822  C  CB   B MET A 1 106 ? -0.912  2.642   -6.213  0.50 21.52 ? 106  MET X CB   1 
ATOM   823  C  CG   A MET A 1 106 ? -0.982  1.663   -6.730  0.50 19.69 ? 106  MET X CG   1 
ATOM   824  C  CG   B MET A 1 106 ? 0.473   3.083   -6.560  0.50 22.98 ? 106  MET X CG   1 
ATOM   825  S  SD   A MET A 1 106 ? -0.069  1.236   -8.212  0.50 21.27 ? 106  MET X SD   1 
ATOM   826  S  SD   B MET A 1 106 ? 1.121   2.016   -7.830  0.50 25.13 ? 106  MET X SD   1 
ATOM   827  C  CE   A MET A 1 106 ? 1.517   0.779   -7.537  0.50 19.50 ? 106  MET X CE   1 
ATOM   828  C  CE   B MET A 1 106 ? 1.625   0.618   -6.828  0.50 23.94 ? 106  MET X CE   1 
ATOM   829  N  N    . GLY A 1 107 ? -3.705  2.718   -4.350  1.00 22.82 ? 107  GLY X N    1 
ATOM   830  C  CA   . GLY A 1 107 ? -5.129  2.672   -4.516  1.00 24.76 ? 107  GLY X CA   1 
ATOM   831  C  C    . GLY A 1 107 ? -5.503  1.656   -5.581  1.00 26.29 ? 107  GLY X C    1 
ATOM   832  O  O    . GLY A 1 107 ? -4.752  1.354   -6.524  1.00 25.69 ? 107  GLY X O    1 
ATOM   833  N  N    . GLU A 1 108 ? -6.697  1.141   -5.416  1.00 27.83 ? 108  GLU X N    1 
ATOM   834  C  CA   . GLU A 1 108 ? -7.136  0.031   -6.192  1.00 30.86 ? 108  GLU X CA   1 
ATOM   835  C  C    . GLU A 1 108 ? -7.361  0.376   -7.659  1.00 31.60 ? 108  GLU X C    1 
ATOM   836  O  O    . GLU A 1 108 ? -7.182  -0.479  -8.523  1.00 31.69 ? 108  GLU X O    1 
ATOM   837  C  CB   . GLU A 1 108 ? -8.366  -0.540  -5.527  1.00 31.11 ? 108  GLU X CB   1 
ATOM   838  C  CG   . GLU A 1 108 ? -9.382  -1.023  -6.448  1.00 33.91 ? 108  GLU X CG   1 
ATOM   839  C  CD   . GLU A 1 108 ? -10.649 -1.196  -5.739  1.00 36.29 ? 108  GLU X CD   1 
ATOM   840  O  OE1  . GLU A 1 108 ? -10.586 -1.330  -4.496  1.00 40.19 ? 108  GLU X OE1  1 
ATOM   841  O  OE2  . GLU A 1 108 ? -11.696 -1.189  -6.408  1.00 38.51 ? 108  GLU X OE2  1 
ATOM   842  N  N    . THR A 1 109 ? -7.733  1.627   -7.946  1.00 33.20 ? 109  THR X N    1 
ATOM   843  C  CA   . THR A 1 109 ? -7.925  2.033   -9.335  1.00 34.01 ? 109  THR X CA   1 
ATOM   844  C  C    . THR A 1 109 ? -6.579  2.009   -10.045 1.00 34.53 ? 109  THR X C    1 
ATOM   845  O  O    . THR A 1 109 ? -6.458  1.389   -11.113 1.00 35.12 ? 109  THR X O    1 
ATOM   846  C  CB   . THR A 1 109 ? -8.665  3.399   -9.491  0.50 33.97 ? 109  THR X CB   1 
ATOM   847  O  OG1  . THR A 1 109 ? -7.959  4.434   -8.792  0.50 34.90 ? 109  THR X OG1  1 
ATOM   848  C  CG2  . THR A 1 109 ? -10.074 3.294   -8.944  0.50 33.25 ? 109  THR X CG2  1 
ATOM   849  N  N    . GLY A 1 110 ? -5.575  2.648   -9.436  1.00 34.25 ? 110  GLY X N    1 
ATOM   850  C  CA   . GLY A 1 110 ? -4.199  2.610   -9.925  1.00 34.05 ? 110  GLY X CA   1 
ATOM   851  C  C    . GLY A 1 110 ? -3.705  1.207   -10.260 1.00 34.10 ? 110  GLY X C    1 
ATOM   852  O  O    . GLY A 1 110 ? -3.300  0.935   -11.399 1.00 34.81 ? 110  GLY X O    1 
ATOM   853  N  N    . VAL A 1 111 ? -3.753  0.296   -9.292  1.00 33.17 ? 111  VAL X N    1 
ATOM   854  C  CA   . VAL A 1 111 ? -3.245  -1.065  -9.556  1.00 32.74 ? 111  VAL X CA   1 
ATOM   855  C  C    . VAL A 1 111 ? -4.119  -1.875  -10.524 1.00 32.67 ? 111  VAL X C    1 
ATOM   856  O  O    . VAL A 1 111 ? -3.594  -2.703  -11.277 1.00 32.39 ? 111  VAL X O    1 
ATOM   857  C  CB   . VAL A 1 111 ? -2.764  -1.852  -8.283  1.00 33.13 ? 111  VAL X CB   1 
ATOM   858  C  CG1  . VAL A 1 111 ? -2.942  -1.059  -7.009  1.00 31.96 ? 111  VAL X CG1  1 
ATOM   859  C  CG2  . VAL A 1 111 ? -3.374  -3.237  -8.196  1.00 33.32 ? 111  VAL X CG2  1 
ATOM   860  N  N    . ALA A 1 112 ? -5.429  -1.613  -10.545 1.00 32.11 ? 112  ALA X N    1 
ATOM   861  C  CA   . ALA A 1 112 ? -6.307  -2.270  -11.527 1.00 31.90 ? 112  ALA X CA   1 
ATOM   862  C  C    . ALA A 1 112 ? -5.942  -1.957  -12.997 1.00 31.61 ? 112  ALA X C    1 
ATOM   863  O  O    . ALA A 1 112 ? -6.329  -2.718  -13.900 1.00 31.98 ? 112  ALA X O    1 
ATOM   864  C  CB   . ALA A 1 112 ? -7.781  -1.964  -11.239 1.00 32.14 ? 112  ALA X CB   1 
ATOM   865  N  N    . GLY A 1 113 ? -5.199  -0.866  -13.238 1.00 31.04 ? 113  GLY X N    1 
ATOM   866  C  CA   . GLY A 1 113 ? -4.669  -0.547  -14.597 1.00 30.09 ? 113  GLY X CA   1 
ATOM   867  C  C    . GLY A 1 113 ? -3.299  -1.158  -14.952 1.00 29.77 ? 113  GLY X C    1 
ATOM   868  O  O    . GLY A 1 113 ? -2.683  -0.825  -15.987 1.00 30.81 ? 113  GLY X O    1 
ATOM   869  N  N    . PHE A 1 114 ? -2.804  -2.042  -14.095 1.00 27.39 ? 114  PHE X N    1 
ATOM   870  C  CA   . PHE A 1 114 ? -1.605  -2.820  -14.379 1.00 24.95 ? 114  PHE X CA   1 
ATOM   871  C  C    . PHE A 1 114 ? -2.044  -4.095  -15.119 1.00 24.12 ? 114  PHE X C    1 
ATOM   872  O  O    . PHE A 1 114 ? -1.664  -5.213  -14.744 1.00 22.80 ? 114  PHE X O    1 
ATOM   873  C  CB   . PHE A 1 114 ? -0.906  -3.178  -13.064 1.00 24.48 ? 114  PHE X CB   1 
ATOM   874  C  CG   . PHE A 1 114 ? 0.085   -2.131  -12.576 1.00 24.01 ? 114  PHE X CG   1 
ATOM   875  C  CD1  . PHE A 1 114 ? -0.344  -0.864  -12.169 1.00 25.05 ? 114  PHE X CD1  1 
ATOM   876  C  CD2  . PHE A 1 114 ? 1.446   -2.431  -12.519 1.00 23.96 ? 114  PHE X CD2  1 
ATOM   877  C  CE1  . PHE A 1 114 ? 0.594   0.094   -11.708 1.00 23.48 ? 114  PHE X CE1  1 
ATOM   878  C  CE2  . PHE A 1 114 ? 2.385   -1.491  -12.055 1.00 23.91 ? 114  PHE X CE2  1 
ATOM   879  C  CZ   . PHE A 1 114 ? 1.939   -0.221  -11.663 1.00 23.18 ? 114  PHE X CZ   1 
ATOM   880  N  N    . THR A 1 115 ? -2.820  -3.908  -16.182 1.00 23.20 ? 115  THR X N    1 
ATOM   881  C  CA   . THR A 1 115 ? -3.507  -5.002  -16.867 1.00 22.36 ? 115  THR X CA   1 
ATOM   882  C  C    . THR A 1 115 ? -2.575  -6.114  -17.309 1.00 21.73 ? 115  THR X C    1 
ATOM   883  O  O    . THR A 1 115 ? -2.867  -7.293  -17.107 1.00 20.38 ? 115  THR X O    1 
ATOM   884  C  CB   . THR A 1 115 ? -4.306  -4.491  -18.102 1.00 23.41 ? 115  THR X CB   1 
ATOM   885  O  OG1  . THR A 1 115 ? -5.186  -3.446  -17.690 1.00 24.20 ? 115  THR X OG1  1 
ATOM   886  C  CG2  . THR A 1 115 ? -5.135  -5.626  -18.738 1.00 23.92 ? 115  THR X CG2  1 
ATOM   887  N  N    . ASN A 1 116 ? -1.436  -5.747  -17.890 1.00 20.00 ? 116  ASN X N    1 
ATOM   888  C  CA   . ASN A 1 116 ? -0.560  -6.765  -18.445 1.00 20.33 ? 116  ASN X CA   1 
ATOM   889  C  C    . ASN A 1 116 ? 0.183   -7.519  -17.355 1.00 18.69 ? 116  ASN X C    1 
ATOM   890  O  O    . ASN A 1 116 ? 0.346   -8.726  -17.442 1.00 17.65 ? 116  ASN X O    1 
ATOM   891  C  CB   . ASN A 1 116 ? 0.357   -6.138  -19.501 1.00 21.22 ? 116  ASN X CB   1 
ATOM   892  C  CG   . ASN A 1 116 ? -0.450  -5.508  -20.627 1.00 24.68 ? 116  ASN X CG   1 
ATOM   893  O  OD1  . ASN A 1 116 ? -1.438  -6.100  -21.094 1.00 27.23 ? 116  ASN X OD1  1 
ATOM   894  N  ND2  . ASN A 1 116 ? -0.086  -4.280  -21.031 1.00 26.42 ? 116  ASN X ND2  1 
ATOM   895  N  N    . SER A 1 117 ? 0.594   -6.797  -16.311 1.00 17.75 ? 117  SER X N    1 
ATOM   896  C  CA   . SER A 1 117 ? 1.202   -7.434  -15.141 1.00 17.32 ? 117  SER X CA   1 
ATOM   897  C  C    . SER A 1 117 ? 0.214   -8.368  -14.428 1.00 16.98 ? 117  SER X C    1 
ATOM   898  O  O    . SER A 1 117 ? 0.596   -9.482  -14.046 1.00 16.70 ? 117  SER X O    1 
ATOM   899  C  CB   . SER A 1 117 ? 1.744   -6.405  -14.133 1.00 17.44 ? 117  SER X CB   1 
ATOM   900  O  OG   . SER A 1 117 ? 2.999   -5.872  -14.567 1.00 19.92 ? 117  SER X OG   1 
ATOM   901  N  N    . LEU A 1 118 ? -1.027  -7.895  -14.231 1.00 16.30 ? 118  LEU X N    1 
ATOM   902  C  CA   . LEU A 1 118 ? -2.076  -8.721  -13.607 1.00 16.94 ? 118  LEU X CA   1 
ATOM   903  C  C    . LEU A 1 118 ? -2.234  -10.043 -14.340 1.00 16.87 ? 118  LEU X C    1 
ATOM   904  O  O    . LEU A 1 118 ? -2.349  -11.100 -13.702 1.00 15.60 ? 118  LEU X O    1 
ATOM   905  C  CB   . LEU A 1 118 ? -3.427  -7.999  -13.568 1.00 16.35 ? 118  LEU X CB   1 
ATOM   906  C  CG   . LEU A 1 118 ? -3.549  -6.854  -12.570 1.00 17.20 ? 118  LEU X CG   1 
ATOM   907  C  CD1  . LEU A 1 118 ? -4.775  -6.014  -12.901 1.00 17.77 ? 118  LEU X CD1  1 
ATOM   908  C  CD2  . LEU A 1 118 ? -3.604  -7.418  -11.132 1.00 16.84 ? 118  LEU X CD2  1 
ATOM   909  N  N    . ARG A 1 119 ? -2.235  -9.979  -15.670 1.00 17.37 ? 119  ARG X N    1 
ATOM   910  C  CA   . ARG A 1 119 ? -2.379  -11.204 -16.496 1.00 18.84 ? 119  ARG X CA   1 
ATOM   911  C  C    . ARG A 1 119 ? -1.199  -12.163 -16.291 1.00 17.86 ? 119  ARG X C    1 
ATOM   912  O  O    . ARG A 1 119 ? -1.403  -13.386 -16.097 1.00 17.32 ? 119  ARG X O    1 
ATOM   913  C  CB   . ARG A 1 119 ? -2.557  -10.830 -17.973 1.00 18.66 ? 119  ARG X CB   1 
ATOM   914  C  CG   . ARG A 1 119 ? -2.825  -12.004 -18.926 1.00 21.72 ? 119  ARG X CG   1 
ATOM   915  C  CD   . ARG A 1 119 ? -3.215  -11.500 -20.323 1.00 22.55 ? 119  ARG X CD   1 
ATOM   916  N  NE   . ARG A 1 119 ? -2.213  -10.594 -20.895 0.50 27.48 ? 119  ARG X NE   1 
ATOM   917  C  CZ   . ARG A 1 119 ? -2.387  -9.290  -21.117 0.50 27.91 ? 119  ARG X CZ   1 
ATOM   918  N  NH1  . ARG A 1 119 ? -3.532  -8.685  -20.829 0.50 29.59 ? 119  ARG X NH1  1 
ATOM   919  N  NH2  . ARG A 1 119 ? -1.403  -8.587  -21.646 0.50 29.71 ? 119  ARG X NH2  1 
ATOM   920  N  N    . MET A 1 120 ? 0.027   -11.631 -16.310 1.00 17.39 ? 120  MET X N    1 
ATOM   921  C  CA   . MET A 1 120 ? 1.236   -12.456 -16.051 1.00 17.98 ? 120  MET X CA   1 
ATOM   922  C  C    . MET A 1 120 ? 1.215   -13.106 -14.668 1.00 17.14 ? 120  MET X C    1 
ATOM   923  O  O    . MET A 1 120 ? 1.616   -14.259 -14.514 1.00 16.03 ? 120  MET X O    1 
ATOM   924  C  CB   . MET A 1 120 ? 2.531   -11.654 -16.216 1.00 17.76 ? 120  MET X CB   1 
ATOM   925  C  CG   . MET A 1 120 ? 2.699   -11.175 -17.650 1.00 20.13 ? 120  MET X CG   1 
ATOM   926  S  SD   . MET A 1 120 ? 4.074   -10.054 -17.792 1.00 21.55 ? 120  MET X SD   1 
ATOM   927  C  CE   . MET A 1 120 ? 3.447   -8.948  -19.056 1.00 21.30 ? 120  MET X CE   1 
ATOM   928  N  N    . LEU A 1 121 ? 0.743   -12.366 -13.667 1.00 15.90 ? 121  LEU X N    1 
ATOM   929  C  CA   . LEU A 1 121 ? 0.595   -12.919 -12.320 1.00 15.89 ? 121  LEU X CA   1 
ATOM   930  C  C    . LEU A 1 121 ? -0.415  -14.064 -12.280 1.00 16.02 ? 121  LEU X C    1 
ATOM   931  O  O    . LEU A 1 121 ? -0.137  -15.092 -11.668 1.00 16.37 ? 121  LEU X O    1 
ATOM   932  C  CB   . LEU A 1 121 ? 0.217   -11.841 -11.280 1.00 15.61 ? 121  LEU X CB   1 
ATOM   933  C  CG   . LEU A 1 121 ? 1.296   -10.793 -10.953 1.00 16.58 ? 121  LEU X CG   1 
ATOM   934  C  CD1  . LEU A 1 121 ? 0.707   -9.698  -9.999  1.00 18.55 ? 121  LEU X CD1  1 
ATOM   935  C  CD2  . LEU A 1 121 ? 2.567   -11.419 -10.353 1.00 16.73 ? 121  LEU X CD2  1 
ATOM   936  N  N    . GLN A 1 122 ? -1.582  -13.858 -12.896 1.00 16.11 ? 122  GLN X N    1 
ATOM   937  C  CA   . GLN A 1 122 ? -2.607  -14.916 -12.972 1.00 18.03 ? 122  GLN X CA   1 
ATOM   938  C  C    . GLN A 1 122 ? -2.046  -16.171 -13.649 1.00 17.81 ? 122  GLN X C    1 
ATOM   939  O  O    . GLN A 1 122 ? -2.327  -17.298 -13.219 1.00 17.59 ? 122  GLN X O    1 
ATOM   940  C  CB   . GLN A 1 122 ? -3.879  -14.424 -13.679 1.00 18.34 ? 122  GLN X CB   1 
ATOM   941  C  CG   . GLN A 1 122 ? -4.934  -15.534 -13.848 1.00 22.79 ? 122  GLN X CG   1 
ATOM   942  C  CD   . GLN A 1 122 ? -6.328  -15.161 -13.411 0.50 24.21 ? 122  GLN X CD   1 
ATOM   943  O  OE1  . GLN A 1 122 ? -6.719  -13.999 -13.456 0.50 25.87 ? 122  GLN X OE1  1 
ATOM   944  N  NE2  . GLN A 1 122 ? -7.105  -16.170 -13.006 0.50 24.19 ? 122  GLN X NE2  1 
ATOM   945  N  N    . GLN A 1 123 ? -1.210  -15.949 -14.659 1.00 16.72 ? 123  GLN X N    1 
ATOM   946  C  CA   . GLN A 1 123 ? -0.581  -17.023 -15.453 1.00 17.40 ? 123  GLN X CA   1 
ATOM   947  C  C    . GLN A 1 123 ? 0.606   -17.666 -14.757 1.00 16.17 ? 123  GLN X C    1 
ATOM   948  O  O    . GLN A 1 123 ? 1.154   -18.665 -15.260 1.00 16.24 ? 123  GLN X O    1 
ATOM   949  C  CB   . GLN A 1 123 ? -0.085  -16.445 -16.779 1.00 17.29 ? 123  GLN X CB   1 
ATOM   950  C  CG   . GLN A 1 123 ? -1.178  -16.024 -17.724 1.00 21.23 ? 123  GLN X CG   1 
ATOM   951  C  CD   . GLN A 1 123 ? -0.624  -15.426 -19.002 1.00 25.28 ? 123  GLN X CD   1 
ATOM   952  O  OE1  . GLN A 1 123 ? -0.942  -15.883 -20.096 1.00 29.44 ? 123  GLN X OE1  1 
ATOM   953  N  NE2  . GLN A 1 123 ? 0.231   -14.420 -18.872 1.00 25.64 ? 123  GLN X NE2  1 
ATOM   954  N  N    . LYS A 1 124 ? 1.029   -17.067 -13.640 1.00 15.14 ? 124  LYS X N    1 
ATOM   955  C  CA   . LYS A 1 124 ? 2.202   -17.495 -12.855 1.00 15.73 ? 124  LYS X CA   1 
ATOM   956  C  C    . LYS A 1 124 ? 3.517   -17.408 -13.630 1.00 15.99 ? 124  LYS X C    1 
ATOM   957  O  O    . LYS A 1 124 ? 4.440   -18.201 -13.423 1.00 15.61 ? 124  LYS X O    1 
ATOM   958  C  CB   . LYS A 1 124 ? 1.999   -18.905 -12.214 1.00 16.04 ? 124  LYS X CB   1 
ATOM   959  C  CG   . LYS A 1 124 ? 0.709   -18.991 -11.419 1.00 15.42 ? 124  LYS X CG   1 
ATOM   960  C  CD   . LYS A 1 124 ? 0.760   -20.124 -10.362 1.00 15.49 ? 124  LYS X CD   1 
ATOM   961  C  CE   . LYS A 1 124 ? -0.588  -20.164 -9.633  1.00 16.22 ? 124  LYS X CE   1 
ATOM   962  N  NZ   . LYS A 1 124 ? -0.717  -18.958 -8.750  1.00 16.54 ? 124  LYS X NZ   1 
ATOM   963  N  N    . ARG A 1 125 ? 3.604   -16.404 -14.507 1.00 16.69 ? 125  ARG X N    1 
ATOM   964  C  CA   . ARG A 1 125 ? 4.851   -16.122 -15.242 1.00 17.47 ? 125  ARG X CA   1 
ATOM   965  C  C    . ARG A 1 125 ? 5.605   -15.086 -14.437 1.00 17.13 ? 125  ARG X C    1 
ATOM   966  O  O    . ARG A 1 125 ? 5.615   -13.906 -14.769 1.00 16.73 ? 125  ARG X O    1 
ATOM   967  C  CB   . ARG A 1 125 ? 4.547   -15.561 -16.615 1.00 18.22 ? 125  ARG X CB   1 
ATOM   968  C  CG   . ARG A 1 125 ? 3.308   -16.113 -17.166 1.00 23.24 ? 125  ARG X CG   1 
ATOM   969  C  CD   . ARG A 1 125 ? 3.562   -16.913 -18.331 1.00 29.04 ? 125  ARG X CD   1 
ATOM   970  N  NE   . ARG A 1 125 ? 3.154   -16.169 -19.501 1.00 31.96 ? 125  ARG X NE   1 
ATOM   971  C  CZ   . ARG A 1 125 ? 2.539   -16.712 -20.553 0.50 32.17 ? 125  ARG X CZ   1 
ATOM   972  N  NH1  . ARG A 1 125 ? 2.239   -18.006 -20.578 0.50 33.15 ? 125  ARG X NH1  1 
ATOM   973  N  NH2  . ARG A 1 125 ? 2.217   -15.948 -21.583 0.50 31.11 ? 125  ARG X NH2  1 
ATOM   974  N  N    . TRP A 1 126 ? 6.236   -15.558 -13.373 1.00 16.82 ? 126  TRP X N    1 
ATOM   975  C  CA   . TRP A 1 126 ? 6.705   -14.683 -12.299 1.00 16.28 ? 126  TRP X CA   1 
ATOM   976  C  C    . TRP A 1 126 ? 7.813   -13.730 -12.757 1.00 16.70 ? 126  TRP X C    1 
ATOM   977  O  O    . TRP A 1 126 ? 7.816   -12.546 -12.380 1.00 16.40 ? 126  TRP X O    1 
ATOM   978  C  CB   . TRP A 1 126 ? 7.197   -15.525 -11.134 1.00 15.61 ? 126  TRP X CB   1 
ATOM   979  C  CG   . TRP A 1 126 ? 6.183   -16.485 -10.547 1.00 15.86 ? 126  TRP X CG   1 
ATOM   980  C  CD1  . TRP A 1 126 ? 6.367   -17.836 -10.338 1.00 15.02 ? 126  TRP X CD1  1 
ATOM   981  C  CD2  . TRP A 1 126 ? 4.843   -16.188 -10.113 1.00 15.11 ? 126  TRP X CD2  1 
ATOM   982  N  NE1  . TRP A 1 126 ? 5.230   -18.387 -9.786  1.00 15.69 ? 126  TRP X NE1  1 
ATOM   983  C  CE2  . TRP A 1 126 ? 4.277   -17.405 -9.640  1.00 15.26 ? 126  TRP X CE2  1 
ATOM   984  C  CE3  . TRP A 1 126 ? 4.063   -15.015 -10.063 1.00 15.83 ? 126  TRP X CE3  1 
ATOM   985  C  CZ2  . TRP A 1 126 ? 2.985   -17.477 -9.087  1.00 13.77 ? 126  TRP X CZ2  1 
ATOM   986  C  CZ3  . TRP A 1 126 ? 2.759   -15.095 -9.549  1.00 14.75 ? 126  TRP X CZ3  1 
ATOM   987  C  CH2  . TRP A 1 126 ? 2.237   -16.324 -9.058  1.00 16.71 ? 126  TRP X CH2  1 
ATOM   988  N  N    . ASP A 1 127 ? 8.750   -14.248 -13.551 1.00 16.35 ? 127  ASP X N    1 
ATOM   989  C  CA   . ASP A 1 127 ? 9.867   -13.430 -14.037 1.00 17.43 ? 127  ASP X CA   1 
ATOM   990  C  C    . ASP A 1 127 ? 9.376   -12.373 -15.014 1.00 18.13 ? 127  ASP X C    1 
ATOM   991  O  O    . ASP A 1 127 ? 9.780   -11.204 -14.928 1.00 17.82 ? 127  ASP X O    1 
ATOM   992  C  CB   . ASP A 1 127 ? 10.978  -14.290 -14.657 1.00 17.54 ? 127  ASP X CB   1 
ATOM   993  C  CG   . ASP A 1 127 ? 11.903  -14.910 -13.614 1.00 19.65 ? 127  ASP X CG   1 
ATOM   994  O  OD1  . ASP A 1 127 ? 11.468  -15.184 -12.468 1.00 19.91 ? 127  ASP X OD1  1 
ATOM   995  O  OD2  . ASP A 1 127 ? 13.074  -15.162 -13.968 1.00 20.96 ? 127  ASP X OD2  1 
ATOM   996  N  N    . GLU A 1 128 ? 8.472   -12.766 -15.909 1.00 16.80 ? 128  GLU X N    1 
ATOM   997  C  CA   . GLU A 1 128 ? 7.832   -11.839 -16.844 1.00 17.55 ? 128  GLU X CA   1 
ATOM   998  C  C    . GLU A 1 128 ? 7.043   -10.746 -16.117 1.00 16.84 ? 128  GLU X C    1 
ATOM   999  O  O    . GLU A 1 128 ? 7.108   -9.546  -16.485 1.00 16.29 ? 128  GLU X O    1 
ATOM   1000 C  CB   . GLU A 1 128 ? 6.918   -12.609 -17.804 1.00 18.05 ? 128  GLU X CB   1 
ATOM   1001 C  CG   . GLU A 1 128 ? 7.732   -13.460 -18.797 1.00 21.67 ? 128  GLU X CG   1 
ATOM   1002 C  CD   . GLU A 1 128 ? 6.866   -14.345 -19.656 1.00 28.90 ? 128  GLU X CD   1 
ATOM   1003 O  OE1  . GLU A 1 128 ? 6.365   -13.859 -20.691 1.00 33.01 ? 128  GLU X OE1  1 
ATOM   1004 O  OE2  . GLU A 1 128 ? 6.687   -15.527 -19.297 1.00 31.87 ? 128  GLU X OE2  1 
ATOM   1005 N  N    . ALA A 1 129 ? 6.262   -11.168 -15.117 1.00 15.96 ? 129  ALA X N    1 
ATOM   1006 C  CA   . ALA A 1 129 ? 5.521   -10.229 -14.274 1.00 15.58 ? 129  ALA X CA   1 
ATOM   1007 C  C    . ALA A 1 129 ? 6.473   -9.202  -13.685 1.00 15.52 ? 129  ALA X C    1 
ATOM   1008 O  O    . ALA A 1 129 ? 6.204   -8.011  -13.754 1.00 15.38 ? 129  ALA X O    1 
ATOM   1009 C  CB   . ALA A 1 129 ? 4.746   -10.953 -13.163 1.00 16.07 ? 129  ALA X CB   1 
ATOM   1010 N  N    . ALA A 1 130 ? 7.586   -9.673  -13.121 1.00 15.38 ? 130  ALA X N    1 
ATOM   1011 C  CA   . ALA A 1 130 ? 8.535   -8.807  -12.416 1.00 16.84 ? 130  ALA X CA   1 
ATOM   1012 C  C    . ALA A 1 130 ? 9.142   -7.775  -13.390 1.00 17.36 ? 130  ALA X C    1 
ATOM   1013 O  O    . ALA A 1 130 ? 9.247   -6.596  -13.074 1.00 17.00 ? 130  ALA X O    1 
ATOM   1014 C  CB   . ALA A 1 130 ? 9.604   -9.654  -11.733 1.00 16.71 ? 130  ALA X CB   1 
ATOM   1015 N  N    . VAL A 1 131 ? 9.463   -8.222  -14.601 1.00 17.23 ? 131  VAL X N    1 
ATOM   1016 C  CA   . VAL A 1 131 ? 9.947   -7.307  -15.649 1.00 17.77 ? 131  VAL X CA   1 
ATOM   1017 C  C    . VAL A 1 131 ? 8.902   -6.229  -16.004 1.00 16.77 ? 131  VAL X C    1 
ATOM   1018 O  O    . VAL A 1 131 ? 9.228   -5.047  -16.118 1.00 17.30 ? 131  VAL X O    1 
ATOM   1019 C  CB   . VAL A 1 131 ? 10.429  -8.095  -16.917 1.00 18.08 ? 131  VAL X CB   1 
ATOM   1020 C  CG1  . VAL A 1 131 ? 10.820  -7.146  -18.039 1.00 19.03 ? 131  VAL X CG1  1 
ATOM   1021 C  CG2  . VAL A 1 131 ? 11.615  -8.999  -16.552 1.00 18.94 ? 131  VAL X CG2  1 
ATOM   1022 N  N    . ASN A 1 132 ? 7.653   -6.641  -16.177 1.00 16.95 ? 132  ASN X N    1 
ATOM   1023 C  CA   . ASN A 1 132 ? 6.603   -5.718  -16.573 1.00 16.93 ? 132  ASN X CA   1 
ATOM   1024 C  C    . ASN A 1 132 ? 6.282   -4.712  -15.454 1.00 16.55 ? 132  ASN X C    1 
ATOM   1025 O  O    . ASN A 1 132 ? 6.072   -3.518  -15.707 1.00 16.08 ? 132  ASN X O    1 
ATOM   1026 C  CB   . ASN A 1 132 ? 5.351   -6.478  -16.991 1.00 17.58 ? 132  ASN X CB   1 
ATOM   1027 C  CG   . ASN A 1 132 ? 4.329   -5.580  -17.611 1.00 18.38 ? 132  ASN X CG   1 
ATOM   1028 O  OD1  . ASN A 1 132 ? 3.405   -5.104  -16.943 1.00 20.92 ? 132  ASN X OD1  1 
ATOM   1029 N  ND2  . ASN A 1 132 ? 4.522   -5.276  -18.889 1.00 21.43 ? 132  ASN X ND2  1 
ATOM   1030 N  N    . LEU A 1 133 ? 6.285   -5.198  -14.217 1.00 15.64 ? 133  LEU X N    1 
ATOM   1031 C  CA   . LEU A 1 133 ? 5.990   -4.328  -13.057 1.00 15.56 ? 133  LEU X CA   1 
ATOM   1032 C  C    . LEU A 1 133 ? 6.926   -3.127  -12.948 1.00 15.94 ? 133  LEU X C    1 
ATOM   1033 O  O    . LEU A 1 133 ? 6.510   -2.040  -12.514 1.00 16.66 ? 133  LEU X O    1 
ATOM   1034 C  CB   . LEU A 1 133 ? 6.047   -5.136  -11.761 1.00 15.41 ? 133  LEU X CB   1 
ATOM   1035 C  CG   . LEU A 1 133 ? 4.792   -6.001  -11.507 1.00 14.02 ? 133  LEU X CG   1 
ATOM   1036 C  CD1  . LEU A 1 133 ? 5.030   -7.029  -10.410 1.00 14.98 ? 133  LEU X CD1  1 
ATOM   1037 C  CD2  . LEU A 1 133 ? 3.571   -5.126  -11.154 1.00 17.01 ? 133  LEU X CD2  1 
ATOM   1038 N  N    . ALA A 1 134 ? 8.186   -3.351  -13.310 1.00 15.28 ? 134  ALA X N    1 
ATOM   1039 C  CA   . ALA A 1 134 ? 9.241   -2.336  -13.163 1.00 16.11 ? 134  ALA X CA   1 
ATOM   1040 C  C    . ALA A 1 134 ? 9.123   -1.226  -14.224 1.00 16.66 ? 134  ALA X C    1 
ATOM   1041 O  O    . ALA A 1 134 ? 9.726   -0.143  -14.094 1.00 16.53 ? 134  ALA X O    1 
ATOM   1042 C  CB   . ALA A 1 134 ? 10.635  -3.020  -13.180 1.00 14.55 ? 134  ALA X CB   1 
ATOM   1043 N  N    . LYS A 1 135 ? 8.315   -1.478  -15.260 1.00 16.50 ? 135  LYS X N    1 
ATOM   1044 C  CA   . LYS A 1 135 ? 8.123   -0.526  -16.340 1.00 17.95 ? 135  LYS X CA   1 
ATOM   1045 C  C    . LYS A 1 135 ? 6.967   0.413   -15.962 1.00 16.41 ? 135  LYS X C    1 
ATOM   1046 O  O    . LYS A 1 135 ? 5.900   0.395   -16.562 1.00 15.89 ? 135  LYS X O    1 
ATOM   1047 C  CB   . LYS A 1 135 ? 7.833   -1.288  -17.648 1.00 18.77 ? 135  LYS X CB   1 
ATOM   1048 C  CG   . LYS A 1 135 ? 8.998   -2.162  -18.130 1.00 19.67 ? 135  LYS X CG   1 
ATOM   1049 C  CD   . LYS A 1 135 ? 8.654   -2.872  -19.469 1.00 20.87 ? 135  LYS X CD   1 
ATOM   1050 C  CE   . LYS A 1 135 ? 9.885   -3.598  -20.062 1.00 24.33 ? 135  LYS X CE   1 
ATOM   1051 N  NZ   . LYS A 1 135 ? 9.506   -4.674  -21.072 1.00 25.44 ? 135  LYS X NZ   1 
ATOM   1052 N  N    . SER A 1 136 ? 7.181   1.209   -14.919 1.00 15.54 ? 136  SER X N    1 
ATOM   1053 C  CA   . SER A 1 136 ? 6.093   1.967   -14.318 1.00 14.72 ? 136  SER X CA   1 
ATOM   1054 C  C    . SER A 1 136 ? 6.619   3.229   -13.634 1.00 14.01 ? 136  SER X C    1 
ATOM   1055 O  O    . SER A 1 136 ? 7.766   3.267   -13.161 1.00 12.96 ? 136  SER X O    1 
ATOM   1056 C  CB   . SER A 1 136 ? 5.366   1.114   -13.276 1.00 14.91 ? 136  SER X CB   1 
ATOM   1057 O  OG   . SER A 1 136 ? 6.287   0.628   -12.287 1.00 15.21 ? 136  SER X OG   1 
ATOM   1058 N  N    . ARG A 1 137 ? 5.756   4.241   -13.588 1.00 14.38 ? 137  ARG X N    1 
ATOM   1059 C  CA   . ARG A 1 137 ? 5.997   5.411   -12.748 1.00 15.44 ? 137  ARG X CA   1 
ATOM   1060 C  C    . ARG A 1 137 ? 6.266   4.958   -11.307 1.00 15.15 ? 137  ARG X C    1 
ATOM   1061 O  O    . ARG A 1 137 ? 7.179   5.443   -10.649 1.00 14.05 ? 137  ARG X O    1 
ATOM   1062 C  CB   . ARG A 1 137 ? 4.791   6.368   -12.799 1.00 15.61 ? 137  ARG X CB   1 
ATOM   1063 C  CG   . ARG A 1 137 ? 4.988   7.547   -11.841 1.00 16.00 ? 137  ARG X CG   1 
ATOM   1064 C  CD   . ARG A 1 137 ? 3.865   8.576   -11.830 1.00 16.68 ? 137  ARG X CD   1 
ATOM   1065 N  NE   . ARG A 1 137 ? 4.328   9.784   -11.121 1.00 20.10 ? 137  ARG X NE   1 
ATOM   1066 C  CZ   . ARG A 1 137 ? 4.295   9.968   -9.797  1.00 22.03 ? 137  ARG X CZ   1 
ATOM   1067 N  NH1  . ARG A 1 137 ? 3.814   9.040   -8.989  1.00 22.30 ? 137  ARG X NH1  1 
ATOM   1068 N  NH2  . ARG A 1 137 ? 4.760   11.106  -9.265  1.00 22.76 ? 137  ARG X NH2  1 
ATOM   1069 N  N    . TRP A 1 138 ? 5.463   4.017   -10.812 1.00 14.11 ? 138  TRP X N    1 
ATOM   1070 C  CA   . TRP A 1 138 ? 5.658   3.469   -9.466  1.00 14.65 ? 138  TRP X CA   1 
ATOM   1071 C  C    . TRP A 1 138 ? 7.114   3.066   -9.194  1.00 14.48 ? 138  TRP X C    1 
ATOM   1072 O  O    . TRP A 1 138 ? 7.710   3.491   -8.211  1.00 14.90 ? 138  TRP X O    1 
ATOM   1073 C  CB   . TRP A 1 138 ? 4.751   2.245   -9.306  1.00 14.29 ? 138  TRP X CB   1 
ATOM   1074 C  CG   . TRP A 1 138 ? 4.969   1.416   -8.070  1.00 14.69 ? 138  TRP X CG   1 
ATOM   1075 C  CD1  . TRP A 1 138 ? 4.869   1.830   -6.749  1.00 14.89 ? 138  TRP X CD1  1 
ATOM   1076 C  CD2  . TRP A 1 138 ? 5.248   0.004   -8.028  1.00 13.58 ? 138  TRP X CD2  1 
ATOM   1077 N  NE1  . TRP A 1 138 ? 5.089   0.749   -5.899  1.00 14.58 ? 138  TRP X NE1  1 
ATOM   1078 C  CE2  . TRP A 1 138 ? 5.326   -0.372  -6.654  1.00 14.66 ? 138  TRP X CE2  1 
ATOM   1079 C  CE3  . TRP A 1 138 ? 5.444   -0.975  -9.018  1.00 12.44 ? 138  TRP X CE3  1 
ATOM   1080 C  CZ2  . TRP A 1 138 ? 5.583   -1.697  -6.246  1.00 15.39 ? 138  TRP X CZ2  1 
ATOM   1081 C  CZ3  . TRP A 1 138 ? 5.709   -2.296  -8.620  1.00 14.40 ? 138  TRP X CZ3  1 
ATOM   1082 C  CH2  . TRP A 1 138 ? 5.769   -2.643  -7.232  1.00 15.63 ? 138  TRP X CH2  1 
ATOM   1083 N  N    . TYR A 1 139 ? 7.670   2.226   -10.059 1.00 14.46 ? 139  TYR X N    1 
ATOM   1084 C  CA   . TYR A 1 139 ? 9.042   1.752   -9.901  1.00 15.28 ? 139  TYR X CA   1 
ATOM   1085 C  C    . TYR A 1 139 ? 10.017  2.931   -9.930  1.00 15.31 ? 139  TYR X C    1 
ATOM   1086 O  O    . TYR A 1 139 ? 10.925  3.015   -9.100  1.00 15.15 ? 139  TYR X O    1 
ATOM   1087 C  CB   . TYR A 1 139 ? 9.384   0.782   -11.032 1.00 15.90 ? 139  TYR X CB   1 
ATOM   1088 C  CG   . TYR A 1 139 ? 10.802  0.265   -10.952 1.00 17.85 ? 139  TYR X CG   1 
ATOM   1089 C  CD1  . TYR A 1 139 ? 11.110  -0.842  -10.165 1.00 16.79 ? 139  TYR X CD1  1 
ATOM   1090 C  CD2  . TYR A 1 139 ? 11.833  0.903   -11.644 1.00 19.86 ? 139  TYR X CD2  1 
ATOM   1091 C  CE1  . TYR A 1 139 ? 12.396  -1.334  -10.103 1.00 19.85 ? 139  TYR X CE1  1 
ATOM   1092 C  CE2  . TYR A 1 139 ? 13.143  0.427   -11.582 1.00 21.76 ? 139  TYR X CE2  1 
ATOM   1093 C  CZ   . TYR A 1 139 ? 13.411  -0.685  -10.801 1.00 22.10 ? 139  TYR X CZ   1 
ATOM   1094 O  OH   . TYR A 1 139 ? 14.694  -1.167  -10.739 1.00 25.55 ? 139  TYR X OH   1 
ATOM   1095 N  N    . ASN A 1 140 ? 9.824   3.843   -10.879 1.00 14.90 ? 140  ASN X N    1 
ATOM   1096 C  CA   . ASN A 1 140 ? 10.764  4.977   -11.038 1.00 15.39 ? 140  ASN X CA   1 
ATOM   1097 C  C    . ASN A 1 140 ? 10.726  5.958   -9.866  1.00 15.43 ? 140  ASN X C    1 
ATOM   1098 O  O    . ASN A 1 140 ? 11.753  6.511   -9.510  1.00 16.74 ? 140  ASN X O    1 
ATOM   1099 C  CB   . ASN A 1 140 ? 10.514  5.719   -12.356 1.00 15.48 ? 140  ASN X CB   1 
ATOM   1100 C  CG   . ASN A 1 140 ? 11.056  4.949   -13.558 1.00 18.23 ? 140  ASN X CG   1 
ATOM   1101 O  OD1  . ASN A 1 140 ? 10.310  4.256   -14.274 1.00 19.34 ? 140  ASN X OD1  1 
ATOM   1102 N  ND2  . ASN A 1 140 ? 12.357  5.057   -13.776 1.00 16.76 ? 140  ASN X ND2  1 
ATOM   1103 N  N    . GLN A 1 141 ? 9.559   6.166   -9.267  1.00 14.32 ? 141  GLN X N    1 
ATOM   1104 C  CA   . GLN A 1 141 ? 9.455   7.120   -8.152  1.00 14.35 ? 141  GLN X CA   1 
ATOM   1105 C  C    . GLN A 1 141 ? 9.834   6.505   -6.809  1.00 14.66 ? 141  GLN X C    1 
ATOM   1106 O  O    . GLN A 1 141 ? 10.401  7.197   -5.957  1.00 14.94 ? 141  GLN X O    1 
ATOM   1107 C  CB   . GLN A 1 141 ? 8.068   7.777   -8.088  1.00 14.48 ? 141  GLN X CB   1 
ATOM   1108 C  CG   . GLN A 1 141 ? 7.616   8.452   -9.371  1.00 16.55 ? 141  GLN X CG   1 
ATOM   1109 C  CD   . GLN A 1 141 ? 8.511   9.607   -9.813  1.00 18.94 ? 141  GLN X CD   1 
ATOM   1110 O  OE1  . GLN A 1 141 ? 8.854   9.720   -11.000 1.00 19.36 ? 141  GLN X OE1  1 
ATOM   1111 N  NE2  . GLN A 1 141 ? 8.909   10.458  -8.862  1.00 15.37 ? 141  GLN X NE2  1 
ATOM   1112 N  N    . THR A 1 142 ? 9.555   5.257   -6.514  1.00 20.00 ? 142  THR X N    1 
ATOM   1113 C  CA   . THR A 1 142 ? 9.928   4.517   -5.315  1.00 20.00 ? 142  THR X CA   1 
ATOM   1114 C  C    . THR A 1 142 ? 10.562  3.176   -5.671  1.00 20.00 ? 142  THR X C    1 
ATOM   1115 O  O    . THR A 1 142 ? 9.970   2.125   -5.409  1.00 14.06 ? 142  THR X O    1 
ATOM   1116 C  CB   . THR A 1 142 ? 8.700   4.298   -4.412  1.00 20.00 ? 142  THR X CB   1 
ATOM   1117 O  OG1  . THR A 1 142 ? 7.715   3.532   -5.117  1.00 20.00 ? 142  THR X OG1  1 
ATOM   1118 C  CG2  . THR A 1 142 ? 7.992   5.617   -4.145  1.00 20.00 ? 142  THR X CG2  1 
ATOM   1119 N  N    . PRO A 1 143 ? 11.796  3.272   -6.244  1.00 14.14 ? 143  PRO X N    1 
ATOM   1120 C  CA   . PRO A 1 143 ? 12.451  2.051   -6.737  1.00 13.71 ? 143  PRO X CA   1 
ATOM   1121 C  C    . PRO A 1 143 ? 12.800  1.045   -5.649  1.00 14.23 ? 143  PRO X C    1 
ATOM   1122 O  O    . PRO A 1 143 ? 12.603  -0.143  -5.871  1.00 13.91 ? 143  PRO X O    1 
ATOM   1123 C  CB   . PRO A 1 143 ? 13.702  2.577   -7.484  1.00 14.27 ? 143  PRO X CB   1 
ATOM   1124 C  CG   . PRO A 1 143 ? 13.934  3.975   -6.927  1.00 13.11 ? 143  PRO X CG   1 
ATOM   1125 C  CD   . PRO A 1 143 ? 12.594  4.490   -6.508  1.00 13.18 ? 143  PRO X CD   1 
ATOM   1126 N  N    . ASN A 1 144 ? 13.264  1.491   -4.470  1.00 14.32 ? 144  ASN X N    1 
ATOM   1127 C  CA   . ASN A 1 144 ? 13.661  0.518   -3.448  1.00 15.37 ? 144  ASN X CA   1 
ATOM   1128 C  C    . ASN A 1 144 ? 12.461  -0.272  -2.925  1.00 14.75 ? 144  ASN X C    1 
ATOM   1129 O  O    . ASN A 1 144 ? 12.530  -1.491  -2.792  1.00 14.64 ? 144  ASN X O    1 
ATOM   1130 C  CB   . ASN A 1 144 ? 14.450  1.152   -2.297  1.00 16.15 ? 144  ASN X CB   1 
ATOM   1131 C  CG   . ASN A 1 144 ? 15.838  1.630   -2.739  1.00 20.35 ? 144  ASN X CG   1 
ATOM   1132 O  OD1  . ASN A 1 144 ? 16.210  1.494   -3.901  1.00 23.78 ? 144  ASN X OD1  1 
ATOM   1133 N  ND2  . ASN A 1 144 ? 16.609  2.157   -1.807  1.00 21.85 ? 144  ASN X ND2  1 
ATOM   1134 N  N    . ARG A 1 145 ? 11.367  0.434   -2.666  1.00 14.21 ? 145  ARG X N    1 
ATOM   1135 C  CA   . ARG A 1 145 ? 10.143  -0.212  -2.261  1.00 14.65 ? 145  ARG X CA   1 
ATOM   1136 C  C    . ARG A 1 145 ? 9.577   -1.103  -3.367  1.00 13.71 ? 145  ARG X C    1 
ATOM   1137 O  O    . ARG A 1 145 ? 9.189   -2.244  -3.087  1.00 13.60 ? 145  ARG X O    1 
ATOM   1138 C  CB   . ARG A 1 145 ? 9.097   0.803   -1.824  1.00 14.97 ? 145  ARG X CB   1 
ATOM   1139 C  CG   . ARG A 1 145 ? 7.940   0.139   -1.040  1.00 18.40 ? 145  ARG X CG   1 
ATOM   1140 C  CD   . ARG A 1 145 ? 6.657   0.736   -1.450  1.00 20.29 ? 145  ARG X CD   1 
ATOM   1141 N  NE   . ARG A 1 145 ? 5.487   0.213   -0.728  1.00 19.33 ? 145  ARG X NE   1 
ATOM   1142 C  CZ   . ARG A 1 145 ? 4.716   0.959   0.062   1.00 19.14 ? 145  ARG X CZ   1 
ATOM   1143 N  NH1  . ARG A 1 145 ? 5.016   2.249   0.273   1.00 18.13 ? 145  ARG X NH1  1 
ATOM   1144 N  NH2  . ARG A 1 145 ? 3.670   0.410   0.665   1.00 16.69 ? 145  ARG X NH2  1 
ATOM   1145 N  N    . ALA A 1 146 ? 9.509   -0.596  -4.604  1.00 13.74 ? 146  ALA X N    1 
ATOM   1146 C  CA   . ALA A 1 146 ? 9.011   -1.372  -5.745  1.00 13.75 ? 146  ALA X CA   1 
ATOM   1147 C  C    . ALA A 1 146 ? 9.839   -2.650  -5.919  1.00 14.62 ? 146  ALA X C    1 
ATOM   1148 O  O    . ALA A 1 146 ? 9.275   -3.734  -6.120  1.00 14.06 ? 146  ALA X O    1 
ATOM   1149 C  CB   . ALA A 1 146 ? 9.027   -0.538  -7.035  1.00 14.19 ? 146  ALA X CB   1 
ATOM   1150 N  N    . LYS A 1 147 ? 11.168  -2.526  -5.806  1.00 14.66 ? 147  LYS X N    1 
ATOM   1151 C  CA   . LYS A 1 147 ? 12.061  -3.690  -5.888  1.00 15.43 ? 147  LYS X CA   1 
ATOM   1152 C  C    . LYS A 1 147 ? 11.738  -4.787  -4.843  1.00 14.87 ? 147  LYS X C    1 
ATOM   1153 O  O    . LYS A 1 147 ? 11.753  -5.982  -5.170  1.00 13.87 ? 147  LYS X O    1 
ATOM   1154 C  CB   . LYS A 1 147 ? 13.519  -3.269  -5.779  1.00 15.78 ? 147  LYS X CB   1 
ATOM   1155 C  CG   . LYS A 1 147 ? 14.099  -2.700  -7.081  1.00 17.46 ? 147  LYS X CG   1 
ATOM   1156 C  CD   . LYS A 1 147 ? 15.489  -2.141  -6.828  1.00 18.49 ? 147  LYS X CD   1 
ATOM   1157 C  CE   . LYS A 1 147 ? 16.027  -1.417  -8.057  1.00 25.26 ? 147  LYS X CE   1 
ATOM   1158 N  N    . ARG A 1 148 ? 11.445  -4.379  -3.606  1.00 14.53 ? 148  ARG X N    1 
ATOM   1159 C  CA   . ARG A 1 148 ? 11.040  -5.329  -2.548  1.00 14.25 ? 148  ARG X CA   1 
ATOM   1160 C  C    . ARG A 1 148 ? 9.736   -6.016  -2.915  1.00 14.67 ? 148  ARG X C    1 
ATOM   1161 O  O    . ARG A 1 148 ? 9.624   -7.229  -2.809  1.00 15.01 ? 148  ARG X O    1 
ATOM   1162 C  CB   . ARG A 1 148 ? 10.891  -4.618  -1.187  1.00 13.78 ? 148  ARG X CB   1 
ATOM   1163 C  CG   . ARG A 1 148 ? 12.246  -4.244  -0.557  1.00 12.99 ? 148  ARG X CG   1 
ATOM   1164 C  CD   . ARG A 1 148 ? 12.089  -3.845  0.919   1.00 13.02 ? 148  ARG X CD   1 
ATOM   1165 N  NE   . ARG A 1 148 ? 11.341  -2.586  1.089   1.00 13.70 ? 148  ARG X NE   1 
ATOM   1166 C  CZ   . ARG A 1 148 ? 11.872  -1.357  1.005   1.00 17.72 ? 148  ARG X CZ   1 
ATOM   1167 N  NH1  . ARG A 1 148 ? 13.169  -1.178  0.733   1.00 15.96 ? 148  ARG X NH1  1 
ATOM   1168 N  NH2  . ARG A 1 148 ? 11.097  -0.299  1.190   1.00 15.23 ? 148  ARG X NH2  1 
ATOM   1169 N  N    . VAL A 1 149 ? 8.769   -5.230  -3.378  1.00 14.54 ? 149  VAL X N    1 
ATOM   1170 C  CA   . VAL A 1 149 ? 7.424   -5.767  -3.696  1.00 13.92 ? 149  VAL X CA   1 
ATOM   1171 C  C    . VAL A 1 149 ? 7.530   -6.705  -4.900  1.00 14.74 ? 149  VAL X C    1 
ATOM   1172 O  O    . VAL A 1 149 ? 6.976   -7.821  -4.894  1.00 15.20 ? 149  VAL X O    1 
ATOM   1173 C  CB   . VAL A 1 149 ? 6.415   -4.613  -3.915  1.00 13.36 ? 149  VAL X CB   1 
ATOM   1174 C  CG1  . VAL A 1 149 ? 5.097   -5.143  -4.505  1.00 13.05 ? 149  VAL X CG1  1 
ATOM   1175 C  CG2  . VAL A 1 149 ? 6.179   -3.849  -2.577  1.00 11.53 ? 149  VAL X CG2  1 
ATOM   1176 N  N    . ILE A 1 150 ? 8.283   -6.279  -5.910  1.00 14.32 ? 150  ILE X N    1 
ATOM   1177 C  CA   . ILE A 1 150 ? 8.524   -7.108  -7.121  1.00 14.55 ? 150  ILE X CA   1 
ATOM   1178 C  C    . ILE A 1 150 ? 9.216   -8.442  -6.801  1.00 15.57 ? 150  ILE X C    1 
ATOM   1179 O  O    . ILE A 1 150 ? 8.816   -9.494  -7.326  1.00 15.35 ? 150  ILE X O    1 
ATOM   1180 C  CB   . ILE A 1 150 ? 9.291   -6.333  -8.219  1.00 14.03 ? 150  ILE X CB   1 
ATOM   1181 C  CG1  . ILE A 1 150 ? 8.397   -5.207  -8.784  1.00 13.38 ? 150  ILE X CG1  1 
ATOM   1182 C  CG2  . ILE A 1 150 ? 9.767   -7.310  -9.335  1.00 15.66 ? 150  ILE X CG2  1 
ATOM   1183 C  CD1  . ILE A 1 150 ? 9.132   -4.113  -9.599  1.00 15.19 ? 150  ILE X CD1  1 
ATOM   1184 N  N    . THR A 1 151 ? 10.232  -8.399  -5.943  1.00 15.47 ? 151  THR X N    1 
ATOM   1185 C  CA   . THR A 1 151 ? 10.933  -9.609  -5.515  1.00 16.67 ? 151  THR X CA   1 
ATOM   1186 C  C    . THR A 1 151 ? 9.969   -10.588 -4.845  1.00 15.84 ? 151  THR X C    1 
ATOM   1187 O  O    . THR A 1 151 ? 10.069  -11.807 -5.048  1.00 15.15 ? 151  THR X O    1 
ATOM   1188 C  CB   . THR A 1 151 ? 12.101  -9.275  -4.581  1.00 16.51 ? 151  THR X CB   1 
ATOM   1189 O  OG1  . THR A 1 151 ? 13.155  -8.716  -5.368  1.00 18.95 ? 151  THR X OG1  1 
ATOM   1190 C  CG2  . THR A 1 151 ? 12.633  -10.523 -3.898  1.00 17.55 ? 151  THR X CG2  1 
ATOM   1191 N  N    . THR A 1 152 ? 9.031   -10.035 -4.082  1.00 14.97 ? 152  THR X N    1 
ATOM   1192 C  CA   . THR A 1 152 ? 8.018   -10.820 -3.389  1.00 15.40 ? 152  THR X CA   1 
ATOM   1193 C  C    . THR A 1 152 ? 7.102   -11.512 -4.414  1.00 15.01 ? 152  THR X C    1 
ATOM   1194 O  O    . THR A 1 152 ? 6.864   -12.710 -4.298  1.00 15.58 ? 152  THR X O    1 
ATOM   1195 C  CB   . THR A 1 152 ? 7.230   -9.954  -2.371  1.00 14.21 ? 152  THR X CB   1 
ATOM   1196 O  OG1  . THR A 1 152 ? 8.181   -9.276  -1.512  1.00 13.37 ? 152  THR X OG1  1 
ATOM   1197 C  CG2  . THR A 1 152 ? 6.266   -10.817 -1.514  1.00 14.99 ? 152  THR X CG2  1 
ATOM   1198 N  N    . PHE A 1 153 ? 6.636   -10.761 -5.425  1.00 15.20 ? 153  PHE X N    1 
ATOM   1199 C  CA   . PHE A 1 153 ? 5.858   -11.347 -6.531  1.00 15.61 ? 153  PHE X CA   1 
ATOM   1200 C  C    . PHE A 1 153 ? 6.653   -12.363 -7.352  1.00 16.58 ? 153  PHE X C    1 
ATOM   1201 O  O    . PHE A 1 153 ? 6.119   -13.393 -7.801  1.00 16.26 ? 153  PHE X O    1 
ATOM   1202 C  CB   . PHE A 1 153 ? 5.390   -10.248 -7.486  1.00 15.60 ? 153  PHE X CB   1 
ATOM   1203 C  CG   . PHE A 1 153 ? 4.104   -9.584  -7.086  1.00 16.42 ? 153  PHE X CG   1 
ATOM   1204 C  CD1  . PHE A 1 153 ? 2.940   -10.351 -6.817  1.00 17.37 ? 153  PHE X CD1  1 
ATOM   1205 C  CD2  . PHE A 1 153 ? 4.027   -8.185  -7.018  1.00 14.92 ? 153  PHE X CD2  1 
ATOM   1206 C  CE1  . PHE A 1 153 ? 1.725   -9.729  -6.473  1.00 17.27 ? 153  PHE X CE1  1 
ATOM   1207 C  CE2  . PHE A 1 153 ? 2.796   -7.545  -6.686  1.00 16.80 ? 153  PHE X CE2  1 
ATOM   1208 C  CZ   . PHE A 1 153 ? 1.651   -8.324  -6.404  1.00 16.52 ? 153  PHE X CZ   1 
ATOM   1209 N  N    . ARG A 1 154 ? 7.921   -12.071 -7.581  1.00 16.64 ? 154  ARG X N    1 
ATOM   1210 C  CA   . ARG A 1 154 ? 8.750   -12.950 -8.415  1.00 17.74 ? 154  ARG X CA   1 
ATOM   1211 C  C    . ARG A 1 154 ? 9.026   -14.286 -7.729  1.00 17.53 ? 154  ARG X C    1 
ATOM   1212 O  O    . ARG A 1 154 ? 8.994   -15.317 -8.387  1.00 16.89 ? 154  ARG X O    1 
ATOM   1213 C  CB   . ARG A 1 154 ? 10.080  -12.283 -8.761  1.00 17.45 ? 154  ARG X CB   1 
ATOM   1214 C  CG   . ARG A 1 154 ? 10.929  -13.090 -9.782  1.00 18.70 ? 154  ARG X CG   1 
ATOM   1215 C  CD   . ARG A 1 154 ? 12.298  -12.434 -10.090 1.00 20.01 ? 154  ARG X CD   1 
ATOM   1216 N  NE   . ARG A 1 154 ? 13.078  -12.103 -8.897  1.00 25.63 ? 154  ARG X NE   1 
ATOM   1217 C  CZ   . ARG A 1 154 ? 13.873  -12.947 -8.227  1.00 28.42 ? 154  ARG X CZ   1 
ATOM   1218 N  NH1  . ARG A 1 154 ? 13.997  -14.218 -8.603  1.00 28.10 ? 154  ARG X NH1  1 
ATOM   1219 N  NH2  . ARG A 1 154 ? 14.548  -12.517 -7.158  1.00 29.20 ? 154  ARG X NH2  1 
ATOM   1220 N  N    . THR A 1 155 ? 9.309   -14.234 -6.421  1.00 17.45 ? 155  THR X N    1 
ATOM   1221 C  CA   . THR A 1 155 ? 9.773   -15.422 -5.629  1.00 18.06 ? 155  THR X CA   1 
ATOM   1222 C  C    . THR A 1 155 ? 8.736   -16.138 -4.760  1.00 18.33 ? 155  THR X C    1 
ATOM   1223 O  O    . THR A 1 155 ? 8.918   -17.336 -4.427  1.00 18.63 ? 155  THR X O    1 
ATOM   1224 C  CB   . THR A 1 155 ? 10.938  -15.077 -4.692  1.00 18.18 ? 155  THR X CB   1 
ATOM   1225 O  OG1  . THR A 1 155 ? 10.490  -14.154 -3.674  1.00 16.57 ? 155  THR X OG1  1 
ATOM   1226 C  CG2  . THR A 1 155 ? 12.158  -14.543 -5.481  1.00 18.16 ? 155  THR X CG2  1 
ATOM   1227 N  N    . GLY A 1 156 ? 7.681   -15.423 -4.348  1.00 17.38 ? 156  GLY X N    1 
ATOM   1228 C  CA   . GLY A 1 156 ? 6.734   -15.962 -3.380  1.00 17.54 ? 156  GLY X CA   1 
ATOM   1229 C  C    . GLY A 1 156 ? 7.400   -16.233 -2.033  1.00 16.95 ? 156  GLY X C    1 
ATOM   1230 O  O    . GLY A 1 156 ? 6.941   -17.093 -1.266  1.00 17.45 ? 156  GLY X O    1 
ATOM   1231 N  N    . THR A 1 157 ? 8.473   -15.490 -1.747  1.00 16.26 ? 157  THR X N    1 
ATOM   1232 C  CA   . THR A 1 157 ? 9.195   -15.558 -0.467  1.00 15.68 ? 157  THR X CA   1 
ATOM   1233 C  C    . THR A 1 157 ? 9.261   -14.168 0.140   1.00 15.86 ? 157  THR X C    1 
ATOM   1234 O  O    . THR A 1 157 ? 8.985   -13.170 -0.528  1.00 15.51 ? 157  THR X O    1 
ATOM   1235 C  CB   . THR A 1 157 ? 10.661  -16.039 -0.609  1.00 15.80 ? 157  THR X CB   1 
ATOM   1236 O  OG1  . THR A 1 157 ? 11.482  -14.998 -1.200  1.00 15.54 ? 157  THR X OG1  1 
ATOM   1237 C  CG2  . THR A 1 157 ? 10.741  -17.323 -1.440  1.00 16.95 ? 157  THR X CG2  1 
ATOM   1238 N  N    . TRP A 1 158 ? 9.646   -14.122 1.407   1.00 15.41 ? 158  TRP X N    1 
ATOM   1239 C  CA   . TRP A 1 158 ? 9.863   -12.852 2.112   1.00 16.61 ? 158  TRP X CA   1 
ATOM   1240 C  C    . TRP A 1 158 ? 11.330  -12.386 2.083   1.00 17.18 ? 158  TRP X C    1 
ATOM   1241 O  O    . TRP A 1 158 ? 11.759  -11.568 2.916   1.00 17.03 ? 158  TRP X O    1 
ATOM   1242 C  CB   . TRP A 1 158 ? 9.408   -13.013 3.559   1.00 16.91 ? 158  TRP X CB   1 
ATOM   1243 C  CG   . TRP A 1 158 ? 7.943   -13.201 3.713   1.00 17.32 ? 158  TRP X CG   1 
ATOM   1244 C  CD1  . TRP A 1 158 ? 7.277   -14.334 4.148   1.00 17.50 ? 158  TRP X CD1  1 
ATOM   1245 C  CD2  . TRP A 1 158 ? 6.935   -12.216 3.460   1.00 18.38 ? 158  TRP X CD2  1 
ATOM   1246 N  NE1  . TRP A 1 158 ? 5.924   -14.098 4.177   1.00 18.55 ? 158  TRP X NE1  1 
ATOM   1247 C  CE2  . TRP A 1 158 ? 5.684   -12.806 3.775   1.00 18.31 ? 158  TRP X CE2  1 
ATOM   1248 C  CE3  . TRP A 1 158 ? 6.971   -10.874 3.038   1.00 18.54 ? 158  TRP X CE3  1 
ATOM   1249 C  CZ2  . TRP A 1 158 ? 4.471   -12.111 3.642   1.00 18.64 ? 158  TRP X CZ2  1 
ATOM   1250 C  CZ3  . TRP A 1 158 ? 5.749   -10.173 2.915   1.00 18.35 ? 158  TRP X CZ3  1 
ATOM   1251 C  CH2  . TRP A 1 158 ? 4.530   -10.799 3.220   1.00 19.30 ? 158  TRP X CH2  1 
ATOM   1252 N  N    . ASP A 1 159 ? 12.092  -12.885 1.114   1.00 17.65 ? 159  ASP X N    1 
ATOM   1253 C  CA   . ASP A 1 159 ? 13.541  -12.602 1.067   1.00 18.99 ? 159  ASP X CA   1 
ATOM   1254 C  C    . ASP A 1 159 ? 13.889  -11.099 1.064   1.00 18.30 ? 159  ASP X C    1 
ATOM   1255 O  O    . ASP A 1 159 ? 14.873  -10.689 1.696   1.00 18.61 ? 159  ASP X O    1 
ATOM   1256 C  CB   . ASP A 1 159 ? 14.169  -13.299 -0.139  1.00 19.42 ? 159  ASP X CB   1 
ATOM   1257 C  CG   . ASP A 1 159 ? 14.284  -14.816 0.052   1.00 23.62 ? 159  ASP X CG   1 
ATOM   1258 O  OD1  . ASP A 1 159 ? 13.795  -15.355 1.068   1.00 25.13 ? 159  ASP X OD1  1 
ATOM   1259 O  OD2  . ASP A 1 159 ? 14.886  -15.451 -0.834  1.00 27.69 ? 159  ASP X OD2  1 
ATOM   1260 N  N    . ALA A 1 160 ? 13.090  -10.288 0.375   1.00 18.19 ? 160  ALA X N    1 
ATOM   1261 C  CA   . ALA A 1 160 ? 13.358  -8.846  0.294   1.00 18.10 ? 160  ALA X CA   1 
ATOM   1262 C  C    . ALA A 1 160 ? 13.107  -8.105  1.625   1.00 18.44 ? 160  ALA X C    1 
ATOM   1263 O  O    . ALA A 1 160 ? 13.490  -6.930  1.761   1.00 18.72 ? 160  ALA X O    1 
ATOM   1264 C  CB   . ALA A 1 160 ? 12.553  -8.203  -0.853  1.00 17.21 ? 160  ALA X CB   1 
ATOM   1265 N  N    . TYR A 1 161 ? 12.475  -8.782  2.588   1.00 17.82 ? 161  TYR X N    1 
ATOM   1266 C  CA   . TYR A 1 161 ? 12.100  -8.165  3.870   1.00 19.70 ? 161  TYR X CA   1 
ATOM   1267 C  C    . TYR A 1 161 ? 12.852  -8.714  5.103   1.00 22.28 ? 161  TYR X C    1 
ATOM   1268 O  O    . TYR A 1 161 ? 12.676  -8.217  6.217   1.00 22.67 ? 161  TYR X O    1 
ATOM   1269 C  CB   . TYR A 1 161 ? 10.577  -8.195  4.067   1.00 18.56 ? 161  TYR X CB   1 
ATOM   1270 C  CG   . TYR A 1 161 ? 9.823   -7.269  3.129   1.00 17.64 ? 161  TYR X CG   1 
ATOM   1271 C  CD1  . TYR A 1 161 ? 9.404   -7.714  1.882   1.00 15.24 ? 161  TYR X CD1  1 
ATOM   1272 C  CD2  . TYR A 1 161 ? 9.563   -5.932  3.489   1.00 14.91 ? 161  TYR X CD2  1 
ATOM   1273 C  CE1  . TYR A 1 161 ? 8.736   -6.863  0.997   1.00 16.08 ? 161  TYR X CE1  1 
ATOM   1274 C  CE2  . TYR A 1 161 ? 8.899   -5.055  2.618   1.00 15.36 ? 161  TYR X CE2  1 
ATOM   1275 C  CZ   . TYR A 1 161 ? 8.484   -5.530  1.368   1.00 16.16 ? 161  TYR X CZ   1 
ATOM   1276 O  OH   . TYR A 1 161 ? 7.833   -4.722  0.464   1.00 14.77 ? 161  TYR X OH   1 
ATOM   1277 N  N    . LYS A 1 162 ? 13.684  -9.731  4.902   1.00 25.32 ? 162  LYS X N    1 
ATOM   1278 C  CA   . LYS A 1 162 ? 14.603  -10.206 5.958   1.00 27.99 ? 162  LYS X CA   1 
ATOM   1279 C  C    . LYS A 1 162 ? 15.955  -9.518  5.801   1.00 29.29 ? 162  LYS X C    1 
ATOM   1280 O  O    . LYS A 1 162 ? 16.542  -9.037  6.781   1.00 32.02 ? 162  LYS X O    1 
ATOM   1281 C  CB   . LYS A 1 162 ? 14.835  -11.611 5.823   0.00 30.81 ? 162  LYS X CB   1 
ATOM   1282 C  CG   . LYS A 1 162 ? 13.509  -12.395 5.746   0.00 31.51 ? 162  LYS X CG   1 
ATOM   1283 C  CD   . LYS A 1 162 ? 13.745  -13.923 5.528   0.00 32.91 ? 162  LYS X CD   1 
ATOM   1284 C  CE   . LYS A 1 162 ? 14.487  -14.210 4.212   0.00 34.27 ? 162  LYS X CE   1 
ATOM   1285 N  NZ   . LYS A 1 162 ? 13.810  -15.308 3.480   0.00 33.51 ? 162  LYS X NZ   1 
HETATM 1286 P  P    . PO4 B 2 .   ? 8.390   15.583  4.667   0.60 23.12 ? 1001 PO4 X P    1 
HETATM 1287 O  O1   . PO4 B 2 .   ? 9.800   15.955  5.133   0.60 19.90 ? 1001 PO4 X O1   1 
HETATM 1288 O  O2   . PO4 B 2 .   ? 8.280   16.105  3.253   0.60 18.03 ? 1001 PO4 X O2   1 
HETATM 1289 O  O3   . PO4 B 2 .   ? 8.209   14.073  4.795   0.60 20.50 ? 1001 PO4 X O3   1 
HETATM 1290 O  O4   . PO4 B 2 .   ? 7.286   16.215  5.538   0.60 19.11 ? 1001 PO4 X O4   1 
HETATM 1291 C  CAE  . 258 C 3 .   ? -2.992  -6.460  -7.056  1.00 19.11 ? 2001 258 X CAE  1 
HETATM 1292 C  CAC  . 258 C 3 .   ? -4.218  -6.640  -6.401  1.00 17.72 ? 2001 258 X CAC  1 
HETATM 1293 C  CAB  . 258 C 3 .   ? -4.834  -7.889  -6.459  1.00 17.44 ? 2001 258 X CAB  1 
HETATM 1294 C  CAD  . 258 C 3 .   ? -4.223  -8.934  -7.156  1.00 17.14 ? 2001 258 X CAD  1 
HETATM 1295 C  CAF  . 258 C 3 .   ? -3.006  -8.756  -7.819  1.00 16.82 ? 2001 258 X CAF  1 
HETATM 1296 C  CAJ  . 258 C 3 .   ? -2.378  -7.502  -7.764  1.00 18.50 ? 2001 258 X CAJ  1 
HETATM 1297 O  OAI  . 258 C 3 .   ? -1.178  -7.342  -8.411  1.00 19.19 ? 2001 258 X OAI  1 
HETATM 1298 C  CAH  . 258 C 3 .   ? -0.739  -5.936  -8.517  1.00 20.43 ? 2001 258 X CAH  1 
HETATM 1299 C  CAG  . 258 C 3 .   ? 0.405   -5.839  -9.551  1.00 20.67 ? 2001 258 X CAG  1 
HETATM 1300 CL CLAA . 258 C 3 .   ? -0.171  -6.305  -11.176 1.00 17.92 ? 2001 258 X CLAA 1 
HETATM 1301 O  O    . HOH D 4 .   ? 10.340  -10.799 -0.681  1.00 17.53 ? 2002 HOH X O    1 
HETATM 1302 O  O    . HOH D 4 .   ? 3.727   -1.246  -3.353  1.00 15.99 ? 2003 HOH X O    1 
HETATM 1303 O  O    . HOH D 4 .   ? -2.323  3.394   8.103   1.00 17.25 ? 2004 HOH X O    1 
HETATM 1304 O  O    . HOH D 4 .   ? -1.684  4.655   10.603  1.00 17.29 ? 2005 HOH X O    1 
HETATM 1305 O  O    . HOH D 4 .   ? 0.260   -11.504 5.284   1.00 19.00 ? 2006 HOH X O    1 
HETATM 1306 O  O    . HOH D 4 .   ? -8.220  -0.982  13.977  1.00 23.88 ? 2007 HOH X O    1 
HETATM 1307 O  O    . HOH D 4 .   ? 7.915   -4.736  10.517  1.00 17.89 ? 2008 HOH X O    1 
HETATM 1308 O  O    . HOH D 4 .   ? 15.061  -2.651  -2.589  1.00 16.72 ? 2009 HOH X O    1 
HETATM 1309 O  O    . HOH D 4 .   ? 3.190   -9.565  13.216  1.00 16.00 ? 2010 HOH X O    1 
HETATM 1310 O  O    . HOH D 4 .   ? 2.921   3.358   -12.189 1.00 17.64 ? 2011 HOH X O    1 
HETATM 1311 O  O    . HOH D 4 .   ? -1.766  16.834  1.078   1.00 20.50 ? 2012 HOH X O    1 
HETATM 1312 O  O    . HOH D 4 .   ? -1.431  -16.611 -9.846  1.00 16.05 ? 2013 HOH X O    1 
HETATM 1313 O  O    . HOH D 4 .   ? 0.785   -3.936  -16.850 1.00 28.77 ? 2014 HOH X O    1 
HETATM 1314 O  O    . HOH D 4 .   ? 14.010  6.999   -12.536 1.00 21.82 ? 2015 HOH X O    1 
HETATM 1315 O  O    . HOH D 4 .   ? 7.810   5.435   -15.872 1.00 14.29 ? 2016 HOH X O    1 
HETATM 1316 O  O    . HOH D 4 .   ? 4.009   18.324  7.396   1.00 29.61 ? 2017 HOH X O    1 
HETATM 1317 O  O    . HOH D 4 .   ? 10.307  12.823  -10.312 1.00 24.90 ? 2018 HOH X O    1 
HETATM 1318 O  O    . HOH D 4 .   ? 15.405  -3.048  0.401   1.00 18.13 ? 2019 HOH X O    1 
HETATM 1319 O  O    . HOH D 4 .   ? 8.253   8.140   -13.273 1.00 20.33 ? 2020 HOH X O    1 
HETATM 1320 O  O    . HOH D 4 .   ? -11.642 -1.898  8.808   1.00 25.60 ? 2021 HOH X O    1 
HETATM 1321 O  O    . HOH D 4 .   ? 10.054  -16.512 2.900   1.00 19.76 ? 2022 HOH X O    1 
HETATM 1322 O  O    . HOH D 4 .   ? 1.193   -18.931 -6.496  1.00 17.35 ? 2023 HOH X O    1 
HETATM 1323 O  O    . HOH D 4 .   ? 5.106   6.618   4.677   1.00 19.08 ? 2024 HOH X O    1 
HETATM 1324 O  O    . HOH D 4 .   ? 11.748  -4.070  -16.563 1.00 20.07 ? 2025 HOH X O    1 
HETATM 1325 O  O    . HOH D 4 .   ? 2.823   7.086   2.832   1.00 19.37 ? 2026 HOH X O    1 
HETATM 1326 O  O    . HOH D 4 .   ? 7.571   -9.083  -19.132 1.00 19.92 ? 2027 HOH X O    1 
HETATM 1327 O  O    . HOH D 4 .   ? 14.386  5.648   -10.013 1.00 17.27 ? 2028 HOH X O    1 
HETATM 1328 O  O    . HOH D 4 .   ? 9.189   -7.205  10.924  1.00 29.89 ? 2029 HOH X O    1 
HETATM 1329 O  O    . HOH D 4 .   ? -2.573  -1.392  18.734  1.00 26.47 ? 2030 HOH X O    1 
HETATM 1330 O  O    . HOH D 4 .   ? 1.666   4.756   0.716   1.00 20.93 ? 2031 HOH X O    1 
HETATM 1331 O  O    . HOH D 4 .   ? 12.673  -9.343  -8.832  1.00 26.79 ? 2032 HOH X O    1 
HETATM 1332 O  O    . HOH D 4 .   ? 12.452  -11.126 -13.529 1.00 25.87 ? 2033 HOH X O    1 
HETATM 1333 O  O    . HOH D 4 .   ? -8.592  4.219   8.437   1.00 21.23 ? 2034 HOH X O    1 
HETATM 1334 O  O    . HOH D 4 .   ? 0.504   8.658   1.993   1.00 17.50 ? 2035 HOH X O    1 
HETATM 1335 O  O    . HOH D 4 .   ? -8.060  -9.629  -13.945 1.00 27.48 ? 2036 HOH X O    1 
HETATM 1336 O  O    . HOH D 4 .   ? 7.214   14.377  -4.411  1.00 16.35 ? 2037 HOH X O    1 
HETATM 1337 O  O    . HOH D 4 .   ? 5.973   -12.662 11.386  1.00 27.83 ? 2038 HOH X O    1 
HETATM 1338 O  O    . HOH D 4 .   ? 7.061   -18.738 0.977   1.00 21.26 ? 2039 HOH X O    1 
HETATM 1339 O  O    . HOH D 4 .   ? 2.315   6.736   21.453  1.00 22.72 ? 2040 HOH X O    1 
HETATM 1340 O  O    . HOH D 4 .   ? -10.456 5.703   14.599  1.00 22.46 ? 2041 HOH X O    1 
HETATM 1341 O  O    . HOH D 4 .   ? -4.668  0.076   18.180  1.00 22.29 ? 2042 HOH X O    1 
HETATM 1342 O  O    . HOH D 4 .   ? 13.304  -5.381  -14.304 1.00 22.42 ? 2043 HOH X O    1 
HETATM 1343 O  O    . HOH D 4 .   ? 7.698   -18.064 3.637   1.00 25.42 ? 2044 HOH X O    1 
HETATM 1344 O  O    . HOH D 4 .   ? -3.187  14.808  20.235  1.00 25.57 ? 2045 HOH X O    1 
HETATM 1345 O  O    . HOH D 4 .   ? 7.829   -18.351 -13.221 1.00 20.31 ? 2046 HOH X O    1 
HETATM 1346 O  O    . HOH D 4 .   ? 5.684   5.531   -6.428  1.00 24.26 ? 2047 HOH X O    1 
HETATM 1347 O  O    . HOH D 4 .   ? 6.081   8.184   -4.915  1.00 24.20 ? 2048 HOH X O    1 
HETATM 1348 O  O    . HOH D 4 .   ? -13.280 -2.362  -5.181  1.00 22.71 ? 2049 HOH X O    1 
HETATM 1349 O  O    . HOH D 4 .   ? -12.294 -0.766  0.755   1.00 33.86 ? 2050 HOH X O    1 
HETATM 1350 O  O    . HOH D 4 .   ? 9.414   2.338   1.477   1.00 20.31 ? 2051 HOH X O    1 
HETATM 1351 O  O    . HOH D 4 .   ? 11.932  -6.257  -12.246 1.00 20.62 ? 2052 HOH X O    1 
HETATM 1352 O  O    . HOH D 4 .   ? 6.380   -4.800  12.665  1.00 23.17 ? 2053 HOH X O    1 
HETATM 1353 O  O    . HOH D 4 .   ? -3.653  -19.200 -11.676 1.00 20.26 ? 2054 HOH X O    1 
HETATM 1354 O  O    . HOH D 4 .   ? 6.928   4.245   -0.467  1.00 28.33 ? 2055 HOH X O    1 
HETATM 1355 O  O    . HOH D 4 .   ? 10.428  20.376  6.922   1.00 26.50 ? 2056 HOH X O    1 
HETATM 1356 O  O    . HOH D 4 .   ? -7.448  -12.569 1.840   1.00 29.66 ? 2057 HOH X O    1 
HETATM 1357 O  O    . HOH D 4 .   ? 7.208   16.677  -2.841  1.00 21.58 ? 2058 HOH X O    1 
HETATM 1358 O  O    . HOH D 4 .   ? 2.656   -11.726 14.949  1.00 25.71 ? 2059 HOH X O    1 
HETATM 1359 O  O    . HOH D 4 .   ? -5.223  -8.594  -16.989 1.00 21.06 ? 2060 HOH X O    1 
HETATM 1360 O  O    . HOH D 4 .   ? 9.460   5.457   10.460  1.00 26.72 ? 2061 HOH X O    1 
HETATM 1361 O  O    . HOH D 4 .   ? -8.274  7.543   20.496  1.00 24.94 ? 2062 HOH X O    1 
HETATM 1362 O  O    . HOH D 4 .   ? -15.496 -15.999 -3.566  1.00 42.33 ? 2063 HOH X O    1 
HETATM 1363 O  O    . HOH D 4 .   ? 0.927   23.268  2.349   1.00 23.75 ? 2064 HOH X O    1 
HETATM 1364 O  O    . HOH D 4 .   ? 8.628   9.311   -4.589  1.00 21.84 ? 2065 HOH X O    1 
HETATM 1365 O  O    . HOH D 4 .   ? -8.778  -16.771 -10.023 1.00 21.36 ? 2066 HOH X O    1 
HETATM 1366 O  O    . HOH D 4 .   ? 12.510  -4.956  -9.776  1.00 20.00 ? 2067 HOH X O    1 
HETATM 1367 O  O    . HOH D 4 .   ? 5.244   -20.340 -15.032 1.00 20.05 ? 2068 HOH X O    1 
HETATM 1368 O  O    . HOH D 4 .   ? 13.073  -6.678  -7.741  1.00 20.35 ? 2069 HOH X O    1 
HETATM 1369 O  O    . HOH D 4 .   ? 2.219   11.199  19.986  1.00 26.86 ? 2070 HOH X O    1 
HETATM 1370 O  O    . HOH D 4 .   ? 0.489   18.676  0.535   1.00 25.24 ? 2071 HOH X O    1 
HETATM 1371 O  O    . HOH D 4 .   ? 10.984  -18.935 -5.054  1.00 29.64 ? 2072 HOH X O    1 
HETATM 1372 O  O    . HOH D 4 .   ? 3.326   -15.417 4.716   1.00 37.04 ? 2073 HOH X O    1 
HETATM 1373 O  O    . HOH D 4 .   ? 3.640   19.153  -0.956  1.00 29.09 ? 2074 HOH X O    1 
HETATM 1374 O  O    . HOH D 4 .   ? 14.887  -3.789  -10.609 1.00 23.33 ? 2075 HOH X O    1 
HETATM 1375 O  O    . HOH D 4 .   ? 0.813   12.841  21.844  1.00 28.26 ? 2076 HOH X O    1 
HETATM 1376 O  O    . HOH D 4 .   ? 12.839  -8.801  -11.707 1.00 24.33 ? 2077 HOH X O    1 
HETATM 1377 O  O    . HOH D 4 .   ? -8.331  22.063  10.851  1.00 31.69 ? 2078 HOH X O    1 
HETATM 1378 O  O    . HOH D 4 .   ? -7.082  19.495  15.393  1.00 34.35 ? 2079 HOH X O    1 
HETATM 1379 O  O    . HOH D 4 .   ? 8.415   11.369  -6.276  1.00 23.38 ? 2080 HOH X O    1 
HETATM 1380 O  O    . HOH D 4 .   ? 15.504  -5.845  0.431   1.00 18.15 ? 2081 HOH X O    1 
HETATM 1381 O  O    . HOH D 4 .   ? -8.806  3.255   4.575   1.00 31.46 ? 2082 HOH X O    1 
HETATM 1382 O  O    . HOH D 4 .   ? -5.905  -12.680 -16.371 1.00 38.43 ? 2083 HOH X O    1 
HETATM 1383 O  O    . HOH D 4 .   ? 3.697   22.984  2.774   1.00 28.16 ? 2084 HOH X O    1 
HETATM 1384 O  O    . HOH D 4 .   ? -7.885  15.150  22.004  1.00 27.83 ? 2085 HOH X O    1 
HETATM 1385 O  O    . HOH D 4 .   ? 10.819  2.321   -16.341 1.00 27.49 ? 2086 HOH X O    1 
HETATM 1386 O  O    . HOH D 4 .   ? 14.914  -7.609  -3.994  1.00 27.01 ? 2087 HOH X O    1 
HETATM 1387 O  O    . HOH D 4 .   ? 12.192  -1.289  -16.645 1.00 35.34 ? 2088 HOH X O    1 
HETATM 1388 O  O    . HOH D 4 .   ? 15.322  3.323   -11.174 1.00 35.11 ? 2089 HOH X O    1 
HETATM 1389 O  O    . HOH D 4 .   ? 9.485   6.906   8.235   1.00 34.63 ? 2090 HOH X O    1 
HETATM 1390 O  O    . HOH D 4 .   ? -10.268 11.321  7.361   1.00 24.15 ? 2091 HOH X O    1 
HETATM 1391 O  O    . HOH D 4 .   ? 3.027   5.030   -7.072  1.00 33.97 ? 2092 HOH X O    1 
HETATM 1392 O  O    . HOH D 4 .   ? 8.907   3.445   -17.726 1.00 25.66 ? 2093 HOH X O    1 
HETATM 1393 O  O    . HOH D 4 .   ? -1.369  -12.301 2.783   1.00 32.16 ? 2094 HOH X O    1 
HETATM 1394 O  O    . HOH D 4 .   ? -8.276  -19.693 -6.120  1.00 40.64 ? 2095 HOH X O    1 
HETATM 1395 O  O    . HOH D 4 .   ? -5.747  -10.383 -15.175 1.00 30.51 ? 2096 HOH X O    1 
HETATM 1396 O  O    . HOH D 4 .   ? 7.009   -6.485  -20.068 1.00 26.99 ? 2097 HOH X O    1 
HETATM 1397 O  O    . HOH D 4 .   ? 0.505   8.872   -1.853  1.00 28.89 ? 2098 HOH X O    1 
HETATM 1398 O  O    . HOH D 4 .   ? 1.386   21.186  0.836   1.00 33.68 ? 2099 HOH X O    1 
HETATM 1399 O  O    . HOH D 4 .   ? 6.574   12.757  -10.612 1.00 37.38 ? 2100 HOH X O    1 
HETATM 1400 O  O    . HOH D 4 .   ? 6.268   15.708  10.527  1.00 29.63 ? 2101 HOH X O    1 
HETATM 1401 O  O    . HOH D 4 .   ? -2.085  -20.149 -14.286 1.00 29.19 ? 2102 HOH X O    1 
HETATM 1402 O  O    . HOH D 4 .   ? 3.551   14.312  -6.399  1.00 41.89 ? 2103 HOH X O    1 
HETATM 1403 O  O    . HOH D 4 .   ? -10.698 9.156   19.886  1.00 42.12 ? 2104 HOH X O    1 
HETATM 1404 O  O    . HOH D 4 .   ? -1.719  12.636  20.963  1.00 29.79 ? 2105 HOH X O    1 
HETATM 1405 O  O    . HOH D 4 .   ? -7.440  -7.018  -15.856 1.00 25.23 ? 2106 HOH X O    1 
HETATM 1406 O  O    . HOH D 4 .   ? 8.009   -19.715 -3.108  1.00 26.58 ? 2107 HOH X O    1 
HETATM 1407 O  O    . HOH D 4 .   ? 5.567   5.349   1.609   1.00 29.30 ? 2108 HOH X O    1 
HETATM 1408 O  O    . HOH D 4 .   ? 7.686   -20.988 -5.278  1.00 33.32 ? 2109 HOH X O    1 
HETATM 1409 O  O    . HOH D 4 .   ? 11.851  -18.546 1.855   1.00 36.95 ? 2110 HOH X O    1 
HETATM 1410 O  O    . HOH D 4 .   ? -9.079  -6.772  -17.909 1.00 44.03 ? 2111 HOH X O    1 
HETATM 1411 O  O    . HOH D 4 .   ? -5.921  1.345   -0.330  1.00 45.88 ? 2112 HOH X O    1 
HETATM 1412 O  O    . HOH D 4 .   ? 2.089   17.055  -3.989  1.00 36.35 ? 2113 HOH X O    1 
HETATM 1413 O  O    . HOH D 4 .   ? 7.045   17.086  -0.016  1.00 20.92 ? 2114 HOH X O    1 
HETATM 1414 O  O    . HOH D 4 .   ? 9.528   4.377   -0.551  1.00 25.67 ? 2115 HOH X O    1 
HETATM 1415 O  O    . HOH D 4 .   ? 7.305   8.097   7.004   1.00 40.04 ? 2116 HOH X O    1 
HETATM 1416 O  O    . HOH D 4 .   ? -8.564  5.146   18.955  1.00 22.97 ? 2117 HOH X O    1 
HETATM 1417 O  O    . HOH D 4 .   ? 10.832  2.760   11.105  1.00 43.65 ? 2118 HOH X O    1 
HETATM 1418 O  O    . HOH D 4 .   ? -3.266  11.789  23.061  1.00 27.14 ? 2119 HOH X O    1 
HETATM 1419 O  O    . HOH D 4 .   ? -6.575  3.582   19.549  1.00 24.83 ? 2120 HOH X O    1 
HETATM 1420 O  O    . HOH D 4 .   ? -3.984  5.566   2.959   1.00 20.38 ? 2121 HOH X O    1 
HETATM 1421 O  O    . HOH D 4 .   ? 13.780  4.313   -3.418  1.00 15.50 ? 2122 HOH X O    1 
HETATM 1422 O  O    . HOH D 4 .   ? 11.225  3.321   -2.418  1.00 17.35 ? 2123 HOH X O    1 
HETATM 1423 O  O    . HOH D 4 .   ? 10.386  1.801   7.953   1.00 35.31 ? 2124 HOH X O    1 
HETATM 1424 O  O    . HOH D 4 .   ? 5.645   6.835   8.492   1.00 28.12 ? 2125 HOH X O    1 
HETATM 1425 O  O    . HOH D 4 .   ? -4.040  6.402   22.492  1.00 28.85 ? 2126 HOH X O    1 
HETATM 1426 O  O    . HOH D 4 .   ? -10.896 -0.153  14.370  1.00 25.80 ? 2127 HOH X O    1 
HETATM 1427 O  O    . HOH D 4 .   ? 2.653   6.008   -9.582  1.00 35.91 ? 2128 HOH X O    1 
HETATM 1428 O  O    . HOH D 4 .   ? -5.820  18.843  20.821  1.00 42.26 ? 2129 HOH X O    1 
HETATM 1429 O  O    . HOH D 4 .   ? 3.402   -0.901  14.537  1.00 32.81 ? 2130 HOH X O    1 
HETATM 1430 O  O    . HOH D 4 .   ? -2.787  5.353   0.371   1.00 43.68 ? 2131 HOH X O    1 
HETATM 1431 O  O    . HOH D 4 .   ? 4.125   -20.178 -18.270 1.00 37.14 ? 2132 HOH X O    1 
HETATM 1432 O  O    . HOH D 4 .   ? 10.955  -0.741  10.016  1.00 40.18 ? 2133 HOH X O    1 
HETATM 1433 O  O    . HOH D 4 .   ? -0.479  -2.973  -18.513 1.00 33.08 ? 2134 HOH X O    1 
HETATM 1434 O  O    . HOH D 4 .   ? -0.731  18.500  -1.802  1.00 36.89 ? 2135 HOH X O    1 
HETATM 1435 O  O    . HOH D 4 .   ? -8.442  3.846   -5.920  1.00 37.13 ? 2136 HOH X O    1 
HETATM 1436 O  O    . HOH D 4 .   ? -11.697 0.470   7.199   1.00 30.38 ? 2137 HOH X O    1 
HETATM 1437 O  O    . HOH D 4 .   ? -15.181 -4.160  -10.136 1.00 38.93 ? 2138 HOH X O    1 
HETATM 1438 O  O    . HOH D 4 .   ? -8.861  11.534  4.768   1.00 35.34 ? 2139 HOH X O    1 
HETATM 1439 O  O    . HOH D 4 .   ? -13.541 16.477  9.314   1.00 33.94 ? 2140 HOH X O    1 
HETATM 1440 O  O    . HOH D 4 .   ? -7.833  14.564  -1.091  1.00 34.97 ? 2141 HOH X O    1 
HETATM 1441 O  O    . HOH D 4 .   ? 13.200  -15.830 -10.582 1.00 27.60 ? 2142 HOH X O    1 
HETATM 1442 O  O    . HOH D 4 .   ? 1.703   17.833  14.022  1.00 38.62 ? 2143 HOH X O    1 
HETATM 1443 O  O    . HOH D 4 .   ? 6.047   13.311  11.544  1.00 34.02 ? 2144 HOH X O    1 
HETATM 1444 O  O    . HOH D 4 .   ? -1.493  24.746  4.617   1.00 32.11 ? 2145 HOH X O    1 
HETATM 1445 O  O    . HOH D 4 .   ? 0.160   -21.715 -13.889 1.00 36.98 ? 2146 HOH X O    1 
HETATM 1446 O  O    . HOH D 4 .   ? -5.765  -9.300  -19.679 1.00 40.49 ? 2147 HOH X O    1 
HETATM 1447 O  O    . HOH D 4 .   ? 1.117   -0.214  20.249  1.00 45.69 ? 2148 HOH X O    1 
HETATM 1448 O  O    . HOH D 4 .   ? 7.777   16.459  8.154   1.00 35.22 ? 2149 HOH X O    1 
HETATM 1449 O  O    . HOH D 4 .   ? -6.708  1.494   2.320   1.00 39.73 ? 2150 HOH X O    1 
HETATM 1450 O  O    . HOH D 4 .   ? 4.795   6.152   -1.681  1.00 29.04 ? 2151 HOH X O    1 
HETATM 1451 O  O    . HOH D 4 .   ? 7.046   8.334   3.206   1.00 35.53 ? 2152 HOH X O    1 
HETATM 1452 O  O    . HOH D 4 .   ? -6.035  7.019   3.861   1.00 35.38 ? 2153 HOH X O    1 
HETATM 1453 O  O    . HOH D 4 .   ? -4.297  -1.655  16.054  1.00 29.77 ? 2154 HOH X O    1 
HETATM 1454 O  O    . HOH D 4 .   ? 3.069   22.087  6.206   1.00 38.35 ? 2155 HOH X O    1 
HETATM 1455 O  O    . HOH D 4 .   ? -5.213  9.689   22.465  1.00 36.18 ? 2156 HOH X O    1 
HETATM 1456 O  O    . HOH D 4 .   ? -5.273  -0.425  -18.277 1.00 33.10 ? 2157 HOH X O    1 
HETATM 1457 O  O    . HOH D 4 .   ? -5.951  4.326   21.946  1.00 35.33 ? 2158 HOH X O    1 
HETATM 1458 O  O    . HOH D 4 .   ? 8.392   -3.056  -23.093 1.00 51.15 ? 2159 HOH X O    1 
HETATM 1459 O  O    . HOH D 4 .   ? -8.033  10.089  6.432   1.00 38.52 ? 2160 HOH X O    1 
HETATM 1460 O  O    . HOH D 4 .   ? 7.891   6.741   5.115   1.00 42.75 ? 2161 HOH X O    1 
HETATM 1461 O  O    . HOH D 4 .   ? 6.781   -11.532 14.246  1.00 40.49 ? 2162 HOH X O    1 
HETATM 1462 O  O    . HOH D 4 .   ? 6.097   18.645  6.020   1.00 43.39 ? 2163 HOH X O    1 
HETATM 1463 O  O    . HOH D 4 .   ? -9.318  20.270  12.539  1.00 41.65 ? 2164 HOH X O    1 
HETATM 1464 O  O    . HOH D 4 .   ? 6.992   12.114  13.786  1.00 42.09 ? 2165 HOH X O    1 
HETATM 1465 O  O    . HOH D 4 .   ? 9.550   -2.569  11.329  1.00 32.17 ? 2166 HOH X O    1 
HETATM 1466 O  O    . HOH D 4 .   ? 2.467   -2.442  12.717  1.00 27.46 ? 2167 HOH X O    1 
HETATM 1467 O  O    . HOH D 4 .   ? 3.578   20.560  8.446   1.00 36.28 ? 2168 HOH X O    1 
HETATM 1468 O  O    . HOH D 4 .   ? 2.238   6.539   -1.197  1.00 34.22 ? 2169 HOH X O    1 
HETATM 1469 O  O    . HOH D 4 .   ? -9.706  22.532  14.688  1.00 39.71 ? 2170 HOH X O    1 
HETATM 1470 O  O    . HOH D 4 .   ? 6.597   21.000  5.038   1.00 36.41 ? 2171 HOH X O    1 
HETATM 1471 O  O    . HOH D 4 .   ? -0.155  -3.306  13.518  1.00 21.05 ? 2172 HOH X O    1 
HETATM 1472 O  O    . HOH D 4 .   ? -2.452  -2.526  13.260  1.00 29.02 ? 2173 HOH X O    1 
HETATM 1473 O  O    . HOH D 4 .   ? -7.134  -7.798  9.083   1.00 33.52 ? 2174 HOH X O    1 
HETATM 1474 O  O    . HOH D 4 .   ? 5.118   7.843   1.538   1.00 34.03 ? 2175 HOH X O    1 
HETATM 1475 O  O    . HOH D 4 .   ? -3.793  25.642  5.596   1.00 44.44 ? 2176 HOH X O    1 
HETATM 1476 O  O    A HOH D 4 .   ? -0.506  6.145   1.823   0.50 13.04 ? 2177 HOH X O    1 
HETATM 1477 O  O    B HOH D 4 .   ? -1.285  4.491   1.983   0.50 16.21 ? 2177 HOH X O    1 
HETATM 1478 O  O    . HOH D 4 .   ? 6.852   10.027  15.462  1.00 32.41 ? 2178 HOH X O    1 
HETATM 1479 O  O    . HOH D 4 .   ? 0.952   -12.562 -20.541 1.00 45.13 ? 2179 HOH X O    1 
HETATM 1480 O  O    . HOH D 4 .   ? -9.964  -6.724  10.100  1.00 45.57 ? 2180 HOH X O    1 
HETATM 1481 O  O    . HOH D 4 .   ? -12.414 -14.439 -2.438  1.00 44.34 ? 2181 HOH X O    1 
HETATM 1482 O  O    . HOH D 4 .   ? -9.581  8.224   6.791   1.00 41.29 ? 2182 HOH X O    1 
HETATM 1483 O  O    . HOH D 4 .   ? -0.989  6.581   -0.715  1.00 41.15 ? 2183 HOH X O    1 
HETATM 1484 O  O    . HOH D 4 .   ? 17.483  -1.663  -3.432  1.00 35.82 ? 2184 HOH X O    1 
HETATM 1485 O  O    . HOH D 4 .   ? -1.967  5.414   24.052  1.00 41.80 ? 2185 HOH X O    1 
HETATM 1486 O  O    . HOH D 4 .   ? 14.902  -13.149 -12.635 1.00 46.46 ? 2186 HOH X O    1 
HETATM 1487 O  O    . HOH D 4 .   ? -1.604  -13.766 -22.477 1.00 46.49 ? 2187 HOH X O    1 
HETATM 1488 O  O    . HOH D 4 .   ? 6.613   11.248  17.893  1.00 32.59 ? 2188 HOH X O    1 
HETATM 1489 O  O    . HOH D 4 .   ? -11.263 16.183  21.357  1.00 39.27 ? 2189 HOH X O    1 
HETATM 1490 O  O    . HOH D 4 .   ? 3.283   17.836  11.830  1.00 43.56 ? 2190 HOH X O    1 
HETATM 1491 O  O    . HOH D 4 .   ? 5.854   -0.232  14.946  1.00 37.12 ? 2191 HOH X O    1 
HETATM 1492 O  O    . HOH D 4 .   ? -5.043  2.751   23.739  1.00 33.53 ? 2192 HOH X O    1 
HETATM 1493 O  O    . HOH D 4 .   ? 14.094  -18.038 0.646   1.00 38.46 ? 2193 HOH X O    1 
HETATM 1494 O  O    . HOH D 4 .   ? 2.921   -2.508  18.343  1.00 39.70 ? 2194 HOH X O    1 
HETATM 1495 O  O    . HOH D 4 .   ? 7.507   5.067   2.976   1.00 45.24 ? 2195 HOH X O    1 
HETATM 1496 O  O    . HOH D 4 .   ? -5.306  4.233   26.336  1.00 47.72 ? 2196 HOH X O    1 
HETATM 1497 O  O    . HOH D 4 .   ? 0.752   13.967  -7.687  1.00 41.11 ? 2197 HOH X O    1 
HETATM 1498 O  O    . HOH D 4 .   ? -9.796  12.726  2.467   1.00 49.46 ? 2198 HOH X O    1 
HETATM 1499 O  O    . HOH D 4 .   ? -7.660  9.050   3.530   1.00 44.22 ? 2199 HOH X O    1 
HETATM 1500 O  O    . HOH D 4 .   ? -3.919  -15.122 -22.602 1.00 50.34 ? 2200 HOH X O    1 
HETATM 1501 O  O    . HOH D 4 .   ? -9.051  6.983   4.506   1.00 28.83 ? 2201 HOH X O    1 
HETATM 1502 O  O    . HOH D 4 .   ? 9.658   5.048   5.537   1.00 42.00 ? 2202 HOH X O    1 
HETATM 1503 O  O    . HOH D 4 .   ? -14.717 -1.269  -3.216  1.00 36.83 ? 2203 HOH X O    1 
HETATM 1504 O  O    . HOH D 4 .   ? -8.360  0.489   -1.705  1.00 45.44 ? 2204 HOH X O    1 
HETATM 1505 O  O    . HOH D 4 .   ? 1.134   12.280  -10.278 1.00 45.36 ? 2205 HOH X O    1 
HETATM 1506 O  O    . HOH D 4 .   ? 4.440   12.640  19.021  1.00 43.33 ? 2206 HOH X O    1 
HETATM 1507 O  O    . HOH D 4 .   ? 15.270  1.875   1.433   1.00 31.18 ? 2207 HOH X O    1 
HETATM 1508 O  O    . HOH D 4 .   ? 13.086  2.305   1.229   1.00 42.16 ? 2208 HOH X O    1 
HETATM 1509 O  O    . HOH D 4 .   ? 15.882  -9.310  -2.139  1.00 35.04 ? 2209 HOH X O    1 
HETATM 1510 O  O    . HOH D 4 .   ? -6.972  -4.240  -15.801 1.00 33.82 ? 2210 HOH X O    1 
HETATM 1511 O  O    . HOH D 4 .   ? 9.204   22.605  5.969   1.00 34.01 ? 2211 HOH X O    1 
HETATM 1512 O  O    . HOH D 4 .   ? -0.171  4.514   22.211  1.00 36.81 ? 2212 HOH X O    1 
HETATM 1513 O  O    . HOH D 4 .   ? -4.070  3.318   2.728   1.00 43.14 ? 2213 HOH X O    1 
# 
loop_
_pdbx_poly_seq_scheme.asym_id 
_pdbx_poly_seq_scheme.entity_id 
_pdbx_poly_seq_scheme.seq_id 
_pdbx_poly_seq_scheme.mon_id 
_pdbx_poly_seq_scheme.ndb_seq_num 
_pdbx_poly_seq_scheme.pdb_seq_num 
_pdbx_poly_seq_scheme.auth_seq_num 
_pdbx_poly_seq_scheme.pdb_mon_id 
_pdbx_poly_seq_scheme.auth_mon_id 
_pdbx_poly_seq_scheme.pdb_strand_id 
_pdbx_poly_seq_scheme.pdb_ins_code 
_pdbx_poly_seq_scheme.hetero 
A 1 1   MET 1   1   1   MET MET X . n 
A 1 2   ASN 2   2   2   ASN ASN X . n 
A 1 3   ILE 3   3   3   ILE ILE X . n 
A 1 4   PHE 4   4   4   PHE PHE X . n 
A 1 5   GLU 5   5   5   GLU GLU X . n 
A 1 6   MET 6   6   6   MET MET X . n 
A 1 7   LEU 7   7   7   LEU LEU X . n 
A 1 8   ARG 8   8   8   ARG ARG X . n 
A 1 9   ILE 9   9   9   ILE ILE X . n 
A 1 10  ASP 10  10  10  ASP ASP X . n 
A 1 11  GLU 11  11  11  GLU GLU X . n 
A 1 12  GLY 12  12  12  GLY GLY X . n 
A 1 13  LEU 13  13  13  LEU LEU X . n 
A 1 14  ARG 14  14  14  ARG ARG X . n 
A 1 15  LEU 15  15  15  LEU LEU X . n 
A 1 16  LYS 16  16  16  LYS LYS X . n 
A 1 17  ILE 17  17  17  ILE ILE X . n 
A 1 18  TYR 18  18  18  TYR TYR X . n 
A 1 19  LYS 19  19  19  LYS LYS X . n 
A 1 20  ASP 20  20  20  ASP ASP X . n 
A 1 21  THR 21  21  21  THR THR X . n 
A 1 22  GLU 22  22  22  GLU GLU X . n 
A 1 23  GLY 23  23  23  GLY GLY X . n 
A 1 24  TYR 24  24  24  TYR TYR X . n 
A 1 25  TYR 25  25  25  TYR TYR X . n 
A 1 26  THR 26  26  26  THR THR X . n 
A 1 27  ILE 27  27  27  ILE ILE X . n 
A 1 28  GLY 28  28  28  GLY GLY X . n 
A 1 29  ILE 29  29  29  ILE ILE X . n 
A 1 30  GLY 30  30  30  GLY GLY X . n 
A 1 31  HIS 31  31  31  HIS HIS X . n 
A 1 32  LEU 32  32  32  LEU LEU X . n 
A 1 33  LEU 33  33  33  LEU LEU X . n 
A 1 34  THR 34  34  34  THR THR X . n 
A 1 35  LYS 35  35  35  LYS LYS X . n 
A 1 36  SER 36  36  36  SER SER X . n 
A 1 37  PRO 37  37  37  PRO PRO X . n 
A 1 38  SER 38  38  38  SER SER X . n 
A 1 39  LEU 39  39  39  LEU LEU X . n 
A 1 40  ASN 40  40  40  ASN ASN X . n 
A 1 41  ALA 41  41  41  ALA ALA X . n 
A 1 42  ALA 42  42  42  ALA ALA X . n 
A 1 43  LYS 43  43  43  LYS LYS X . n 
A 1 44  SER 44  44  44  SER SER X . n 
A 1 45  GLU 45  45  45  GLU GLU X . n 
A 1 46  LEU 46  46  46  LEU LEU X . n 
A 1 47  ASP 47  47  47  ASP ASP X . n 
A 1 48  LYS 48  48  48  LYS LYS X . n 
A 1 49  ALA 49  49  49  ALA ALA X . n 
A 1 50  ILE 50  50  50  ILE ILE X . n 
A 1 51  GLY 51  51  51  GLY GLY X . n 
A 1 52  ARG 52  52  52  ARG ARG X . n 
A 1 53  ASN 53  53  53  ASN ASN X . n 
A 1 54  THR 54  54  54  THR THR X . n 
A 1 55  ASN 55  55  55  ASN ASN X . n 
A 1 56  GLY 56  56  56  GLY GLY X . n 
A 1 57  VAL 57  57  57  VAL VAL X . n 
A 1 58  ILE 58  58  58  ILE ILE X . n 
A 1 59  THR 59  59  59  THR THR X . n 
A 1 60  LYS 60  60  60  LYS LYS X . n 
A 1 61  ASP 61  61  61  ASP ASP X . n 
A 1 62  GLU 62  62  62  GLU GLU X . n 
A 1 63  ALA 63  63  63  ALA ALA X . n 
A 1 64  GLU 64  64  64  GLU GLU X . n 
A 1 65  LYS 65  65  65  LYS LYS X . n 
A 1 66  LEU 66  66  66  LEU LEU X . n 
A 1 67  PHE 67  67  67  PHE PHE X . n 
A 1 68  ASN 68  68  68  ASN ASN X . n 
A 1 69  GLN 69  69  69  GLN GLN X . n 
A 1 70  ASP 70  70  70  ASP ASP X . n 
A 1 71  VAL 71  71  71  VAL VAL X . n 
A 1 72  ASP 72  72  72  ASP ASP X . n 
A 1 73  ALA 73  73  73  ALA ALA X . n 
A 1 74  ALA 74  74  74  ALA ALA X . n 
A 1 75  VAL 75  75  75  VAL VAL X . n 
A 1 76  ARG 76  76  76  ARG ARG X . n 
A 1 77  GLY 77  77  77  GLY GLY X . n 
A 1 78  ILE 78  78  78  ILE ILE X . n 
A 1 79  LEU 79  79  79  LEU LEU X . n 
A 1 80  ARG 80  80  80  ARG ARG X . n 
A 1 81  ASN 81  81  81  ASN ASN X . n 
A 1 82  ALA 82  82  82  ALA ALA X . n 
A 1 83  LYS 83  83  83  LYS LYS X . n 
A 1 84  LEU 84  84  84  LEU LEU X . n 
A 1 85  LYS 85  85  85  LYS LYS X . n 
A 1 86  PRO 86  86  86  PRO PRO X . n 
A 1 87  VAL 87  87  87  VAL VAL X . n 
A 1 88  TYR 88  88  88  TYR TYR X . n 
A 1 89  ASP 89  89  89  ASP ASP X . n 
A 1 90  SER 90  90  90  SER SER X . n 
A 1 91  LEU 91  91  91  LEU LEU X . n 
A 1 92  ASP 92  92  92  ASP ASP X . n 
A 1 93  ALA 93  93  93  ALA ALA X . n 
A 1 94  VAL 94  94  94  VAL VAL X . n 
A 1 95  ARG 95  95  95  ARG ARG X . n 
A 1 96  ARG 96  96  96  ARG ARG X . n 
A 1 97  ALA 97  97  97  ALA ALA X . n 
A 1 98  ALA 98  98  98  ALA ALA X . n 
A 1 99  ALA 99  99  99  ALA ALA X . n 
A 1 100 ILE 100 100 100 ILE ILE X . n 
A 1 101 ASN 101 101 101 ASN ASN X . n 
A 1 102 MET 102 102 102 MET MET X . n 
A 1 103 VAL 103 103 103 VAL VAL X . n 
A 1 104 PHE 104 104 104 PHE PHE X . n 
A 1 105 GLN 105 105 105 GLN GLN X . n 
A 1 106 MET 106 106 106 MET MET X . n 
A 1 107 GLY 107 107 107 GLY GLY X . n 
A 1 108 GLU 108 108 108 GLU GLU X . n 
A 1 109 THR 109 109 109 THR THR X . n 
A 1 110 GLY 110 110 110 GLY GLY X . n 
A 1 111 VAL 111 111 111 VAL VAL X . n 
A 1 112 ALA 112 112 112 ALA ALA X . n 
A 1 113 GLY 113 113 113 GLY GLY X . n 
A 1 114 PHE 114 114 114 PHE PHE X . n 
A 1 115 THR 115 115 115 THR THR X . n 
A 1 116 ASN 116 116 116 ASN ASN X . n 
A 1 117 SER 117 117 117 SER SER X . n 
A 1 118 LEU 118 118 118 LEU LEU X . n 
A 1 119 ARG 119 119 119 ARG ARG X . n 
A 1 120 MET 120 120 120 MET MET X . n 
A 1 121 LEU 121 121 121 LEU LEU X . n 
A 1 122 GLN 122 122 122 GLN GLN X . n 
A 1 123 GLN 123 123 123 GLN GLN X . n 
A 1 124 LYS 124 124 124 LYS LYS X . n 
A 1 125 ARG 125 125 125 ARG ARG X . n 
A 1 126 TRP 126 126 126 TRP TRP X . n 
A 1 127 ASP 127 127 127 ASP ASP X . n 
A 1 128 GLU 128 128 128 GLU GLU X . n 
A 1 129 ALA 129 129 129 ALA ALA X . n 
A 1 130 ALA 130 130 130 ALA ALA X . n 
A 1 131 VAL 131 131 131 VAL VAL X . n 
A 1 132 ASN 132 132 132 ASN ASN X . n 
A 1 133 LEU 133 133 133 LEU LEU X . n 
A 1 134 ALA 134 134 134 ALA ALA X . n 
A 1 135 LYS 135 135 135 LYS LYS X . n 
A 1 136 SER 136 136 136 SER SER X . n 
A 1 137 ARG 137 137 137 ARG ARG X . n 
A 1 138 TRP 138 138 138 TRP TRP X . n 
A 1 139 TYR 139 139 139 TYR TYR X . n 
A 1 140 ASN 140 140 140 ASN ASN X . n 
A 1 141 GLN 141 141 141 GLN GLN X . n 
A 1 142 THR 142 142 142 THR THR X . n 
A 1 143 PRO 143 143 143 PRO PRO X . n 
A 1 144 ASN 144 144 144 ASN ASN X . n 
A 1 145 ARG 145 145 145 ARG ARG X . n 
A 1 146 ALA 146 146 146 ALA ALA X . n 
A 1 147 LYS 147 147 147 LYS LYS X . n 
A 1 148 ARG 148 148 148 ARG ARG X . n 
A 1 149 VAL 149 149 149 VAL VAL X . n 
A 1 150 ILE 150 150 150 ILE ILE X . n 
A 1 151 THR 151 151 151 THR THR X . n 
A 1 152 THR 152 152 152 THR THR X . n 
A 1 153 PHE 153 153 153 PHE PHE X . n 
A 1 154 ARG 154 154 154 ARG ARG X . n 
A 1 155 THR 155 155 155 THR THR X . n 
A 1 156 GLY 156 156 156 GLY GLY X . n 
A 1 157 THR 157 157 157 THR THR X . n 
A 1 158 TRP 158 158 158 TRP TRP X . n 
A 1 159 ASP 159 159 159 ASP ASP X . n 
A 1 160 ALA 160 160 160 ALA ALA X . n 
A 1 161 TYR 161 161 161 TYR TYR X . n 
A 1 162 LYS 162 162 162 LYS LYS X . n 
# 
loop_
_pdbx_nonpoly_scheme.asym_id 
_pdbx_nonpoly_scheme.entity_id 
_pdbx_nonpoly_scheme.mon_id 
_pdbx_nonpoly_scheme.ndb_seq_num 
_pdbx_nonpoly_scheme.pdb_seq_num 
_pdbx_nonpoly_scheme.auth_seq_num 
_pdbx_nonpoly_scheme.pdb_mon_id 
_pdbx_nonpoly_scheme.auth_mon_id 
_pdbx_nonpoly_scheme.pdb_strand_id 
_pdbx_nonpoly_scheme.pdb_ins_code 
B 2 PO4 1   1001 1001 PO4 PO4 X . 
C 3 258 1   2001 2001 258 258 X . 
D 4 HOH 1   2002 1    HOH HOH X . 
D 4 HOH 2   2003 2    HOH HOH X . 
D 4 HOH 3   2004 3    HOH HOH X . 
D 4 HOH 4   2005 4    HOH HOH X . 
D 4 HOH 5   2006 5    HOH HOH X . 
D 4 HOH 6   2007 6    HOH HOH X . 
D 4 HOH 7   2008 7    HOH HOH X . 
D 4 HOH 8   2009 8    HOH HOH X . 
D 4 HOH 9   2010 9    HOH HOH X . 
D 4 HOH 10  2011 10   HOH HOH X . 
D 4 HOH 11  2012 11   HOH HOH X . 
D 4 HOH 12  2013 12   HOH HOH X . 
D 4 HOH 13  2014 13   HOH HOH X . 
D 4 HOH 14  2015 14   HOH HOH X . 
D 4 HOH 15  2016 15   HOH HOH X . 
D 4 HOH 16  2017 16   HOH HOH X . 
D 4 HOH 17  2018 17   HOH HOH X . 
D 4 HOH 18  2019 18   HOH HOH X . 
D 4 HOH 19  2020 19   HOH HOH X . 
D 4 HOH 20  2021 20   HOH HOH X . 
D 4 HOH 21  2022 21   HOH HOH X . 
D 4 HOH 22  2023 22   HOH HOH X . 
D 4 HOH 23  2024 23   HOH HOH X . 
D 4 HOH 24  2025 24   HOH HOH X . 
D 4 HOH 25  2026 25   HOH HOH X . 
D 4 HOH 26  2027 26   HOH HOH X . 
D 4 HOH 27  2028 27   HOH HOH X . 
D 4 HOH 28  2029 28   HOH HOH X . 
D 4 HOH 29  2030 29   HOH HOH X . 
D 4 HOH 30  2031 30   HOH HOH X . 
D 4 HOH 31  2032 31   HOH HOH X . 
D 4 HOH 32  2033 32   HOH HOH X . 
D 4 HOH 33  2034 33   HOH HOH X . 
D 4 HOH 34  2035 34   HOH HOH X . 
D 4 HOH 35  2036 35   HOH HOH X . 
D 4 HOH 36  2037 36   HOH HOH X . 
D 4 HOH 37  2038 37   HOH HOH X . 
D 4 HOH 38  2039 38   HOH HOH X . 
D 4 HOH 39  2040 39   HOH HOH X . 
D 4 HOH 40  2041 40   HOH HOH X . 
D 4 HOH 41  2042 41   HOH HOH X . 
D 4 HOH 42  2043 42   HOH HOH X . 
D 4 HOH 43  2044 43   HOH HOH X . 
D 4 HOH 44  2045 44   HOH HOH X . 
D 4 HOH 45  2046 45   HOH HOH X . 
D 4 HOH 46  2047 46   HOH HOH X . 
D 4 HOH 47  2048 47   HOH HOH X . 
D 4 HOH 48  2049 48   HOH HOH X . 
D 4 HOH 49  2050 49   HOH HOH X . 
D 4 HOH 50  2051 50   HOH HOH X . 
D 4 HOH 51  2052 51   HOH HOH X . 
D 4 HOH 52  2053 52   HOH HOH X . 
D 4 HOH 53  2054 53   HOH HOH X . 
D 4 HOH 54  2055 54   HOH HOH X . 
D 4 HOH 55  2056 55   HOH HOH X . 
D 4 HOH 56  2057 56   HOH HOH X . 
D 4 HOH 57  2058 57   HOH HOH X . 
D 4 HOH 58  2059 58   HOH HOH X . 
D 4 HOH 59  2060 59   HOH HOH X . 
D 4 HOH 60  2061 60   HOH HOH X . 
D 4 HOH 61  2062 61   HOH HOH X . 
D 4 HOH 62  2063 62   HOH HOH X . 
D 4 HOH 63  2064 63   HOH HOH X . 
D 4 HOH 64  2065 64   HOH HOH X . 
D 4 HOH 65  2066 65   HOH HOH X . 
D 4 HOH 66  2067 66   HOH HOH X . 
D 4 HOH 67  2068 67   HOH HOH X . 
D 4 HOH 68  2069 68   HOH HOH X . 
D 4 HOH 69  2070 69   HOH HOH X . 
D 4 HOH 70  2071 70   HOH HOH X . 
D 4 HOH 71  2072 71   HOH HOH X . 
D 4 HOH 72  2073 72   HOH HOH X . 
D 4 HOH 73  2074 73   HOH HOH X . 
D 4 HOH 74  2075 74   HOH HOH X . 
D 4 HOH 75  2076 75   HOH HOH X . 
D 4 HOH 76  2077 76   HOH HOH X . 
D 4 HOH 77  2078 77   HOH HOH X . 
D 4 HOH 78  2079 78   HOH HOH X . 
D 4 HOH 79  2080 79   HOH HOH X . 
D 4 HOH 80  2081 80   HOH HOH X . 
D 4 HOH 81  2082 81   HOH HOH X . 
D 4 HOH 82  2083 82   HOH HOH X . 
D 4 HOH 83  2084 83   HOH HOH X . 
D 4 HOH 84  2085 84   HOH HOH X . 
D 4 HOH 85  2086 85   HOH HOH X . 
D 4 HOH 86  2087 86   HOH HOH X . 
D 4 HOH 87  2088 87   HOH HOH X . 
D 4 HOH 88  2089 88   HOH HOH X . 
D 4 HOH 89  2090 89   HOH HOH X . 
D 4 HOH 90  2091 90   HOH HOH X . 
D 4 HOH 91  2092 91   HOH HOH X . 
D 4 HOH 92  2093 92   HOH HOH X . 
D 4 HOH 93  2094 93   HOH HOH X . 
D 4 HOH 94  2095 94   HOH HOH X . 
D 4 HOH 95  2096 95   HOH HOH X . 
D 4 HOH 96  2097 96   HOH HOH X . 
D 4 HOH 97  2098 97   HOH HOH X . 
D 4 HOH 98  2099 98   HOH HOH X . 
D 4 HOH 99  2100 99   HOH HOH X . 
D 4 HOH 100 2101 100  HOH HOH X . 
D 4 HOH 101 2102 101  HOH HOH X . 
D 4 HOH 102 2103 102  HOH HOH X . 
D 4 HOH 103 2104 103  HOH HOH X . 
D 4 HOH 104 2105 104  HOH HOH X . 
D 4 HOH 105 2106 105  HOH HOH X . 
D 4 HOH 106 2107 106  HOH HOH X . 
D 4 HOH 107 2108 107  HOH HOH X . 
D 4 HOH 108 2109 108  HOH HOH X . 
D 4 HOH 109 2110 109  HOH HOH X . 
D 4 HOH 110 2111 110  HOH HOH X . 
D 4 HOH 111 2112 111  HOH HOH X . 
D 4 HOH 112 2113 112  HOH HOH X . 
D 4 HOH 113 2114 113  HOH HOH X . 
D 4 HOH 114 2115 114  HOH HOH X . 
D 4 HOH 115 2116 115  HOH HOH X . 
D 4 HOH 116 2117 116  HOH HOH X . 
D 4 HOH 117 2118 117  HOH HOH X . 
D 4 HOH 118 2119 118  HOH HOH X . 
D 4 HOH 119 2120 119  HOH HOH X . 
D 4 HOH 120 2121 120  HOH HOH X . 
D 4 HOH 121 2122 121  HOH HOH X . 
D 4 HOH 122 2123 122  HOH HOH X . 
D 4 HOH 123 2124 123  HOH HOH X . 
D 4 HOH 124 2125 124  HOH HOH X . 
D 4 HOH 125 2126 125  HOH HOH X . 
D 4 HOH 126 2127 126  HOH HOH X . 
D 4 HOH 127 2128 127  HOH HOH X . 
D 4 HOH 128 2129 128  HOH HOH X . 
D 4 HOH 129 2130 129  HOH HOH X . 
D 4 HOH 130 2131 130  HOH HOH X . 
D 4 HOH 131 2132 131  HOH HOH X . 
D 4 HOH 132 2133 132  HOH HOH X . 
D 4 HOH 133 2134 133  HOH HOH X . 
D 4 HOH 134 2135 134  HOH HOH X . 
D 4 HOH 135 2136 135  HOH HOH X . 
D 4 HOH 136 2137 136  HOH HOH X . 
D 4 HOH 137 2138 137  HOH HOH X . 
D 4 HOH 138 2139 138  HOH HOH X . 
D 4 HOH 139 2140 139  HOH HOH X . 
D 4 HOH 140 2141 140  HOH HOH X . 
D 4 HOH 141 2142 141  HOH HOH X . 
D 4 HOH 142 2143 142  HOH HOH X . 
D 4 HOH 143 2144 143  HOH HOH X . 
D 4 HOH 144 2145 144  HOH HOH X . 
D 4 HOH 145 2146 145  HOH HOH X . 
D 4 HOH 146 2147 146  HOH HOH X . 
D 4 HOH 147 2148 147  HOH HOH X . 
D 4 HOH 148 2149 148  HOH HOH X . 
D 4 HOH 149 2150 149  HOH HOH X . 
D 4 HOH 150 2151 150  HOH HOH X . 
D 4 HOH 151 2152 151  HOH HOH X . 
D 4 HOH 152 2153 152  HOH HOH X . 
D 4 HOH 153 2154 153  HOH HOH X . 
D 4 HOH 154 2155 154  HOH HOH X . 
D 4 HOH 155 2156 155  HOH HOH X . 
D 4 HOH 156 2157 156  HOH HOH X . 
D 4 HOH 157 2158 157  HOH HOH X . 
D 4 HOH 158 2159 158  HOH HOH X . 
D 4 HOH 159 2160 159  HOH HOH X . 
D 4 HOH 160 2161 160  HOH HOH X . 
D 4 HOH 161 2162 161  HOH HOH X . 
D 4 HOH 162 2163 162  HOH HOH X . 
D 4 HOH 163 2164 163  HOH HOH X . 
D 4 HOH 164 2165 164  HOH HOH X . 
D 4 HOH 165 2166 165  HOH HOH X . 
D 4 HOH 166 2167 166  HOH HOH X . 
D 4 HOH 167 2168 167  HOH HOH X . 
D 4 HOH 168 2169 168  HOH HOH X . 
D 4 HOH 169 2170 169  HOH HOH X . 
D 4 HOH 170 2171 170  HOH HOH X . 
D 4 HOH 171 2172 171  HOH HOH X . 
D 4 HOH 172 2173 172  HOH HOH X . 
D 4 HOH 173 2174 173  HOH HOH X . 
D 4 HOH 174 2175 174  HOH HOH X . 
D 4 HOH 175 2176 175  HOH HOH X . 
D 4 HOH 176 2177 176  HOH HOH X . 
D 4 HOH 177 2178 177  HOH HOH X . 
D 4 HOH 178 2179 178  HOH HOH X . 
D 4 HOH 179 2180 179  HOH HOH X . 
D 4 HOH 180 2181 180  HOH HOH X . 
D 4 HOH 181 2182 181  HOH HOH X . 
D 4 HOH 182 2183 182  HOH HOH X . 
D 4 HOH 183 2184 183  HOH HOH X . 
D 4 HOH 184 2185 184  HOH HOH X . 
D 4 HOH 185 2186 185  HOH HOH X . 
D 4 HOH 186 2187 186  HOH HOH X . 
D 4 HOH 187 2188 187  HOH HOH X . 
D 4 HOH 188 2189 188  HOH HOH X . 
D 4 HOH 189 2190 189  HOH HOH X . 
D 4 HOH 190 2191 190  HOH HOH X . 
D 4 HOH 191 2192 191  HOH HOH X . 
D 4 HOH 192 2193 192  HOH HOH X . 
D 4 HOH 193 2194 193  HOH HOH X . 
D 4 HOH 194 2195 194  HOH HOH X . 
D 4 HOH 195 2196 195  HOH HOH X . 
D 4 HOH 196 2197 196  HOH HOH X . 
D 4 HOH 197 2198 197  HOH HOH X . 
D 4 HOH 198 2199 198  HOH HOH X . 
D 4 HOH 199 2200 199  HOH HOH X . 
D 4 HOH 200 2201 200  HOH HOH X . 
D 4 HOH 201 2202 201  HOH HOH X . 
D 4 HOH 202 2203 202  HOH HOH X . 
D 4 HOH 203 2204 203  HOH HOH X . 
D 4 HOH 204 2205 204  HOH HOH X . 
D 4 HOH 205 2206 205  HOH HOH X . 
D 4 HOH 206 2207 206  HOH HOH X . 
D 4 HOH 207 2208 207  HOH HOH X . 
D 4 HOH 208 2209 208  HOH HOH X . 
D 4 HOH 209 2210 209  HOH HOH X . 
D 4 HOH 210 2211 210  HOH HOH X . 
D 4 HOH 211 2212 211  HOH HOH X . 
D 4 HOH 212 2213 212  HOH HOH X . 
# 
_pdbx_struct_assembly.id                   1 
_pdbx_struct_assembly.details              author_and_software_defined_assembly 
_pdbx_struct_assembly.method_details       PISA 
_pdbx_struct_assembly.oligomeric_details   monomeric 
_pdbx_struct_assembly.oligomeric_count     1 
# 
_pdbx_struct_assembly_gen.assembly_id       1 
_pdbx_struct_assembly_gen.oper_expression   1 
_pdbx_struct_assembly_gen.asym_id_list      A,B,C,D 
# 
_pdbx_struct_oper_list.id                   1 
_pdbx_struct_oper_list.type                 'identity operation' 
_pdbx_struct_oper_list.name                 1_555 
_pdbx_struct_oper_list.symmetry_operation   x,y,z 
_pdbx_struct_oper_list.matrix[1][1]         1.0000000000 
_pdbx_struct_oper_list.matrix[1][2]         0.0000000000 
_pdbx_struct_oper_list.matrix[1][3]         0.0000000000 
_pdbx_struct_oper_list.vector[1]            0.0000000000 
_pdbx_struct_oper_list.matrix[2][1]         0.0000000000 
_pdbx_struct_oper_list.matrix[2][2]         1.0000000000 
_pdbx_struct_oper_list.matrix[2][3]         0.0000000000 
_pdbx_struct_oper_list.vector[2]            0.0000000000 
_pdbx_struct_oper_list.matrix[3][1]         0.0000000000 
_pdbx_struct_oper_list.matrix[3][2]         0.0000000000 
_pdbx_struct_oper_list.matrix[3][3]         1.0000000000 
_pdbx_struct_oper_list.vector[3]            0.0000000000 
# 
loop_
_pdbx_audit_revision_history.ordinal 
_pdbx_audit_revision_history.data_content_type 
_pdbx_audit_revision_history.major_revision 
_pdbx_audit_revision_history.minor_revision 
_pdbx_audit_revision_history.revision_date 
1 'Structure model' 1 0 2008-03-18 
2 'Structure model' 1 1 2011-07-13 
3 'Structure model' 1 2 2017-10-25 
4 'Structure model' 1 3 2021-10-20 
5 'Structure model' 1 4 2023-08-30 
# 
_pdbx_audit_revision_details.ordinal             1 
_pdbx_audit_revision_details.revision_ordinal    1 
_pdbx_audit_revision_details.data_content_type   'Structure model' 
_pdbx_audit_revision_details.provider            repository 
_pdbx_audit_revision_details.type                'Initial release' 
_pdbx_audit_revision_details.description         ? 
_pdbx_audit_revision_details.details             ? 
# 
loop_
_pdbx_audit_revision_group.ordinal 
_pdbx_audit_revision_group.revision_ordinal 
_pdbx_audit_revision_group.data_content_type 
_pdbx_audit_revision_group.group 
1 2 'Structure model' 'Version format compliance' 
2 3 'Structure model' Advisory                    
3 3 'Structure model' 'Refinement description'    
4 4 'Structure model' Advisory                    
5 4 'Structure model' 'Database references'       
6 4 'Structure model' 'Derived calculations'      
7 5 'Structure model' 'Data collection'           
8 5 'Structure model' 'Refinement description'    
# 
loop_
_pdbx_audit_revision_category.ordinal 
_pdbx_audit_revision_category.revision_ordinal 
_pdbx_audit_revision_category.data_content_type 
_pdbx_audit_revision_category.category 
1 3 'Structure model' pdbx_unobs_or_zero_occ_atoms  
2 3 'Structure model' software                      
3 4 'Structure model' database_2                    
4 4 'Structure model' pdbx_unobs_or_zero_occ_atoms  
5 4 'Structure model' struct_ref_seq_dif            
6 4 'Structure model' struct_site                   
7 5 'Structure model' chem_comp_atom                
8 5 'Structure model' chem_comp_bond                
9 5 'Structure model' pdbx_initial_refinement_model 
# 
loop_
_pdbx_audit_revision_item.ordinal 
_pdbx_audit_revision_item.revision_ordinal 
_pdbx_audit_revision_item.data_content_type 
_pdbx_audit_revision_item.item 
1 4 'Structure model' '_database_2.pdbx_DOI'                
2 4 'Structure model' '_database_2.pdbx_database_accession' 
3 4 'Structure model' '_struct_ref_seq_dif.details'         
4 4 'Structure model' '_struct_site.pdbx_auth_asym_id'      
5 4 'Structure model' '_struct_site.pdbx_auth_comp_id'      
6 4 'Structure model' '_struct_site.pdbx_auth_seq_id'       
# 
loop_
_software.name 
_software.version 
_software.date 
_software.type 
_software.contact_author 
_software.contact_author_email 
_software.classification 
_software.location 
_software.language 
_software.citation_id 
_software.pdbx_ordinal 
REFMAC      .     ?              program 'Murshudov, G.N.' ccp4@dl.ac.uk            refinement        
http://www.ccp4.ac.uk/main.html  Fortran_77 ? 1 
PDB_EXTRACT 3.000 'July 2, 2007' package PDB               sw-help@rcsb.rutgers.edu 'data extraction' 
http://pdb.rutgers.edu/software/ C++        ? 2 
HKL-3000    .     ?              ?       ?                 ?                        'data collection' ? ?          ? 3 
DENZO       .     ?              ?       ?                 ?                        'data reduction'  ? ?          ? 4 
SCALEPACK   .     ?              ?       ?                 ?                        'data scaling'    ? ?          ? 5 
HKL-3000    .     ?              ?       ?                 ?                        'data scaling'    ? ?          ? 6 
REFMAC      5.2   ?              ?       ?                 ?                        phasing           ? ?          ? 7 
# 
loop_
_pdbx_validate_symm_contact.id 
_pdbx_validate_symm_contact.PDB_model_num 
_pdbx_validate_symm_contact.auth_atom_id_1 
_pdbx_validate_symm_contact.auth_asym_id_1 
_pdbx_validate_symm_contact.auth_comp_id_1 
_pdbx_validate_symm_contact.auth_seq_id_1 
_pdbx_validate_symm_contact.PDB_ins_code_1 
_pdbx_validate_symm_contact.label_alt_id_1 
_pdbx_validate_symm_contact.site_symmetry_1 
_pdbx_validate_symm_contact.auth_atom_id_2 
_pdbx_validate_symm_contact.auth_asym_id_2 
_pdbx_validate_symm_contact.auth_comp_id_2 
_pdbx_validate_symm_contact.auth_seq_id_2 
_pdbx_validate_symm_contact.PDB_ins_code_2 
_pdbx_validate_symm_contact.label_alt_id_2 
_pdbx_validate_symm_contact.site_symmetry_2 
_pdbx_validate_symm_contact.dist 
1 1 O X HOH 2094 ? ? 1_555 O X HOH 2180 ? ? 5_555 2.12 
2 1 O X GLY 113  ? ? 1_555 O X HOH 2140 ? ? 2_654 2.17 
# 
_pdbx_validate_torsion.id              1 
_pdbx_validate_torsion.PDB_model_num   1 
_pdbx_validate_torsion.auth_comp_id    ILE 
_pdbx_validate_torsion.auth_asym_id    X 
_pdbx_validate_torsion.auth_seq_id     29 
_pdbx_validate_torsion.PDB_ins_code    ? 
_pdbx_validate_torsion.label_alt_id    ? 
_pdbx_validate_torsion.phi             -101.46 
_pdbx_validate_torsion.psi             73.53 
# 
loop_
_pdbx_unobs_or_zero_occ_atoms.id 
_pdbx_unobs_or_zero_occ_atoms.PDB_model_num 
_pdbx_unobs_or_zero_occ_atoms.polymer_flag 
_pdbx_unobs_or_zero_occ_atoms.occupancy_flag 
_pdbx_unobs_or_zero_occ_atoms.auth_asym_id 
_pdbx_unobs_or_zero_occ_atoms.auth_comp_id 
_pdbx_unobs_or_zero_occ_atoms.auth_seq_id 
_pdbx_unobs_or_zero_occ_atoms.PDB_ins_code 
_pdbx_unobs_or_zero_occ_atoms.auth_atom_id 
_pdbx_unobs_or_zero_occ_atoms.label_alt_id 
_pdbx_unobs_or_zero_occ_atoms.label_asym_id 
_pdbx_unobs_or_zero_occ_atoms.label_comp_id 
_pdbx_unobs_or_zero_occ_atoms.label_seq_id 
_pdbx_unobs_or_zero_occ_atoms.label_atom_id 
1  1 Y 1 X LYS 16  ? CD  ? A LYS 16  CD  
2  1 Y 1 X LYS 16  ? CE  ? A LYS 16  CE  
3  1 Y 1 X LYS 16  ? NZ  ? A LYS 16  NZ  
4  1 Y 0 X ARG 76  ? CG  ? A ARG 76  CG  
5  1 Y 0 X ARG 76  ? CD  ? A ARG 76  CD  
6  1 Y 0 X ARG 76  ? NE  ? A ARG 76  NE  
7  1 Y 0 X ARG 76  ? CZ  ? A ARG 76  CZ  
8  1 Y 0 X ARG 76  ? NH1 ? A ARG 76  NH1 
9  1 Y 0 X ARG 76  ? NH2 ? A ARG 76  NH2 
10 1 Y 1 X ARG 80  ? CZ  ? A ARG 80  CZ  
11 1 Y 1 X ARG 80  ? NH1 ? A ARG 80  NH1 
12 1 Y 1 X ARG 80  ? NH2 ? A ARG 80  NH2 
13 1 Y 1 X LYS 83  ? CE  ? A LYS 83  CE  
14 1 Y 1 X LYS 83  ? NZ  ? A LYS 83  NZ  
15 1 Y 1 X LYS 147 ? NZ  ? A LYS 147 NZ  
16 1 Y 0 X LYS 162 ? CB  ? A LYS 162 CB  
17 1 Y 0 X LYS 162 ? CG  ? A LYS 162 CG  
18 1 Y 0 X LYS 162 ? CD  ? A LYS 162 CD  
19 1 Y 0 X LYS 162 ? CE  ? A LYS 162 CE  
20 1 Y 0 X LYS 162 ? NZ  ? A LYS 162 NZ  
# 
loop_
_chem_comp_atom.comp_id 
_chem_comp_atom.atom_id 
_chem_comp_atom.type_symbol 
_chem_comp_atom.pdbx_aromatic_flag 
_chem_comp_atom.pdbx_stereo_config 
_chem_comp_atom.pdbx_ordinal 
258 CAE  C  Y N 1   
258 CAC  C  Y N 2   
258 CAB  C  Y N 3   
258 CAD  C  Y N 4   
258 CAF  C  Y N 5   
258 CAJ  C  Y N 6   
258 OAI  O  N N 7   
258 CAH  C  N N 8   
258 CAG  C  N N 9   
258 CLAA CL N N 10  
258 HAE  H  N N 11  
258 HAC  H  N N 12  
258 HAB  H  N N 13  
258 HAD  H  N N 14  
258 HAF  H  N N 15  
258 HAH1 H  N N 16  
258 HAH2 H  N N 17  
258 HAG1 H  N N 18  
258 HAG2 H  N N 19  
ALA N    N  N N 20  
ALA CA   C  N S 21  
ALA C    C  N N 22  
ALA O    O  N N 23  
ALA CB   C  N N 24  
ALA OXT  O  N N 25  
ALA H    H  N N 26  
ALA H2   H  N N 27  
ALA HA   H  N N 28  
ALA HB1  H  N N 29  
ALA HB2  H  N N 30  
ALA HB3  H  N N 31  
ALA HXT  H  N N 32  
ARG N    N  N N 33  
ARG CA   C  N S 34  
ARG C    C  N N 35  
ARG O    O  N N 36  
ARG CB   C  N N 37  
ARG CG   C  N N 38  
ARG CD   C  N N 39  
ARG NE   N  N N 40  
ARG CZ   C  N N 41  
ARG NH1  N  N N 42  
ARG NH2  N  N N 43  
ARG OXT  O  N N 44  
ARG H    H  N N 45  
ARG H2   H  N N 46  
ARG HA   H  N N 47  
ARG HB2  H  N N 48  
ARG HB3  H  N N 49  
ARG HG2  H  N N 50  
ARG HG3  H  N N 51  
ARG HD2  H  N N 52  
ARG HD3  H  N N 53  
ARG HE   H  N N 54  
ARG HH11 H  N N 55  
ARG HH12 H  N N 56  
ARG HH21 H  N N 57  
ARG HH22 H  N N 58  
ARG HXT  H  N N 59  
ASN N    N  N N 60  
ASN CA   C  N S 61  
ASN C    C  N N 62  
ASN O    O  N N 63  
ASN CB   C  N N 64  
ASN CG   C  N N 65  
ASN OD1  O  N N 66  
ASN ND2  N  N N 67  
ASN OXT  O  N N 68  
ASN H    H  N N 69  
ASN H2   H  N N 70  
ASN HA   H  N N 71  
ASN HB2  H  N N 72  
ASN HB3  H  N N 73  
ASN HD21 H  N N 74  
ASN HD22 H  N N 75  
ASN HXT  H  N N 76  
ASP N    N  N N 77  
ASP CA   C  N S 78  
ASP C    C  N N 79  
ASP O    O  N N 80  
ASP CB   C  N N 81  
ASP CG   C  N N 82  
ASP OD1  O  N N 83  
ASP OD2  O  N N 84  
ASP OXT  O  N N 85  
ASP H    H  N N 86  
ASP H2   H  N N 87  
ASP HA   H  N N 88  
ASP HB2  H  N N 89  
ASP HB3  H  N N 90  
ASP HD2  H  N N 91  
ASP HXT  H  N N 92  
CYS N    N  N N 93  
CYS CA   C  N R 94  
CYS C    C  N N 95  
CYS O    O  N N 96  
CYS CB   C  N N 97  
CYS SG   S  N N 98  
CYS OXT  O  N N 99  
CYS H    H  N N 100 
CYS H2   H  N N 101 
CYS HA   H  N N 102 
CYS HB2  H  N N 103 
CYS HB3  H  N N 104 
CYS HG   H  N N 105 
CYS HXT  H  N N 106 
GLN N    N  N N 107 
GLN CA   C  N S 108 
GLN C    C  N N 109 
GLN O    O  N N 110 
GLN CB   C  N N 111 
GLN CG   C  N N 112 
GLN CD   C  N N 113 
GLN OE1  O  N N 114 
GLN NE2  N  N N 115 
GLN OXT  O  N N 116 
GLN H    H  N N 117 
GLN H2   H  N N 118 
GLN HA   H  N N 119 
GLN HB2  H  N N 120 
GLN HB3  H  N N 121 
GLN HG2  H  N N 122 
GLN HG3  H  N N 123 
GLN HE21 H  N N 124 
GLN HE22 H  N N 125 
GLN HXT  H  N N 126 
GLU N    N  N N 127 
GLU CA   C  N S 128 
GLU C    C  N N 129 
GLU O    O  N N 130 
GLU CB   C  N N 131 
GLU CG   C  N N 132 
GLU CD   C  N N 133 
GLU OE1  O  N N 134 
GLU OE2  O  N N 135 
GLU OXT  O  N N 136 
GLU H    H  N N 137 
GLU H2   H  N N 138 
GLU HA   H  N N 139 
GLU HB2  H  N N 140 
GLU HB3  H  N N 141 
GLU HG2  H  N N 142 
GLU HG3  H  N N 143 
GLU HE2  H  N N 144 
GLU HXT  H  N N 145 
GLY N    N  N N 146 
GLY CA   C  N N 147 
GLY C    C  N N 148 
GLY O    O  N N 149 
GLY OXT  O  N N 150 
GLY H    H  N N 151 
GLY H2   H  N N 152 
GLY HA2  H  N N 153 
GLY HA3  H  N N 154 
GLY HXT  H  N N 155 
HIS N    N  N N 156 
HIS CA   C  N S 157 
HIS C    C  N N 158 
HIS O    O  N N 159 
HIS CB   C  N N 160 
HIS CG   C  Y N 161 
HIS ND1  N  Y N 162 
HIS CD2  C  Y N 163 
HIS CE1  C  Y N 164 
HIS NE2  N  Y N 165 
HIS OXT  O  N N 166 
HIS H    H  N N 167 
HIS H2   H  N N 168 
HIS HA   H  N N 169 
HIS HB2  H  N N 170 
HIS HB3  H  N N 171 
HIS HD1  H  N N 172 
HIS HD2  H  N N 173 
HIS HE1  H  N N 174 
HIS HE2  H  N N 175 
HIS HXT  H  N N 176 
HOH O    O  N N 177 
HOH H1   H  N N 178 
HOH H2   H  N N 179 
ILE N    N  N N 180 
ILE CA   C  N S 181 
ILE C    C  N N 182 
ILE O    O  N N 183 
ILE CB   C  N S 184 
ILE CG1  C  N N 185 
ILE CG2  C  N N 186 
ILE CD1  C  N N 187 
ILE OXT  O  N N 188 
ILE H    H  N N 189 
ILE H2   H  N N 190 
ILE HA   H  N N 191 
ILE HB   H  N N 192 
ILE HG12 H  N N 193 
ILE HG13 H  N N 194 
ILE HG21 H  N N 195 
ILE HG22 H  N N 196 
ILE HG23 H  N N 197 
ILE HD11 H  N N 198 
ILE HD12 H  N N 199 
ILE HD13 H  N N 200 
ILE HXT  H  N N 201 
LEU N    N  N N 202 
LEU CA   C  N S 203 
LEU C    C  N N 204 
LEU O    O  N N 205 
LEU CB   C  N N 206 
LEU CG   C  N N 207 
LEU CD1  C  N N 208 
LEU CD2  C  N N 209 
LEU OXT  O  N N 210 
LEU H    H  N N 211 
LEU H2   H  N N 212 
LEU HA   H  N N 213 
LEU HB2  H  N N 214 
LEU HB3  H  N N 215 
LEU HG   H  N N 216 
LEU HD11 H  N N 217 
LEU HD12 H  N N 218 
LEU HD13 H  N N 219 
LEU HD21 H  N N 220 
LEU HD22 H  N N 221 
LEU HD23 H  N N 222 
LEU HXT  H  N N 223 
LYS N    N  N N 224 
LYS CA   C  N S 225 
LYS C    C  N N 226 
LYS O    O  N N 227 
LYS CB   C  N N 228 
LYS CG   C  N N 229 
LYS CD   C  N N 230 
LYS CE   C  N N 231 
LYS NZ   N  N N 232 
LYS OXT  O  N N 233 
LYS H    H  N N 234 
LYS H2   H  N N 235 
LYS HA   H  N N 236 
LYS HB2  H  N N 237 
LYS HB3  H  N N 238 
LYS HG2  H  N N 239 
LYS HG3  H  N N 240 
LYS HD2  H  N N 241 
LYS HD3  H  N N 242 
LYS HE2  H  N N 243 
LYS HE3  H  N N 244 
LYS HZ1  H  N N 245 
LYS HZ2  H  N N 246 
LYS HZ3  H  N N 247 
LYS HXT  H  N N 248 
MET N    N  N N 249 
MET CA   C  N S 250 
MET C    C  N N 251 
MET O    O  N N 252 
MET CB   C  N N 253 
MET CG   C  N N 254 
MET SD   S  N N 255 
MET CE   C  N N 256 
MET OXT  O  N N 257 
MET H    H  N N 258 
MET H2   H  N N 259 
MET HA   H  N N 260 
MET HB2  H  N N 261 
MET HB3  H  N N 262 
MET HG2  H  N N 263 
MET HG3  H  N N 264 
MET HE1  H  N N 265 
MET HE2  H  N N 266 
MET HE3  H  N N 267 
MET HXT  H  N N 268 
PHE N    N  N N 269 
PHE CA   C  N S 270 
PHE C    C  N N 271 
PHE O    O  N N 272 
PHE CB   C  N N 273 
PHE CG   C  Y N 274 
PHE CD1  C  Y N 275 
PHE CD2  C  Y N 276 
PHE CE1  C  Y N 277 
PHE CE2  C  Y N 278 
PHE CZ   C  Y N 279 
PHE OXT  O  N N 280 
PHE H    H  N N 281 
PHE H2   H  N N 282 
PHE HA   H  N N 283 
PHE HB2  H  N N 284 
PHE HB3  H  N N 285 
PHE HD1  H  N N 286 
PHE HD2  H  N N 287 
PHE HE1  H  N N 288 
PHE HE2  H  N N 289 
PHE HZ   H  N N 290 
PHE HXT  H  N N 291 
PO4 P    P  N N 292 
PO4 O1   O  N N 293 
PO4 O2   O  N N 294 
PO4 O3   O  N N 295 
PO4 O4   O  N N 296 
PRO N    N  N N 297 
PRO CA   C  N S 298 
PRO C    C  N N 299 
PRO O    O  N N 300 
PRO CB   C  N N 301 
PRO CG   C  N N 302 
PRO CD   C  N N 303 
PRO OXT  O  N N 304 
PRO H    H  N N 305 
PRO HA   H  N N 306 
PRO HB2  H  N N 307 
PRO HB3  H  N N 308 
PRO HG2  H  N N 309 
PRO HG3  H  N N 310 
PRO HD2  H  N N 311 
PRO HD3  H  N N 312 
PRO HXT  H  N N 313 
SER N    N  N N 314 
SER CA   C  N S 315 
SER C    C  N N 316 
SER O    O  N N 317 
SER CB   C  N N 318 
SER OG   O  N N 319 
SER OXT  O  N N 320 
SER H    H  N N 321 
SER H2   H  N N 322 
SER HA   H  N N 323 
SER HB2  H  N N 324 
SER HB3  H  N N 325 
SER HG   H  N N 326 
SER HXT  H  N N 327 
THR N    N  N N 328 
THR CA   C  N S 329 
THR C    C  N N 330 
THR O    O  N N 331 
THR CB   C  N R 332 
THR OG1  O  N N 333 
THR CG2  C  N N 334 
THR OXT  O  N N 335 
THR H    H  N N 336 
THR H2   H  N N 337 
THR HA   H  N N 338 
THR HB   H  N N 339 
THR HG1  H  N N 340 
THR HG21 H  N N 341 
THR HG22 H  N N 342 
THR HG23 H  N N 343 
THR HXT  H  N N 344 
TRP N    N  N N 345 
TRP CA   C  N S 346 
TRP C    C  N N 347 
TRP O    O  N N 348 
TRP CB   C  N N 349 
TRP CG   C  Y N 350 
TRP CD1  C  Y N 351 
TRP CD2  C  Y N 352 
TRP NE1  N  Y N 353 
TRP CE2  C  Y N 354 
TRP CE3  C  Y N 355 
TRP CZ2  C  Y N 356 
TRP CZ3  C  Y N 357 
TRP CH2  C  Y N 358 
TRP OXT  O  N N 359 
TRP H    H  N N 360 
TRP H2   H  N N 361 
TRP HA   H  N N 362 
TRP HB2  H  N N 363 
TRP HB3  H  N N 364 
TRP HD1  H  N N 365 
TRP HE1  H  N N 366 
TRP HE3  H  N N 367 
TRP HZ2  H  N N 368 
TRP HZ3  H  N N 369 
TRP HH2  H  N N 370 
TRP HXT  H  N N 371 
TYR N    N  N N 372 
TYR CA   C  N S 373 
TYR C    C  N N 374 
TYR O    O  N N 375 
TYR CB   C  N N 376 
TYR CG   C  Y N 377 
TYR CD1  C  Y N 378 
TYR CD2  C  Y N 379 
TYR CE1  C  Y N 380 
TYR CE2  C  Y N 381 
TYR CZ   C  Y N 382 
TYR OH   O  N N 383 
TYR OXT  O  N N 384 
TYR H    H  N N 385 
TYR H2   H  N N 386 
TYR HA   H  N N 387 
TYR HB2  H  N N 388 
TYR HB3  H  N N 389 
TYR HD1  H  N N 390 
TYR HD2  H  N N 391 
TYR HE1  H  N N 392 
TYR HE2  H  N N 393 
TYR HH   H  N N 394 
TYR HXT  H  N N 395 
VAL N    N  N N 396 
VAL CA   C  N S 397 
VAL C    C  N N 398 
VAL O    O  N N 399 
VAL CB   C  N N 400 
VAL CG1  C  N N 401 
VAL CG2  C  N N 402 
VAL OXT  O  N N 403 
VAL H    H  N N 404 
VAL H2   H  N N 405 
VAL HA   H  N N 406 
VAL HB   H  N N 407 
VAL HG11 H  N N 408 
VAL HG12 H  N N 409 
VAL HG13 H  N N 410 
VAL HG21 H  N N 411 
VAL HG22 H  N N 412 
VAL HG23 H  N N 413 
VAL HXT  H  N N 414 
# 
loop_
_chem_comp_bond.comp_id 
_chem_comp_bond.atom_id_1 
_chem_comp_bond.atom_id_2 
_chem_comp_bond.value_order 
_chem_comp_bond.pdbx_aromatic_flag 
_chem_comp_bond.pdbx_stereo_config 
_chem_comp_bond.pdbx_ordinal 
258 CAE CAC  doub Y N 1   
258 CAE CAJ  sing Y N 2   
258 CAC CAB  sing Y N 3   
258 CAB CAD  doub Y N 4   
258 CAD CAF  sing Y N 5   
258 CAF CAJ  doub Y N 6   
258 CAJ OAI  sing N N 7   
258 OAI CAH  sing N N 8   
258 CAH CAG  sing N N 9   
258 CAG CLAA sing N N 10  
258 CAE HAE  sing N N 11  
258 CAC HAC  sing N N 12  
258 CAB HAB  sing N N 13  
258 CAD HAD  sing N N 14  
258 CAF HAF  sing N N 15  
258 CAH HAH1 sing N N 16  
258 CAH HAH2 sing N N 17  
258 CAG HAG1 sing N N 18  
258 CAG HAG2 sing N N 19  
ALA N   CA   sing N N 20  
ALA N   H    sing N N 21  
ALA N   H2   sing N N 22  
ALA CA  C    sing N N 23  
ALA CA  CB   sing N N 24  
ALA CA  HA   sing N N 25  
ALA C   O    doub N N 26  
ALA C   OXT  sing N N 27  
ALA CB  HB1  sing N N 28  
ALA CB  HB2  sing N N 29  
ALA CB  HB3  sing N N 30  
ALA OXT HXT  sing N N 31  
ARG N   CA   sing N N 32  
ARG N   H    sing N N 33  
ARG N   H2   sing N N 34  
ARG CA  C    sing N N 35  
ARG CA  CB   sing N N 36  
ARG CA  HA   sing N N 37  
ARG C   O    doub N N 38  
ARG C   OXT  sing N N 39  
ARG CB  CG   sing N N 40  
ARG CB  HB2  sing N N 41  
ARG CB  HB3  sing N N 42  
ARG CG  CD   sing N N 43  
ARG CG  HG2  sing N N 44  
ARG CG  HG3  sing N N 45  
ARG CD  NE   sing N N 46  
ARG CD  HD2  sing N N 47  
ARG CD  HD3  sing N N 48  
ARG NE  CZ   sing N N 49  
ARG NE  HE   sing N N 50  
ARG CZ  NH1  sing N N 51  
ARG CZ  NH2  doub N N 52  
ARG NH1 HH11 sing N N 53  
ARG NH1 HH12 sing N N 54  
ARG NH2 HH21 sing N N 55  
ARG NH2 HH22 sing N N 56  
ARG OXT HXT  sing N N 57  
ASN N   CA   sing N N 58  
ASN N   H    sing N N 59  
ASN N   H2   sing N N 60  
ASN CA  C    sing N N 61  
ASN CA  CB   sing N N 62  
ASN CA  HA   sing N N 63  
ASN C   O    doub N N 64  
ASN C   OXT  sing N N 65  
ASN CB  CG   sing N N 66  
ASN CB  HB2  sing N N 67  
ASN CB  HB3  sing N N 68  
ASN CG  OD1  doub N N 69  
ASN CG  ND2  sing N N 70  
ASN ND2 HD21 sing N N 71  
ASN ND2 HD22 sing N N 72  
ASN OXT HXT  sing N N 73  
ASP N   CA   sing N N 74  
ASP N   H    sing N N 75  
ASP N   H2   sing N N 76  
ASP CA  C    sing N N 77  
ASP CA  CB   sing N N 78  
ASP CA  HA   sing N N 79  
ASP C   O    doub N N 80  
ASP C   OXT  sing N N 81  
ASP CB  CG   sing N N 82  
ASP CB  HB2  sing N N 83  
ASP CB  HB3  sing N N 84  
ASP CG  OD1  doub N N 85  
ASP CG  OD2  sing N N 86  
ASP OD2 HD2  sing N N 87  
ASP OXT HXT  sing N N 88  
CYS N   CA   sing N N 89  
CYS N   H    sing N N 90  
CYS N   H2   sing N N 91  
CYS CA  C    sing N N 92  
CYS CA  CB   sing N N 93  
CYS CA  HA   sing N N 94  
CYS C   O    doub N N 95  
CYS C   OXT  sing N N 96  
CYS CB  SG   sing N N 97  
CYS CB  HB2  sing N N 98  
CYS CB  HB3  sing N N 99  
CYS SG  HG   sing N N 100 
CYS OXT HXT  sing N N 101 
GLN N   CA   sing N N 102 
GLN N   H    sing N N 103 
GLN N   H2   sing N N 104 
GLN CA  C    sing N N 105 
GLN CA  CB   sing N N 106 
GLN CA  HA   sing N N 107 
GLN C   O    doub N N 108 
GLN C   OXT  sing N N 109 
GLN CB  CG   sing N N 110 
GLN CB  HB2  sing N N 111 
GLN CB  HB3  sing N N 112 
GLN CG  CD   sing N N 113 
GLN CG  HG2  sing N N 114 
GLN CG  HG3  sing N N 115 
GLN CD  OE1  doub N N 116 
GLN CD  NE2  sing N N 117 
GLN NE2 HE21 sing N N 118 
GLN NE2 HE22 sing N N 119 
GLN OXT HXT  sing N N 120 
GLU N   CA   sing N N 121 
GLU N   H    sing N N 122 
GLU N   H2   sing N N 123 
GLU CA  C    sing N N 124 
GLU CA  CB   sing N N 125 
GLU CA  HA   sing N N 126 
GLU C   O    doub N N 127 
GLU C   OXT  sing N N 128 
GLU CB  CG   sing N N 129 
GLU CB  HB2  sing N N 130 
GLU CB  HB3  sing N N 131 
GLU CG  CD   sing N N 132 
GLU CG  HG2  sing N N 133 
GLU CG  HG3  sing N N 134 
GLU CD  OE1  doub N N 135 
GLU CD  OE2  sing N N 136 
GLU OE2 HE2  sing N N 137 
GLU OXT HXT  sing N N 138 
GLY N   CA   sing N N 139 
GLY N   H    sing N N 140 
GLY N   H2   sing N N 141 
GLY CA  C    sing N N 142 
GLY CA  HA2  sing N N 143 
GLY CA  HA3  sing N N 144 
GLY C   O    doub N N 145 
GLY C   OXT  sing N N 146 
GLY OXT HXT  sing N N 147 
HIS N   CA   sing N N 148 
HIS N   H    sing N N 149 
HIS N   H2   sing N N 150 
HIS CA  C    sing N N 151 
HIS CA  CB   sing N N 152 
HIS CA  HA   sing N N 153 
HIS C   O    doub N N 154 
HIS C   OXT  sing N N 155 
HIS CB  CG   sing N N 156 
HIS CB  HB2  sing N N 157 
HIS CB  HB3  sing N N 158 
HIS CG  ND1  sing Y N 159 
HIS CG  CD2  doub Y N 160 
HIS ND1 CE1  doub Y N 161 
HIS ND1 HD1  sing N N 162 
HIS CD2 NE2  sing Y N 163 
HIS CD2 HD2  sing N N 164 
HIS CE1 NE2  sing Y N 165 
HIS CE1 HE1  sing N N 166 
HIS NE2 HE2  sing N N 167 
HIS OXT HXT  sing N N 168 
HOH O   H1   sing N N 169 
HOH O   H2   sing N N 170 
ILE N   CA   sing N N 171 
ILE N   H    sing N N 172 
ILE N   H2   sing N N 173 
ILE CA  C    sing N N 174 
ILE CA  CB   sing N N 175 
ILE CA  HA   sing N N 176 
ILE C   O    doub N N 177 
ILE C   OXT  sing N N 178 
ILE CB  CG1  sing N N 179 
ILE CB  CG2  sing N N 180 
ILE CB  HB   sing N N 181 
ILE CG1 CD1  sing N N 182 
ILE CG1 HG12 sing N N 183 
ILE CG1 HG13 sing N N 184 
ILE CG2 HG21 sing N N 185 
ILE CG2 HG22 sing N N 186 
ILE CG2 HG23 sing N N 187 
ILE CD1 HD11 sing N N 188 
ILE CD1 HD12 sing N N 189 
ILE CD1 HD13 sing N N 190 
ILE OXT HXT  sing N N 191 
LEU N   CA   sing N N 192 
LEU N   H    sing N N 193 
LEU N   H2   sing N N 194 
LEU CA  C    sing N N 195 
LEU CA  CB   sing N N 196 
LEU CA  HA   sing N N 197 
LEU C   O    doub N N 198 
LEU C   OXT  sing N N 199 
LEU CB  CG   sing N N 200 
LEU CB  HB2  sing N N 201 
LEU CB  HB3  sing N N 202 
LEU CG  CD1  sing N N 203 
LEU CG  CD2  sing N N 204 
LEU CG  HG   sing N N 205 
LEU CD1 HD11 sing N N 206 
LEU CD1 HD12 sing N N 207 
LEU CD1 HD13 sing N N 208 
LEU CD2 HD21 sing N N 209 
LEU CD2 HD22 sing N N 210 
LEU CD2 HD23 sing N N 211 
LEU OXT HXT  sing N N 212 
LYS N   CA   sing N N 213 
LYS N   H    sing N N 214 
LYS N   H2   sing N N 215 
LYS CA  C    sing N N 216 
LYS CA  CB   sing N N 217 
LYS CA  HA   sing N N 218 
LYS C   O    doub N N 219 
LYS C   OXT  sing N N 220 
LYS CB  CG   sing N N 221 
LYS CB  HB2  sing N N 222 
LYS CB  HB3  sing N N 223 
LYS CG  CD   sing N N 224 
LYS CG  HG2  sing N N 225 
LYS CG  HG3  sing N N 226 
LYS CD  CE   sing N N 227 
LYS CD  HD2  sing N N 228 
LYS CD  HD3  sing N N 229 
LYS CE  NZ   sing N N 230 
LYS CE  HE2  sing N N 231 
LYS CE  HE3  sing N N 232 
LYS NZ  HZ1  sing N N 233 
LYS NZ  HZ2  sing N N 234 
LYS NZ  HZ3  sing N N 235 
LYS OXT HXT  sing N N 236 
MET N   CA   sing N N 237 
MET N   H    sing N N 238 
MET N   H2   sing N N 239 
MET CA  C    sing N N 240 
MET CA  CB   sing N N 241 
MET CA  HA   sing N N 242 
MET C   O    doub N N 243 
MET C   OXT  sing N N 244 
MET CB  CG   sing N N 245 
MET CB  HB2  sing N N 246 
MET CB  HB3  sing N N 247 
MET CG  SD   sing N N 248 
MET CG  HG2  sing N N 249 
MET CG  HG3  sing N N 250 
MET SD  CE   sing N N 251 
MET CE  HE1  sing N N 252 
MET CE  HE2  sing N N 253 
MET CE  HE3  sing N N 254 
MET OXT HXT  sing N N 255 
PHE N   CA   sing N N 256 
PHE N   H    sing N N 257 
PHE N   H2   sing N N 258 
PHE CA  C    sing N N 259 
PHE CA  CB   sing N N 260 
PHE CA  HA   sing N N 261 
PHE C   O    doub N N 262 
PHE C   OXT  sing N N 263 
PHE CB  CG   sing N N 264 
PHE CB  HB2  sing N N 265 
PHE CB  HB3  sing N N 266 
PHE CG  CD1  doub Y N 267 
PHE CG  CD2  sing Y N 268 
PHE CD1 CE1  sing Y N 269 
PHE CD1 HD1  sing N N 270 
PHE CD2 CE2  doub Y N 271 
PHE CD2 HD2  sing N N 272 
PHE CE1 CZ   doub Y N 273 
PHE CE1 HE1  sing N N 274 
PHE CE2 CZ   sing Y N 275 
PHE CE2 HE2  sing N N 276 
PHE CZ  HZ   sing N N 277 
PHE OXT HXT  sing N N 278 
PO4 P   O1   doub N N 279 
PO4 P   O2   sing N N 280 
PO4 P   O3   sing N N 281 
PO4 P   O4   sing N N 282 
PRO N   CA   sing N N 283 
PRO N   CD   sing N N 284 
PRO N   H    sing N N 285 
PRO CA  C    sing N N 286 
PRO CA  CB   sing N N 287 
PRO CA  HA   sing N N 288 
PRO C   O    doub N N 289 
PRO C   OXT  sing N N 290 
PRO CB  CG   sing N N 291 
PRO CB  HB2  sing N N 292 
PRO CB  HB3  sing N N 293 
PRO CG  CD   sing N N 294 
PRO CG  HG2  sing N N 295 
PRO CG  HG3  sing N N 296 
PRO CD  HD2  sing N N 297 
PRO CD  HD3  sing N N 298 
PRO OXT HXT  sing N N 299 
SER N   CA   sing N N 300 
SER N   H    sing N N 301 
SER N   H2   sing N N 302 
SER CA  C    sing N N 303 
SER CA  CB   sing N N 304 
SER CA  HA   sing N N 305 
SER C   O    doub N N 306 
SER C   OXT  sing N N 307 
SER CB  OG   sing N N 308 
SER CB  HB2  sing N N 309 
SER CB  HB3  sing N N 310 
SER OG  HG   sing N N 311 
SER OXT HXT  sing N N 312 
THR N   CA   sing N N 313 
THR N   H    sing N N 314 
THR N   H2   sing N N 315 
THR CA  C    sing N N 316 
THR CA  CB   sing N N 317 
THR CA  HA   sing N N 318 
THR C   O    doub N N 319 
THR C   OXT  sing N N 320 
THR CB  OG1  sing N N 321 
THR CB  CG2  sing N N 322 
THR CB  HB   sing N N 323 
THR OG1 HG1  sing N N 324 
THR CG2 HG21 sing N N 325 
THR CG2 HG22 sing N N 326 
THR CG2 HG23 sing N N 327 
THR OXT HXT  sing N N 328 
TRP N   CA   sing N N 329 
TRP N   H    sing N N 330 
TRP N   H2   sing N N 331 
TRP CA  C    sing N N 332 
TRP CA  CB   sing N N 333 
TRP CA  HA   sing N N 334 
TRP C   O    doub N N 335 
TRP C   OXT  sing N N 336 
TRP CB  CG   sing N N 337 
TRP CB  HB2  sing N N 338 
TRP CB  HB3  sing N N 339 
TRP CG  CD1  doub Y N 340 
TRP CG  CD2  sing Y N 341 
TRP CD1 NE1  sing Y N 342 
TRP CD1 HD1  sing N N 343 
TRP CD2 CE2  doub Y N 344 
TRP CD2 CE3  sing Y N 345 
TRP NE1 CE2  sing Y N 346 
TRP NE1 HE1  sing N N 347 
TRP CE2 CZ2  sing Y N 348 
TRP CE3 CZ3  doub Y N 349 
TRP CE3 HE3  sing N N 350 
TRP CZ2 CH2  doub Y N 351 
TRP CZ2 HZ2  sing N N 352 
TRP CZ3 CH2  sing Y N 353 
TRP CZ3 HZ3  sing N N 354 
TRP CH2 HH2  sing N N 355 
TRP OXT HXT  sing N N 356 
TYR N   CA   sing N N 357 
TYR N   H    sing N N 358 
TYR N   H2   sing N N 359 
TYR CA  C    sing N N 360 
TYR CA  CB   sing N N 361 
TYR CA  HA   sing N N 362 
TYR C   O    doub N N 363 
TYR C   OXT  sing N N 364 
TYR CB  CG   sing N N 365 
TYR CB  HB2  sing N N 366 
TYR CB  HB3  sing N N 367 
TYR CG  CD1  doub Y N 368 
TYR CG  CD2  sing Y N 369 
TYR CD1 CE1  sing Y N 370 
TYR CD1 HD1  sing N N 371 
TYR CD2 CE2  doub Y N 372 
TYR CD2 HD2  sing N N 373 
TYR CE1 CZ   doub Y N 374 
TYR CE1 HE1  sing N N 375 
TYR CE2 CZ   sing Y N 376 
TYR CE2 HE2  sing N N 377 
TYR CZ  OH   sing N N 378 
TYR OH  HH   sing N N 379 
TYR OXT HXT  sing N N 380 
VAL N   CA   sing N N 381 
VAL N   H    sing N N 382 
VAL N   H2   sing N N 383 
VAL CA  C    sing N N 384 
VAL CA  CB   sing N N 385 
VAL CA  HA   sing N N 386 
VAL C   O    doub N N 387 
VAL C   OXT  sing N N 388 
VAL CB  CG1  sing N N 389 
VAL CB  CG2  sing N N 390 
VAL CB  HB   sing N N 391 
VAL CG1 HG11 sing N N 392 
VAL CG1 HG12 sing N N 393 
VAL CG1 HG13 sing N N 394 
VAL CG2 HG21 sing N N 395 
VAL CG2 HG22 sing N N 396 
VAL CG2 HG23 sing N N 397 
VAL OXT HXT  sing N N 398 
# 
loop_
_pdbx_entity_nonpoly.entity_id 
_pdbx_entity_nonpoly.name 
_pdbx_entity_nonpoly.comp_id 
2 'PHOSPHATE ION'           PO4 
3 '(2-chloroethoxy)benzene' 258 
4 water                     HOH 
# 
_pdbx_initial_refinement_model.id               1 
_pdbx_initial_refinement_model.entity_id_list   ? 
_pdbx_initial_refinement_model.type             'experimental model' 
_pdbx_initial_refinement_model.source_name      PDB 
_pdbx_initial_refinement_model.accession_code   184L 
_pdbx_initial_refinement_model.details          ? 
# 
